data_5XSV
#
_entry.id   5XSV
#
_cell.length_a   126.925
_cell.length_b   104.730
_cell.length_c   156.463
_cell.angle_alpha   90.00
_cell.angle_beta   113.43
_cell.angle_gamma   90.00
#
_symmetry.space_group_name_H-M   'P 1 21 1'
#
loop_
_entity.id
_entity.type
_entity.pdbx_description
1 polymer Chitinase
2 non-polymer 'COBALT (II) ION'
3 non-polymer 'SULFATE ION'
#
_entity_poly.entity_id   1
_entity_poly.type   'polypeptide(L)'
_entity_poly.pdbx_seq_one_letter_code
;MAYRIVSETGDKITVELTLANKNTHYVWNGWCFDIKNITFETTGKVLSIKYADGGEPVYNVNGNLVTIDLTWRGIFHLNT
TVKIIIEIQKSGDNPYPHNFKIHYLRGESIIYPTIGELPASWKPGNFTLSDLIADPKSYYDPHVKPHQNGFIMYNPPHPT
QIIIGLADIDYPLNLASSARMWVPNKYFAMGLALAYEWFKVNPNFLMALAAKENWGTAVTKDPAFKGYKVIIDEEEYYWP
VQIDHPDGIFQVESGNFNQIKAYYPDIFPDTADHDDYMKVSLDPNDTAWITSPIVAAVSLTMERELLYAAVGDKYNEFLR
LAKDPWAETEIIDFGYNRGVGAIEALKIFSDNWEKAINAEVLWKEFNMEGFGGHVPTVINITATMDMETERIYDANLTWD
DIEYFFTVVRQKFFRPGAISDEEWNAMMRDVKRAYDLLSQHWGGDHISYRYDFLTILRVAMKHWPEPHIPRPTGDDWYYH
ARNYNP
;
_entity_poly.pdbx_strand_id   A,B,C,D
#
loop_
_chem_comp.id
_chem_comp.type
_chem_comp.name
_chem_comp.formula
CO non-polymer 'COBALT (II) ION' 'Co 2'
SO4 non-polymer 'SULFATE ION' 'O4 S -2'
#
# COMPACT_ATOMS: atom_id res chain seq x y z
N MET A 1 -1.00 -13.14 58.20
CA MET A 1 -0.50 -14.34 57.53
C MET A 1 -0.52 -15.53 58.47
N ALA A 2 0.03 -16.66 58.04
CA ALA A 2 -0.02 -17.89 58.82
C ALA A 2 1.32 -18.18 59.50
N TYR A 3 1.42 -17.80 60.77
CA TYR A 3 2.63 -18.05 61.54
C TYR A 3 2.36 -19.02 62.69
N ARG A 4 3.43 -19.63 63.21
CA ARG A 4 3.28 -20.66 64.23
C ARG A 4 4.56 -20.84 65.04
N ILE A 5 4.44 -20.85 66.35
CA ILE A 5 5.59 -21.09 67.22
C ILE A 5 6.06 -22.53 67.08
N VAL A 6 7.20 -22.72 66.42
CA VAL A 6 7.74 -24.06 66.22
C VAL A 6 8.22 -24.62 67.54
N SER A 7 8.93 -23.80 68.31
CA SER A 7 9.50 -24.24 69.57
C SER A 7 9.99 -23.07 70.41
N GLU A 8 9.78 -23.18 71.72
CA GLU A 8 10.38 -22.24 72.67
C GLU A 8 11.27 -22.98 73.65
N THR A 9 12.59 -22.85 73.46
CA THR A 9 13.56 -23.52 74.31
C THR A 9 14.53 -22.52 74.92
N GLY A 10 14.67 -22.56 76.24
CA GLY A 10 15.53 -21.64 76.94
C GLY A 10 14.97 -20.22 76.89
N ASP A 11 15.59 -19.37 76.08
CA ASP A 11 15.14 -18.00 75.95
C ASP A 11 14.91 -17.62 74.49
N LYS A 12 15.14 -18.57 73.58
CA LYS A 12 14.97 -18.32 72.16
C LYS A 12 13.65 -18.90 71.64
N ILE A 13 12.93 -18.09 70.86
CA ILE A 13 11.66 -18.49 70.30
C ILE A 13 11.77 -18.66 68.79
N THR A 14 11.38 -19.83 68.29
CA THR A 14 11.49 -20.11 66.86
C THR A 14 10.11 -20.13 66.19
N VAL A 15 9.89 -19.18 65.29
CA VAL A 15 8.59 -19.02 64.63
C VAL A 15 8.67 -19.29 63.14
N GLU A 16 7.68 -20.01 62.62
CA GLU A 16 7.61 -20.30 61.19
C GLU A 16 6.50 -19.50 60.51
N LEU A 17 6.89 -18.55 59.66
CA LEU A 17 5.92 -17.76 58.92
C LEU A 17 5.74 -18.30 57.52
N THR A 18 4.54 -18.80 57.24
CA THR A 18 4.24 -19.37 55.93
C THR A 18 3.59 -18.34 55.02
N LEU A 19 4.38 -17.79 54.10
CA LEU A 19 3.88 -16.83 53.12
C LEU A 19 3.62 -17.52 51.79
N ALA A 20 2.37 -17.49 51.33
CA ALA A 20 2.02 -18.26 50.14
C ALA A 20 0.84 -17.71 49.35
N ASN A 21 0.78 -18.09 48.08
CA ASN A 21 -0.39 -17.90 47.23
C ASN A 21 -1.17 -19.21 47.20
N LYS A 22 -2.40 -19.17 47.71
CA LYS A 22 -3.18 -20.39 47.88
C LYS A 22 -3.83 -20.86 46.58
N ASN A 23 -4.16 -19.90 45.70
CA ASN A 23 -4.93 -20.20 44.50
C ASN A 23 -4.17 -21.04 43.48
N THR A 24 -4.86 -22.03 42.91
CA THR A 24 -4.28 -22.88 41.88
C THR A 24 -4.82 -22.49 40.51
N HIS A 25 -6.13 -22.33 40.40
CA HIS A 25 -6.73 -21.79 39.20
C HIS A 25 -6.90 -20.29 39.35
N TYR A 26 -6.95 -19.57 38.23
CA TYR A 26 -7.04 -18.11 38.27
C TYR A 26 -8.27 -17.61 39.03
N VAL A 27 -8.07 -16.60 39.87
CA VAL A 27 -9.16 -15.91 40.53
C VAL A 27 -9.00 -14.40 40.39
N TRP A 28 -10.03 -13.65 40.75
CA TRP A 28 -9.99 -12.20 40.64
C TRP A 28 -9.00 -11.59 41.62
N ASN A 29 -8.07 -10.80 41.11
CA ASN A 29 -7.07 -10.10 41.90
C ASN A 29 -6.27 -11.06 42.79
N GLY A 30 -6.01 -12.25 42.28
CA GLY A 30 -5.27 -13.25 43.02
C GLY A 30 -4.40 -14.09 42.12
N TRP A 31 -4.14 -13.59 40.92
CA TRP A 31 -3.31 -14.32 39.96
C TRP A 31 -1.83 -14.22 40.32
N CYS A 32 -1.46 -13.09 40.90
CA CYS A 32 -0.07 -12.88 41.33
C CYS A 32 0.00 -11.81 42.43
N PHE A 33 0.77 -12.10 43.47
CA PHE A 33 0.90 -11.17 44.59
C PHE A 33 2.32 -10.59 44.68
N ASP A 34 2.38 -9.27 44.80
CA ASP A 34 3.66 -8.57 44.95
C ASP A 34 3.76 -7.95 46.35
N ILE A 35 4.76 -8.39 47.11
CA ILE A 35 4.93 -7.93 48.48
C ILE A 35 6.14 -7.02 48.64
N LYS A 36 5.90 -5.78 49.04
CA LYS A 36 6.99 -4.84 49.29
C LYS A 36 7.72 -5.20 50.58
N ASN A 37 6.95 -5.44 51.64
CA ASN A 37 7.52 -5.82 52.93
C ASN A 37 6.51 -6.46 53.87
N ILE A 38 7.02 -7.13 54.90
CA ILE A 38 6.18 -7.74 55.93
C ILE A 38 6.59 -7.24 57.31
N THR A 39 5.70 -6.49 57.96
CA THR A 39 6.03 -5.91 59.26
C THR A 39 5.37 -6.68 60.40
N PHE A 40 6.12 -6.87 61.49
CA PHE A 40 5.58 -7.49 62.69
C PHE A 40 6.21 -6.87 63.93
N GLU A 41 5.52 -6.99 65.07
CA GLU A 41 5.98 -6.37 66.31
C GLU A 41 6.53 -7.39 67.30
N THR A 42 7.51 -6.97 68.08
CA THR A 42 8.08 -7.77 69.15
C THR A 42 8.92 -6.89 70.07
N THR A 43 9.07 -7.29 71.33
CA THR A 43 9.88 -6.54 72.27
C THR A 43 11.18 -7.29 72.57
N GLY A 44 11.28 -8.51 72.06
CA GLY A 44 12.46 -9.33 72.25
C GLY A 44 13.59 -8.93 71.32
N LYS A 45 14.65 -9.74 71.31
CA LYS A 45 15.81 -9.47 70.48
C LYS A 45 15.87 -10.44 69.30
N VAL A 46 15.67 -9.91 68.09
CA VAL A 46 15.70 -10.72 66.88
C VAL A 46 17.10 -11.28 66.63
N LEU A 47 17.21 -12.61 66.66
CA LEU A 47 18.48 -13.27 66.46
C LEU A 47 18.81 -13.43 64.98
N SER A 48 17.91 -14.06 64.23
CA SER A 48 18.10 -14.24 62.80
C SER A 48 16.78 -14.52 62.08
N ILE A 49 16.66 -13.99 60.86
CA ILE A 49 15.49 -14.23 60.03
C ILE A 49 15.92 -14.83 58.69
N LYS A 50 15.64 -16.12 58.51
CA LYS A 50 16.11 -16.83 57.32
C LYS A 50 14.99 -17.56 56.60
N TYR A 51 15.21 -17.88 55.33
CA TYR A 51 14.28 -18.71 54.57
C TYR A 51 14.45 -20.16 54.99
N ALA A 52 13.39 -20.95 54.84
CA ALA A 52 13.43 -22.35 55.23
C ALA A 52 14.18 -23.19 54.21
N ASP A 53 14.19 -22.72 52.96
CA ASP A 53 14.84 -23.44 51.87
C ASP A 53 16.21 -22.86 51.54
N GLY A 54 16.82 -22.20 52.51
CA GLY A 54 18.14 -21.62 52.34
C GLY A 54 18.11 -20.15 51.97
N GLY A 55 19.07 -19.41 52.50
CA GLY A 55 19.15 -17.97 52.25
C GLY A 55 18.36 -17.20 53.27
N GLU A 56 18.58 -15.89 53.33
CA GLU A 56 17.85 -15.04 54.26
C GLU A 56 17.42 -13.72 53.61
N PRO A 57 16.24 -13.23 53.97
CA PRO A 57 15.75 -11.94 53.47
C PRO A 57 16.36 -10.78 54.23
N VAL A 58 16.26 -9.58 53.68
CA VAL A 58 16.81 -8.38 54.32
C VAL A 58 15.80 -7.77 55.28
N TYR A 59 16.23 -7.54 56.51
CA TYR A 59 15.35 -6.96 57.52
C TYR A 59 16.05 -5.89 58.36
N ASN A 60 15.26 -5.13 59.11
CA ASN A 60 15.79 -4.11 60.00
C ASN A 60 14.79 -3.80 61.11
N VAL A 61 15.31 -3.54 62.30
CA VAL A 61 14.47 -3.35 63.48
C VAL A 61 14.44 -1.91 63.96
N ASN A 62 13.25 -1.34 64.04
CA ASN A 62 13.07 0.01 64.57
C ASN A 62 12.16 -0.01 65.80
N GLY A 63 12.75 -0.24 66.96
CA GLY A 63 12.00 -0.32 68.19
C GLY A 63 11.22 -1.61 68.32
N ASN A 64 9.90 -1.49 68.44
CA ASN A 64 9.04 -2.67 68.53
C ASN A 64 8.73 -3.26 67.16
N LEU A 65 8.87 -2.45 66.13
CA LEU A 65 8.50 -2.85 64.78
C LEU A 65 9.67 -3.42 64.00
N VAL A 66 9.46 -4.58 63.37
CA VAL A 66 10.47 -5.19 62.53
C VAL A 66 9.97 -5.29 61.09
N THR A 67 10.78 -4.84 60.14
CA THR A 67 10.38 -4.86 58.73
C THR A 67 11.17 -5.88 57.93
N ILE A 68 10.47 -6.86 57.36
CA ILE A 68 11.11 -7.88 56.55
C ILE A 68 10.92 -7.57 55.07
N ASP A 69 12.02 -7.61 54.31
CA ASP A 69 11.99 -7.37 52.88
C ASP A 69 12.37 -8.62 52.09
N LEU A 70 11.61 -8.94 51.05
CA LEU A 70 11.83 -10.15 50.28
C LEU A 70 12.73 -9.92 49.06
N THR A 71 12.87 -8.65 48.67
CA THR A 71 13.65 -8.25 47.49
C THR A 71 13.21 -9.00 46.22
N TRP A 72 14.13 -9.75 45.63
CA TRP A 72 13.86 -10.46 44.39
C TRP A 72 12.96 -11.68 44.60
N ARG A 73 12.74 -12.03 45.86
CA ARG A 73 11.95 -13.20 46.20
C ARG A 73 10.47 -12.84 46.35
N GLY A 74 10.17 -11.54 46.30
CA GLY A 74 8.83 -11.04 46.60
C GLY A 74 7.74 -11.32 45.59
N ILE A 75 8.04 -12.11 44.57
CA ILE A 75 7.05 -12.45 43.55
C ILE A 75 6.36 -13.77 43.86
N PHE A 76 5.04 -13.72 44.00
CA PHE A 76 4.26 -14.91 44.31
C PHE A 76 3.24 -15.22 43.22
N HIS A 77 3.60 -16.12 42.30
CA HIS A 77 2.67 -16.58 41.28
C HIS A 77 1.69 -17.58 41.87
N LEU A 78 0.95 -18.27 41.00
CA LEU A 78 -0.01 -19.26 41.44
C LEU A 78 0.67 -20.46 42.07
N ASN A 79 0.11 -20.93 43.18
CA ASN A 79 0.58 -22.12 43.88
C ASN A 79 2.05 -21.99 44.33
N THR A 80 2.39 -20.82 44.86
CA THR A 80 3.74 -20.56 45.35
C THR A 80 3.75 -20.41 46.87
N THR A 81 4.75 -20.99 47.52
CA THR A 81 4.84 -20.95 48.98
C THR A 81 6.26 -20.69 49.47
N VAL A 82 6.41 -19.70 50.34
CA VAL A 82 7.71 -19.37 50.93
C VAL A 82 7.62 -19.34 52.45
N LYS A 83 8.44 -20.18 53.10
CA LYS A 83 8.45 -20.25 54.57
C LYS A 83 9.63 -19.49 55.16
N ILE A 84 9.34 -18.61 56.10
CA ILE A 84 10.38 -17.82 56.76
C ILE A 84 10.47 -18.16 58.24
N ILE A 85 11.68 -18.41 58.72
CA ILE A 85 11.91 -18.76 60.11
C ILE A 85 12.50 -17.60 60.91
N ILE A 86 11.86 -17.26 62.02
CA ILE A 86 12.31 -16.15 62.85
C ILE A 86 12.75 -16.62 64.24
N GLU A 87 13.95 -16.20 64.65
CA GLU A 87 14.46 -16.50 65.98
C GLU A 87 14.54 -15.22 66.83
N ILE A 88 13.92 -15.24 68.00
CA ILE A 88 13.90 -14.08 68.87
C ILE A 88 14.27 -14.45 70.30
N GLN A 89 15.13 -13.66 70.92
CA GLN A 89 15.47 -13.85 72.32
C GLN A 89 14.45 -13.15 73.22
N LYS A 90 13.90 -13.90 74.17
CA LYS A 90 12.78 -13.44 74.98
C LYS A 90 13.12 -12.24 75.85
N SER A 91 12.35 -11.16 75.68
CA SER A 91 12.56 -9.93 76.46
C SER A 91 11.34 -9.01 76.39
N GLY A 92 11.03 -8.36 77.50
CA GLY A 92 9.96 -7.39 77.54
C GLY A 92 8.61 -7.96 77.91
N ASP A 93 7.59 -7.10 77.85
CA ASP A 93 6.23 -7.49 78.23
C ASP A 93 5.53 -8.30 77.14
N ASN A 94 5.93 -8.08 75.89
CA ASN A 94 5.32 -8.79 74.77
C ASN A 94 6.37 -9.26 73.78
N PRO A 95 6.97 -10.43 74.03
CA PRO A 95 8.11 -10.95 73.28
C PRO A 95 7.73 -11.70 72.01
N TYR A 96 6.55 -12.29 71.97
CA TYR A 96 6.15 -13.11 70.83
C TYR A 96 5.74 -12.27 69.62
N PRO A 97 6.17 -12.71 68.43
CA PRO A 97 5.83 -12.05 67.16
C PRO A 97 4.32 -11.91 67.00
N HIS A 98 3.86 -10.71 66.68
CA HIS A 98 2.44 -10.45 66.58
C HIS A 98 2.14 -9.29 65.65
N ASN A 99 0.87 -9.13 65.30
CA ASN A 99 0.41 -8.04 64.45
C ASN A 99 1.10 -8.02 63.09
N PHE A 100 1.19 -9.20 62.47
CA PHE A 100 1.77 -9.31 61.14
C PHE A 100 0.95 -8.56 60.10
N LYS A 101 1.61 -7.70 59.33
CA LYS A 101 0.93 -6.92 58.30
C LYS A 101 1.68 -6.99 56.98
N ILE A 102 1.09 -7.65 56.00
CA ILE A 102 1.68 -7.76 54.67
C ILE A 102 1.36 -6.53 53.84
N HIS A 103 2.39 -5.77 53.47
CA HIS A 103 2.20 -4.59 52.64
C HIS A 103 2.41 -4.91 51.15
N TYR A 104 1.30 -5.04 50.44
CA TYR A 104 1.35 -5.28 49.00
C TYR A 104 2.00 -4.10 48.28
N LEU A 105 2.63 -4.38 47.14
CA LEU A 105 3.26 -3.33 46.35
C LEU A 105 2.21 -2.53 45.60
N ARG A 106 1.47 -1.71 46.34
CA ARG A 106 0.39 -0.91 45.80
C ARG A 106 0.08 0.21 46.79
N GLY A 107 -0.49 1.30 46.29
CA GLY A 107 -0.89 2.40 47.14
C GLY A 107 -1.78 1.98 48.29
N GLU A 108 -1.25 2.08 49.51
CA GLU A 108 -1.97 1.62 50.69
C GLU A 108 -3.14 2.54 51.00
N SER A 109 -3.01 3.81 50.63
CA SER A 109 -4.06 4.80 50.88
C SER A 109 -4.55 5.44 49.59
N ILE A 110 -4.61 4.63 48.53
CA ILE A 110 -5.03 5.12 47.22
C ILE A 110 -6.50 5.56 47.25
N ILE A 111 -6.80 6.67 46.58
CA ILE A 111 -8.12 7.27 46.66
C ILE A 111 -8.92 7.15 45.38
N TYR A 112 -10.02 6.41 45.44
CA TYR A 112 -10.96 6.30 44.33
C TYR A 112 -12.34 6.76 44.78
N PRO A 113 -12.64 8.05 44.59
CA PRO A 113 -13.89 8.66 45.09
C PRO A 113 -15.14 8.06 44.47
N THR A 114 -16.11 7.72 45.31
CA THR A 114 -17.38 7.16 44.83
C THR A 114 -18.27 8.24 44.25
N ILE A 115 -18.69 8.04 43.01
CA ILE A 115 -19.52 9.01 42.31
C ILE A 115 -20.97 8.97 42.81
N GLY A 116 -21.52 7.77 42.90
CA GLY A 116 -22.88 7.57 43.38
C GLY A 116 -23.20 6.10 43.51
N GLU A 117 -24.28 5.78 44.22
CA GLU A 117 -24.65 4.40 44.46
C GLU A 117 -26.12 4.14 44.15
N LEU A 118 -26.45 2.87 43.93
CA LEU A 118 -27.84 2.45 43.84
C LEU A 118 -28.46 2.44 45.24
N PRO A 119 -29.79 2.60 45.31
CA PRO A 119 -30.49 2.52 46.60
C PRO A 119 -30.21 1.19 47.31
N ALA A 120 -30.09 1.23 48.63
CA ALA A 120 -29.81 0.03 49.42
C ALA A 120 -30.95 -0.98 49.30
N SER A 121 -32.11 -0.50 48.88
CA SER A 121 -33.28 -1.35 48.68
C SER A 121 -33.13 -2.25 47.45
N TRP A 122 -32.10 -2.01 46.66
CA TRP A 122 -31.91 -2.79 45.43
C TRP A 122 -31.52 -4.22 45.74
N LYS A 123 -32.18 -5.16 45.07
CA LYS A 123 -31.93 -6.58 45.25
C LYS A 123 -31.68 -7.24 43.90
N PRO A 124 -30.89 -8.33 43.87
CA PRO A 124 -30.71 -9.07 42.63
C PRO A 124 -32.00 -9.79 42.21
N GLY A 125 -32.23 -9.92 40.91
CA GLY A 125 -33.42 -10.58 40.42
C GLY A 125 -34.55 -9.61 40.13
N ASN A 126 -35.60 -9.67 40.94
CA ASN A 126 -36.76 -8.80 40.75
C ASN A 126 -36.77 -7.60 41.68
N PHE A 127 -36.49 -6.44 41.12
CA PHE A 127 -36.52 -5.18 41.88
C PHE A 127 -37.56 -4.24 41.29
N THR A 128 -37.81 -3.14 41.98
CA THR A 128 -38.81 -2.17 41.53
C THR A 128 -38.14 -0.95 40.91
N LEU A 129 -38.95 0.01 40.47
CA LEU A 129 -38.42 1.23 39.86
C LEU A 129 -37.84 2.16 40.91
N SER A 130 -38.38 2.10 42.12
CA SER A 130 -37.89 2.92 43.22
C SER A 130 -36.58 2.37 43.77
N ASP A 131 -36.23 1.15 43.35
CA ASP A 131 -34.97 0.53 43.74
C ASP A 131 -33.85 0.96 42.81
N LEU A 132 -34.22 1.67 41.74
CA LEU A 132 -33.25 2.17 40.77
C LEU A 132 -33.02 3.67 40.93
N ILE A 133 -34.07 4.38 41.30
CA ILE A 133 -34.00 5.83 41.45
C ILE A 133 -34.23 6.26 42.89
N ALA A 134 -33.24 6.91 43.48
CA ALA A 134 -33.34 7.40 44.86
C ALA A 134 -34.26 8.62 44.92
N ASP A 135 -34.12 9.51 43.94
CA ASP A 135 -34.93 10.72 43.87
C ASP A 135 -35.10 11.17 42.43
N PRO A 136 -36.30 10.94 41.86
CA PRO A 136 -36.63 11.29 40.48
C PRO A 136 -36.47 12.77 40.16
N LYS A 137 -36.55 13.63 41.18
CA LYS A 137 -36.40 15.06 40.98
C LYS A 137 -34.99 15.44 40.53
N SER A 138 -34.00 15.05 41.32
CA SER A 138 -32.61 15.31 40.98
C SER A 138 -32.16 14.45 39.81
N TYR A 139 -32.77 13.27 39.69
CA TYR A 139 -32.39 12.31 38.66
C TYR A 139 -32.72 12.81 37.25
N TYR A 140 -33.72 13.69 37.15
CA TYR A 140 -34.10 14.25 35.85
C TYR A 140 -33.87 15.76 35.79
N ASP A 141 -33.21 16.30 36.81
CA ASP A 141 -32.92 17.73 36.87
C ASP A 141 -31.95 18.12 35.76
N PRO A 142 -32.44 18.93 34.82
CA PRO A 142 -31.62 19.42 33.70
C PRO A 142 -30.48 20.33 34.13
N HIS A 143 -30.75 21.20 35.11
CA HIS A 143 -29.86 22.31 35.44
C HIS A 143 -28.42 21.81 35.58
N VAL A 144 -27.51 22.44 34.83
CA VAL A 144 -26.12 22.01 34.83
C VAL A 144 -25.29 22.77 35.86
N LYS A 145 -24.68 22.02 36.78
CA LYS A 145 -23.79 22.60 37.77
C LYS A 145 -22.34 22.50 37.31
N PRO A 146 -21.61 23.63 37.32
CA PRO A 146 -20.21 23.66 36.90
C PRO A 146 -19.28 22.98 37.91
N HIS A 147 -18.15 22.48 37.44
CA HIS A 147 -17.19 21.79 38.30
C HIS A 147 -15.77 22.02 37.79
N GLN A 148 -14.79 21.72 38.63
CA GLN A 148 -13.39 21.97 38.28
C GLN A 148 -12.52 20.73 38.45
N ASN A 149 -13.02 19.60 37.97
CA ASN A 149 -12.32 18.33 38.12
C ASN A 149 -11.37 18.04 36.97
N GLY A 150 -10.18 17.54 37.30
CA GLY A 150 -9.18 17.22 36.30
C GLY A 150 -9.25 15.78 35.84
N PHE A 151 -8.26 14.99 36.25
CA PHE A 151 -8.19 13.58 35.86
C PHE A 151 -9.20 12.74 36.64
N ILE A 152 -9.24 12.93 37.96
CA ILE A 152 -10.12 12.15 38.82
C ILE A 152 -11.30 12.98 39.32
N MET A 153 -12.50 12.43 39.18
CA MET A 153 -13.71 13.09 39.66
C MET A 153 -13.86 12.96 41.18
N TYR A 154 -13.19 13.83 41.92
CA TYR A 154 -13.30 13.83 43.36
C TYR A 154 -14.66 14.36 43.79
N ASN A 155 -15.09 15.44 43.14
CA ASN A 155 -16.37 16.05 43.45
C ASN A 155 -17.29 16.06 42.22
N PRO A 156 -18.06 14.98 42.03
CA PRO A 156 -18.95 14.83 40.87
C PRO A 156 -19.98 15.95 40.78
N PRO A 157 -20.31 16.37 39.56
CA PRO A 157 -21.35 17.40 39.35
C PRO A 157 -22.74 16.84 39.67
N HIS A 158 -22.94 15.57 39.34
CA HIS A 158 -24.21 14.90 39.62
C HIS A 158 -24.00 13.40 39.70
N PRO A 159 -24.57 12.75 40.73
CA PRO A 159 -24.32 11.34 41.02
C PRO A 159 -24.89 10.35 40.00
N THR A 160 -25.92 10.74 39.26
CA THR A 160 -26.57 9.81 38.34
C THR A 160 -26.58 10.30 36.89
N GLN A 161 -25.96 11.45 36.64
CA GLN A 161 -25.95 12.02 35.31
C GLN A 161 -24.54 12.10 34.70
N ILE A 162 -24.48 12.19 33.37
CA ILE A 162 -23.21 12.28 32.66
C ILE A 162 -23.09 13.64 31.97
N ILE A 163 -22.34 14.54 32.59
CA ILE A 163 -22.21 15.90 32.08
C ILE A 163 -20.99 16.04 31.17
N ILE A 164 -21.19 15.79 29.89
CA ILE A 164 -20.14 16.00 28.88
C ILE A 164 -20.35 17.33 28.18
N GLY A 165 -19.70 18.36 28.69
CA GLY A 165 -19.87 19.70 28.15
C GLY A 165 -19.25 19.89 26.78
N LEU A 166 -20.09 19.82 25.75
CA LEU A 166 -19.62 20.03 24.38
C LEU A 166 -19.44 21.52 24.11
N ALA A 167 -18.46 22.13 24.78
CA ALA A 167 -18.26 23.57 24.71
C ALA A 167 -17.45 23.99 23.50
N ASP A 168 -17.61 25.26 23.10
CA ASP A 168 -16.81 25.84 22.03
C ASP A 168 -15.48 26.32 22.60
N ILE A 169 -14.40 26.09 21.85
CA ILE A 169 -13.07 26.51 22.29
C ILE A 169 -12.64 27.80 21.59
N ASP A 170 -12.33 28.82 22.38
CA ASP A 170 -11.98 30.13 21.85
C ASP A 170 -10.47 30.36 21.84
N TYR A 171 -9.70 29.28 21.96
CA TYR A 171 -8.25 29.37 21.98
C TYR A 171 -7.63 28.20 21.20
N PRO A 172 -6.40 28.36 20.70
CA PRO A 172 -5.78 27.37 19.82
C PRO A 172 -5.68 25.95 20.37
N LEU A 173 -6.29 25.02 19.64
CA LEU A 173 -6.09 23.59 19.86
C LEU A 173 -5.45 23.02 18.59
N ASN A 174 -4.22 22.54 18.72
CA ASN A 174 -3.43 22.10 17.58
C ASN A 174 -3.35 23.17 16.50
N LEU A 175 -3.03 24.40 16.93
CA LEU A 175 -2.82 25.54 16.03
C LEU A 175 -4.08 25.95 15.27
N ALA A 176 -5.24 25.73 15.88
CA ALA A 176 -6.50 26.12 15.25
C ALA A 176 -6.98 27.47 15.78
N SER A 177 -7.81 28.14 14.99
CA SER A 177 -8.37 29.43 15.42
C SER A 177 -9.40 29.20 16.53
N SER A 178 -10.21 28.18 16.35
CA SER A 178 -11.22 27.80 17.34
C SER A 178 -11.57 26.33 17.18
N ALA A 179 -12.27 25.77 18.16
CA ALA A 179 -12.64 24.35 18.11
C ALA A 179 -13.99 24.10 18.76
N ARG A 180 -14.60 22.97 18.41
CA ARG A 180 -15.90 22.61 18.95
C ARG A 180 -15.91 21.12 19.32
N MET A 181 -16.14 20.83 20.59
CA MET A 181 -16.12 19.45 21.07
C MET A 181 -17.39 18.71 20.67
N TRP A 182 -17.21 17.53 20.08
CA TRP A 182 -18.34 16.68 19.69
C TRP A 182 -17.95 15.22 19.78
N VAL A 183 -18.96 14.36 19.94
CA VAL A 183 -18.72 12.93 20.07
C VAL A 183 -19.00 12.21 18.74
N PRO A 184 -18.00 11.47 18.24
CA PRO A 184 -18.10 10.71 17.00
C PRO A 184 -19.33 9.81 16.96
N ASN A 185 -19.40 8.85 17.86
CA ASN A 185 -20.59 8.02 17.99
C ASN A 185 -20.95 7.81 19.46
N LYS A 186 -22.06 7.14 19.70
CA LYS A 186 -22.55 6.97 21.06
C LYS A 186 -21.83 5.84 21.80
N TYR A 187 -21.34 4.84 21.05
CA TYR A 187 -20.64 3.70 21.66
C TYR A 187 -19.38 4.16 22.37
N PHE A 188 -18.71 5.14 21.79
CA PHE A 188 -17.52 5.74 22.38
C PHE A 188 -17.88 6.46 23.67
N ALA A 189 -19.08 7.02 23.72
CA ALA A 189 -19.58 7.66 24.93
C ALA A 189 -19.88 6.61 26.00
N MET A 190 -20.35 5.45 25.55
CA MET A 190 -20.55 4.31 26.44
C MET A 190 -19.23 3.89 27.05
N GLY A 191 -18.19 3.89 26.22
CA GLY A 191 -16.85 3.58 26.69
C GLY A 191 -16.36 4.59 27.71
N LEU A 192 -16.54 5.87 27.39
CA LEU A 192 -16.15 6.94 28.31
C LEU A 192 -16.84 6.82 29.64
N ALA A 193 -18.13 6.47 29.60
CA ALA A 193 -18.92 6.34 30.81
C ALA A 193 -18.50 5.11 31.61
N LEU A 194 -18.14 4.04 30.92
CA LEU A 194 -17.66 2.83 31.59
C LEU A 194 -16.35 3.13 32.30
N ALA A 195 -15.45 3.84 31.63
CA ALA A 195 -14.19 4.25 32.25
C ALA A 195 -14.45 5.20 33.41
N TYR A 196 -15.53 5.97 33.30
CA TYR A 196 -15.90 6.95 34.31
C TYR A 196 -16.41 6.31 35.60
N GLU A 197 -17.28 5.31 35.46
CA GLU A 197 -17.86 4.66 36.63
C GLU A 197 -16.89 3.63 37.21
N TRP A 198 -16.13 2.97 36.34
CA TRP A 198 -15.20 1.93 36.76
C TRP A 198 -13.94 2.51 37.37
N PHE A 199 -13.31 3.45 36.67
CA PHE A 199 -12.00 3.95 37.09
C PHE A 199 -12.04 5.38 37.59
N LYS A 200 -13.24 5.90 37.80
CA LYS A 200 -13.44 7.23 38.38
C LYS A 200 -12.69 8.32 37.60
N VAL A 201 -12.66 8.17 36.27
CA VAL A 201 -11.95 9.11 35.42
C VAL A 201 -12.91 10.06 34.70
N ASN A 202 -12.67 11.36 34.87
CA ASN A 202 -13.46 12.40 34.21
C ASN A 202 -13.49 12.19 32.70
N PRO A 203 -14.69 11.98 32.14
CA PRO A 203 -14.83 11.78 30.69
C PRO A 203 -14.37 13.00 29.89
N ASN A 204 -14.54 14.19 30.45
CA ASN A 204 -14.10 15.42 29.81
C ASN A 204 -12.59 15.43 29.60
N PHE A 205 -11.87 14.82 30.52
CA PHE A 205 -10.42 14.71 30.43
C PHE A 205 -10.01 13.81 29.29
N LEU A 206 -10.72 12.69 29.12
CA LEU A 206 -10.45 11.77 28.03
C LEU A 206 -10.81 12.43 26.70
N MET A 207 -11.84 13.26 26.72
CA MET A 207 -12.22 14.04 25.55
C MET A 207 -11.10 14.98 25.13
N ALA A 208 -10.60 15.74 26.10
CA ALA A 208 -9.50 16.68 25.86
C ALA A 208 -8.27 15.96 25.35
N LEU A 209 -7.97 14.82 25.98
CA LEU A 209 -6.80 14.02 25.64
C LEU A 209 -6.88 13.52 24.20
N ALA A 210 -8.00 12.90 23.85
CA ALA A 210 -8.19 12.39 22.50
C ALA A 210 -8.14 13.52 21.47
N ALA A 211 -8.77 14.64 21.82
CA ALA A 211 -8.82 15.80 20.93
C ALA A 211 -7.43 16.35 20.64
N LYS A 212 -6.59 16.43 21.67
CA LYS A 212 -5.23 16.94 21.51
C LYS A 212 -4.34 15.94 20.78
N GLU A 213 -4.50 14.66 21.09
CA GLU A 213 -3.62 13.62 20.54
C GLU A 213 -3.92 13.29 19.08
N ASN A 214 -5.19 13.35 18.67
CA ASN A 214 -5.54 12.92 17.32
C ASN A 214 -6.82 13.54 16.77
N TRP A 215 -7.22 14.69 17.30
CA TRP A 215 -8.47 15.36 16.88
C TRP A 215 -9.66 14.41 16.94
N GLY A 216 -9.62 13.46 17.88
CA GLY A 216 -10.62 12.41 17.94
C GLY A 216 -11.99 12.86 18.40
N THR A 217 -12.03 13.88 19.24
CA THR A 217 -13.29 14.33 19.83
C THR A 217 -13.55 15.82 19.60
N ALA A 218 -12.89 16.39 18.60
CA ALA A 218 -13.04 17.82 18.34
C ALA A 218 -13.01 18.16 16.84
N VAL A 219 -13.80 19.14 16.46
CA VAL A 219 -13.79 19.67 15.09
C VAL A 219 -13.51 21.16 15.14
N THR A 220 -13.27 21.75 13.97
CA THR A 220 -12.95 23.17 13.90
C THR A 220 -13.48 23.81 12.62
N LYS A 221 -13.72 25.13 12.67
CA LYS A 221 -14.17 25.87 11.51
C LYS A 221 -13.00 26.46 10.74
N ASP A 222 -11.79 26.23 11.24
CA ASP A 222 -10.57 26.72 10.60
C ASP A 222 -10.40 26.07 9.23
N PRO A 223 -10.25 26.90 8.18
CA PRO A 223 -10.16 26.44 6.79
C PRO A 223 -8.90 25.64 6.48
N ALA A 224 -7.82 25.92 7.20
CA ALA A 224 -6.56 25.23 6.99
C ALA A 224 -6.67 23.74 7.31
N PHE A 225 -7.41 23.43 8.37
CA PHE A 225 -7.57 22.06 8.82
C PHE A 225 -8.61 21.34 7.99
N LYS A 226 -8.15 20.71 6.92
CA LYS A 226 -9.04 20.07 5.95
C LYS A 226 -9.20 18.59 6.26
N GLY A 227 -10.45 18.12 6.26
CA GLY A 227 -10.74 16.73 6.55
C GLY A 227 -12.18 16.36 6.31
N TYR A 228 -12.66 15.36 7.05
CA TYR A 228 -14.03 14.88 6.91
C TYR A 228 -15.03 15.97 7.31
N LYS A 229 -16.03 16.18 6.45
CA LYS A 229 -17.02 17.22 6.69
C LYS A 229 -18.09 16.73 7.67
N VAL A 230 -18.18 17.38 8.82
CA VAL A 230 -19.15 17.00 9.85
C VAL A 230 -20.21 18.09 10.03
N ILE A 231 -21.48 17.71 9.91
CA ILE A 231 -22.58 18.67 10.01
C ILE A 231 -23.22 18.65 11.39
N ILE A 232 -23.20 19.78 12.07
CA ILE A 232 -23.85 19.93 13.36
C ILE A 232 -24.73 21.18 13.39
N ASP A 233 -26.04 20.97 13.43
CA ASP A 233 -27.03 22.06 13.47
C ASP A 233 -26.90 22.99 12.26
N GLU A 234 -27.03 22.41 11.06
CA GLU A 234 -26.92 23.15 9.81
C GLU A 234 -25.62 23.95 9.70
N GLU A 235 -24.55 23.42 10.28
CA GLU A 235 -23.25 24.07 10.25
C GLU A 235 -22.17 23.10 9.82
N GLU A 236 -21.45 23.44 8.75
CA GLU A 236 -20.38 22.59 8.24
C GLU A 236 -19.13 22.70 9.12
N TYR A 237 -18.60 21.55 9.52
CA TYR A 237 -17.37 21.51 10.30
C TYR A 237 -16.38 20.55 9.66
N TYR A 238 -15.10 20.73 9.97
CA TYR A 238 -14.05 19.86 9.43
C TYR A 238 -13.44 19.01 10.54
N TRP A 239 -13.37 17.71 10.30
CA TRP A 239 -12.84 16.76 11.27
C TRP A 239 -11.51 16.18 10.79
N PRO A 240 -10.39 16.77 11.22
CA PRO A 240 -9.06 16.36 10.77
C PRO A 240 -8.49 15.18 11.53
N VAL A 241 -9.32 14.17 11.79
CA VAL A 241 -8.85 12.97 12.48
C VAL A 241 -8.20 12.01 11.50
N GLN A 242 -7.13 11.35 11.94
CA GLN A 242 -6.51 10.30 11.13
C GLN A 242 -7.06 8.96 11.54
N ILE A 243 -8.22 8.61 10.97
CA ILE A 243 -8.97 7.43 11.38
C ILE A 243 -8.25 6.11 11.06
N ASP A 244 -7.18 6.20 10.27
CA ASP A 244 -6.48 5.01 9.82
C ASP A 244 -5.29 4.67 10.72
N HIS A 245 -5.08 5.48 11.76
CA HIS A 245 -3.94 5.31 12.65
C HIS A 245 -4.13 4.11 13.57
N PRO A 246 -3.20 3.14 13.51
CA PRO A 246 -3.26 1.94 14.34
C PRO A 246 -3.10 2.21 15.83
N ASP A 247 -2.60 3.40 16.18
CA ASP A 247 -2.43 3.76 17.58
C ASP A 247 -3.71 4.32 18.19
N GLY A 248 -4.79 4.30 17.42
CA GLY A 248 -6.08 4.77 17.90
C GLY A 248 -6.15 6.29 18.01
N ILE A 249 -7.26 6.79 18.54
CA ILE A 249 -7.44 8.24 18.68
C ILE A 249 -6.75 8.77 19.93
N PHE A 250 -6.25 7.87 20.77
CA PHE A 250 -5.54 8.27 21.97
C PHE A 250 -4.03 8.16 21.78
N GLN A 251 -3.64 7.70 20.59
CA GLN A 251 -2.23 7.54 20.24
C GLN A 251 -1.47 6.68 21.25
N VAL A 252 -1.94 5.46 21.47
CA VAL A 252 -1.31 4.53 22.38
C VAL A 252 -0.35 3.61 21.65
N GLU A 253 0.95 3.78 21.89
CA GLU A 253 1.96 2.95 21.25
C GLU A 253 1.85 1.51 21.73
N SER A 254 2.27 0.58 20.89
CA SER A 254 2.13 -0.85 21.18
C SER A 254 2.96 -1.29 22.39
N GLY A 255 4.08 -0.63 22.63
CA GLY A 255 4.92 -0.94 23.76
C GLY A 255 4.20 -0.68 25.07
N ASN A 256 3.65 0.53 25.18
CA ASN A 256 2.85 0.91 26.34
C ASN A 256 1.68 -0.03 26.53
N PHE A 257 1.02 -0.38 25.42
CA PHE A 257 -0.12 -1.29 25.44
C PHE A 257 0.25 -2.64 26.03
N ASN A 258 1.34 -3.23 25.53
CA ASN A 258 1.79 -4.53 26.03
C ASN A 258 2.27 -4.46 27.47
N GLN A 259 2.87 -3.33 27.85
CA GLN A 259 3.36 -3.15 29.21
C GLN A 259 2.21 -3.12 30.21
N ILE A 260 1.20 -2.30 29.93
CA ILE A 260 0.03 -2.23 30.82
C ILE A 260 -0.83 -3.47 30.66
N LYS A 261 -0.61 -4.21 29.58
CA LYS A 261 -1.25 -5.50 29.38
C LYS A 261 -0.67 -6.51 30.37
N ALA A 262 0.64 -6.43 30.56
CA ALA A 262 1.31 -7.30 31.51
C ALA A 262 1.08 -6.85 32.95
N TYR A 263 0.88 -5.55 33.14
CA TYR A 263 0.63 -5.01 34.48
C TYR A 263 -0.71 -5.46 35.04
N TYR A 264 -1.72 -5.50 34.17
CA TYR A 264 -3.07 -5.86 34.61
C TYR A 264 -3.55 -7.16 33.98
N PRO A 265 -3.32 -8.29 34.65
CA PRO A 265 -3.79 -9.58 34.15
C PRO A 265 -5.29 -9.74 34.34
N ASP A 266 -5.85 -9.03 35.32
CA ASP A 266 -7.26 -9.13 35.64
C ASP A 266 -8.14 -8.41 34.62
N ILE A 267 -7.54 -7.49 33.87
CA ILE A 267 -8.30 -6.68 32.92
C ILE A 267 -8.09 -7.14 31.47
N PHE A 268 -6.84 -7.43 31.12
CA PHE A 268 -6.53 -7.80 29.75
C PHE A 268 -6.25 -9.29 29.59
N PRO A 269 -7.05 -9.98 28.76
CA PRO A 269 -6.81 -11.38 28.42
C PRO A 269 -5.56 -11.55 27.56
N ASP A 270 -5.05 -12.77 27.44
CA ASP A 270 -3.78 -13.01 26.76
C ASP A 270 -3.86 -12.80 25.25
N THR A 271 -5.04 -12.98 24.68
CA THR A 271 -5.22 -12.90 23.24
C THR A 271 -5.38 -11.46 22.75
N ALA A 272 -5.25 -10.50 23.65
CA ALA A 272 -5.44 -9.09 23.31
C ALA A 272 -4.39 -8.60 22.31
N ASP A 273 -4.83 -7.78 21.37
CA ASP A 273 -3.94 -7.24 20.34
C ASP A 273 -4.05 -5.72 20.30
N HIS A 274 -2.92 -5.06 20.05
CA HIS A 274 -2.87 -3.59 20.04
C HIS A 274 -3.80 -2.99 18.99
N ASP A 275 -3.62 -3.39 17.74
CA ASP A 275 -4.38 -2.83 16.63
C ASP A 275 -5.87 -3.14 16.76
N ASP A 276 -6.20 -4.31 17.30
CA ASP A 276 -7.58 -4.72 17.45
C ASP A 276 -8.32 -3.87 18.48
N TYR A 277 -7.63 -3.53 19.57
CA TYR A 277 -8.24 -2.80 20.66
C TYR A 277 -8.22 -1.29 20.44
N MET A 278 -7.20 -0.80 19.75
CA MET A 278 -7.00 0.65 19.62
C MET A 278 -7.48 1.24 18.30
N LYS A 279 -7.04 0.64 17.19
CA LYS A 279 -7.34 1.19 15.87
C LYS A 279 -8.82 1.11 15.54
N VAL A 280 -9.45 2.27 15.41
CA VAL A 280 -10.85 2.36 15.06
C VAL A 280 -11.03 2.55 13.56
N SER A 281 -12.28 2.61 13.12
CA SER A 281 -12.59 2.87 11.72
C SER A 281 -13.74 3.87 11.63
N LEU A 282 -14.10 4.25 10.40
CA LEU A 282 -15.21 5.16 10.20
C LEU A 282 -16.54 4.51 10.60
N ASP A 283 -16.58 3.18 10.48
CA ASP A 283 -17.74 2.41 10.91
C ASP A 283 -17.83 2.38 12.43
N PRO A 284 -18.94 2.89 13.00
CA PRO A 284 -19.13 2.93 14.45
C PRO A 284 -19.27 1.55 15.08
N ASN A 285 -19.51 0.53 14.26
CA ASN A 285 -19.68 -0.83 14.75
C ASN A 285 -18.37 -1.49 15.18
N ASP A 286 -17.25 -0.82 14.91
CA ASP A 286 -15.93 -1.34 15.28
C ASP A 286 -15.83 -1.44 16.80
N THR A 287 -15.35 -2.60 17.27
CA THR A 287 -15.25 -2.87 18.70
C THR A 287 -14.32 -1.87 19.39
N ALA A 288 -13.29 -1.46 18.68
CA ALA A 288 -12.26 -0.57 19.22
C ALA A 288 -12.87 0.70 19.80
N TRP A 289 -13.92 1.22 19.17
CA TRP A 289 -14.60 2.43 19.61
C TRP A 289 -15.04 2.38 21.07
N ILE A 290 -15.23 1.16 21.58
CA ILE A 290 -15.61 0.98 22.97
C ILE A 290 -14.37 0.68 23.82
N THR A 291 -13.43 -0.08 23.25
CA THR A 291 -12.26 -0.52 24.00
C THR A 291 -11.20 0.58 24.10
N SER A 292 -11.17 1.46 23.12
CA SER A 292 -10.14 2.51 23.06
C SER A 292 -10.13 3.47 24.26
N PRO A 293 -11.30 4.00 24.69
CA PRO A 293 -11.21 4.91 25.83
C PRO A 293 -10.74 4.23 27.13
N ILE A 294 -11.44 3.16 27.52
CA ILE A 294 -11.14 2.43 28.75
C ILE A 294 -9.66 2.13 28.89
N VAL A 295 -9.10 1.46 27.88
CA VAL A 295 -7.66 1.15 27.85
C VAL A 295 -6.83 2.39 28.19
N ALA A 296 -7.10 3.48 27.47
CA ALA A 296 -6.38 4.73 27.71
C ALA A 296 -6.47 5.10 29.18
N ALA A 297 -7.70 5.12 29.69
CA ALA A 297 -7.93 5.44 31.09
C ALA A 297 -7.08 4.53 31.97
N VAL A 298 -7.12 3.23 31.69
CA VAL A 298 -6.33 2.27 32.43
C VAL A 298 -4.88 2.71 32.48
N SER A 299 -4.33 3.01 31.31
CA SER A 299 -2.95 3.48 31.22
C SER A 299 -2.75 4.66 32.15
N LEU A 300 -3.60 5.67 32.02
CA LEU A 300 -3.53 6.84 32.88
C LEU A 300 -3.58 6.39 34.34
N THR A 301 -4.57 5.57 34.66
CA THR A 301 -4.75 5.07 36.02
C THR A 301 -3.47 4.42 36.50
N MET A 302 -2.86 3.62 35.63
CA MET A 302 -1.63 2.91 35.96
C MET A 302 -0.60 3.88 36.51
N GLU A 303 -0.38 4.98 35.78
CA GLU A 303 0.59 5.99 36.18
C GLU A 303 0.32 6.41 37.62
N ARG A 304 -0.93 6.77 37.88
CA ARG A 304 -1.33 7.20 39.21
C ARG A 304 -0.99 6.11 40.23
N GLU A 305 -1.41 4.88 39.91
CA GLU A 305 -1.13 3.73 40.77
C GLU A 305 0.35 3.68 41.09
N LEU A 306 1.17 3.85 40.05
CA LEU A 306 2.62 3.79 40.19
C LEU A 306 3.09 4.77 41.26
N LEU A 307 2.61 6.01 41.18
CA LEU A 307 3.01 7.03 42.14
C LEU A 307 2.59 6.60 43.55
N TYR A 308 1.39 6.05 43.65
CA TYR A 308 0.88 5.62 44.95
C TYR A 308 1.74 4.50 45.54
N ALA A 309 2.43 3.78 44.67
CA ALA A 309 3.30 2.69 45.12
C ALA A 309 4.65 3.22 45.56
N ALA A 310 5.04 4.37 45.00
CA ALA A 310 6.39 4.88 45.22
C ALA A 310 6.44 5.94 46.32
N VAL A 311 5.34 6.66 46.49
CA VAL A 311 5.32 7.76 47.44
C VAL A 311 4.39 7.48 48.63
N GLY A 312 3.35 6.68 48.37
CA GLY A 312 2.42 6.31 49.41
C GLY A 312 1.61 7.47 49.95
N ASP A 313 1.44 7.50 51.27
CA ASP A 313 0.63 8.52 51.94
C ASP A 313 1.01 9.93 51.51
N LYS A 314 2.32 10.16 51.35
CA LYS A 314 2.86 11.46 50.97
C LYS A 314 2.16 12.02 49.73
N TYR A 315 1.84 11.14 48.78
CA TYR A 315 1.06 11.51 47.60
C TYR A 315 -0.16 12.33 48.02
N ASN A 316 -1.03 11.70 48.82
CA ASN A 316 -2.22 12.38 49.32
C ASN A 316 -1.88 13.68 50.04
N GLU A 317 -0.77 13.66 50.78
CA GLU A 317 -0.34 14.84 51.50
C GLU A 317 -0.12 15.98 50.52
N PHE A 318 0.56 15.67 49.42
CA PHE A 318 0.81 16.66 48.37
C PHE A 318 -0.50 17.27 47.89
N LEU A 319 -1.53 16.43 47.79
CA LEU A 319 -2.83 16.87 47.28
C LEU A 319 -3.43 17.97 48.15
N ARG A 320 -3.06 18.02 49.42
CA ARG A 320 -3.62 19.03 50.31
C ARG A 320 -2.64 20.17 50.54
N LEU A 321 -1.43 20.04 49.98
CA LEU A 321 -0.41 21.06 50.19
C LEU A 321 -0.07 21.79 48.90
N ALA A 322 -0.47 21.21 47.77
CA ALA A 322 -0.21 21.82 46.48
C ALA A 322 -1.10 23.03 46.26
N LYS A 323 -0.49 24.17 45.90
CA LYS A 323 -1.25 25.39 45.65
C LYS A 323 -1.99 25.31 44.33
N ASP A 324 -1.38 24.64 43.35
CA ASP A 324 -2.00 24.46 42.04
C ASP A 324 -3.14 23.43 42.14
N PRO A 325 -4.37 23.86 41.83
CA PRO A 325 -5.55 22.99 41.91
C PRO A 325 -5.66 22.01 40.76
N TRP A 326 -4.70 22.04 39.84
CA TRP A 326 -4.72 21.15 38.68
C TRP A 326 -3.47 20.29 38.61
N ALA A 327 -2.67 20.31 39.68
CA ALA A 327 -1.36 19.65 39.71
C ALA A 327 -1.39 18.19 39.27
N GLU A 328 -2.33 17.42 39.83
CA GLU A 328 -2.42 16.00 39.53
C GLU A 328 -2.68 15.75 38.05
N THR A 329 -3.59 16.53 37.48
CA THR A 329 -3.91 16.44 36.06
C THR A 329 -2.68 16.73 35.21
N GLU A 330 -1.92 17.74 35.61
CA GLU A 330 -0.69 18.12 34.92
C GLU A 330 0.31 16.98 34.93
N ILE A 331 0.59 16.45 36.12
CA ILE A 331 1.54 15.37 36.28
C ILE A 331 1.14 14.13 35.46
N ILE A 332 -0.13 13.74 35.58
CA ILE A 332 -0.62 12.56 34.88
C ILE A 332 -0.57 12.72 33.36
N ASP A 333 -1.05 13.85 32.85
CA ASP A 333 -1.04 14.11 31.42
C ASP A 333 0.39 14.14 30.87
N PHE A 334 1.24 14.92 31.54
CA PHE A 334 2.65 15.03 31.17
C PHE A 334 3.31 13.66 31.14
N GLY A 335 2.99 12.84 32.13
CA GLY A 335 3.50 11.49 32.19
C GLY A 335 2.96 10.61 31.09
N TYR A 336 1.77 10.94 30.61
CA TYR A 336 1.17 10.16 29.53
C TYR A 336 1.82 10.48 28.19
N ASN A 337 2.12 11.77 27.99
CA ASN A 337 2.77 12.20 26.76
C ASN A 337 4.22 11.76 26.71
N ARG A 338 4.97 12.04 27.78
CA ARG A 338 6.40 11.84 27.80
C ARG A 338 6.80 10.45 28.27
N GLY A 339 6.20 10.02 29.38
CA GLY A 339 6.53 8.75 29.99
C GLY A 339 6.65 8.90 31.49
N VAL A 340 6.55 7.79 32.22
CA VAL A 340 6.65 7.82 33.67
C VAL A 340 8.07 8.20 34.10
N GLY A 341 9.02 8.00 33.20
CA GLY A 341 10.41 8.35 33.45
C GLY A 341 10.57 9.86 33.57
N ALA A 342 9.72 10.60 32.88
CA ALA A 342 9.74 12.05 32.95
C ALA A 342 9.30 12.51 34.34
N ILE A 343 8.26 11.88 34.86
CA ILE A 343 7.78 12.16 36.21
C ILE A 343 8.85 11.81 37.22
N GLU A 344 9.47 10.64 37.04
CA GLU A 344 10.54 10.20 37.93
C GLU A 344 11.72 11.15 37.89
N ALA A 345 11.92 11.79 36.73
CA ALA A 345 13.02 12.72 36.54
C ALA A 345 12.72 14.07 37.19
N LEU A 346 11.45 14.46 37.17
CA LEU A 346 11.04 15.73 37.79
C LEU A 346 11.31 15.72 39.29
N LYS A 347 11.15 14.55 39.91
CA LYS A 347 11.36 14.38 41.34
C LYS A 347 10.62 15.42 42.16
N ILE A 348 9.30 15.41 42.07
CA ILE A 348 8.46 16.32 42.84
C ILE A 348 8.39 15.89 44.31
N PHE A 349 8.22 14.59 44.52
CA PHE A 349 8.05 14.07 45.87
C PHE A 349 9.39 13.72 46.52
N SER A 350 10.47 14.14 45.89
CA SER A 350 11.80 13.82 46.40
C SER A 350 12.65 15.07 46.67
N ASP A 351 13.51 15.41 45.72
CA ASP A 351 14.47 16.48 45.90
C ASP A 351 13.86 17.87 45.74
N ASN A 352 12.79 17.98 44.95
CA ASN A 352 12.16 19.26 44.69
C ASN A 352 10.71 19.33 45.16
N TRP A 353 10.51 19.17 46.46
CA TRP A 353 9.19 19.20 47.06
C TRP A 353 8.71 20.63 47.29
N GLU A 354 9.58 21.45 47.86
CA GLU A 354 9.25 22.82 48.23
C GLU A 354 8.80 23.67 47.04
N LYS A 355 9.62 23.72 46.00
CA LYS A 355 9.28 24.50 44.81
C LYS A 355 7.98 24.01 44.19
N ALA A 356 7.76 22.70 44.28
CA ALA A 356 6.55 22.10 43.73
C ALA A 356 5.29 22.55 44.46
N ILE A 357 5.32 22.49 45.79
CA ILE A 357 4.15 22.84 46.59
C ILE A 357 3.97 24.34 46.76
N ASN A 358 5.01 25.11 46.44
CA ASN A 358 4.96 26.57 46.58
C ASN A 358 4.55 27.27 45.29
N ALA A 359 4.83 26.62 44.16
CA ALA A 359 4.50 27.20 42.86
C ALA A 359 3.00 27.17 42.61
N GLU A 360 2.43 28.33 42.30
CA GLU A 360 0.99 28.44 42.05
C GLU A 360 0.62 27.80 40.72
N VAL A 361 1.49 27.91 39.73
CA VAL A 361 1.30 27.24 38.46
C VAL A 361 2.42 26.21 38.26
N LEU A 362 2.07 24.94 38.46
CA LEU A 362 3.06 23.86 38.48
C LEU A 362 3.72 23.64 37.12
N TRP A 363 2.93 23.64 36.06
CA TRP A 363 3.45 23.28 34.75
C TRP A 363 4.27 24.39 34.10
N LYS A 364 4.13 25.62 34.61
CA LYS A 364 4.91 26.74 34.10
C LYS A 364 6.26 26.84 34.79
N GLU A 365 6.28 26.55 36.09
CA GLU A 365 7.50 26.66 36.89
C GLU A 365 8.45 25.50 36.64
N PHE A 366 7.93 24.40 36.11
CA PHE A 366 8.75 23.22 35.86
C PHE A 366 9.08 23.05 34.39
N ASN A 367 8.63 24.01 33.57
CA ASN A 367 8.90 24.03 32.14
C ASN A 367 8.45 22.74 31.43
N MET A 368 7.43 22.10 31.98
CA MET A 368 6.89 20.88 31.40
C MET A 368 5.84 21.22 30.33
N GLU A 369 6.32 21.73 29.20
CA GLU A 369 5.43 22.18 28.13
C GLU A 369 4.86 21.00 27.35
N GLY A 370 5.59 19.89 27.35
CA GLY A 370 5.18 18.72 26.59
C GLY A 370 5.51 18.87 25.11
N PHE A 371 4.72 18.25 24.25
CA PHE A 371 4.93 18.35 22.81
C PHE A 371 3.94 19.31 22.18
N GLY A 372 4.40 20.52 21.88
CA GLY A 372 3.55 21.54 21.29
C GLY A 372 2.49 22.04 22.24
N GLY A 373 2.86 22.24 23.49
CA GLY A 373 1.93 22.69 24.50
C GLY A 373 0.83 21.69 24.75
N HIS A 374 1.21 20.49 25.17
CA HIS A 374 0.27 19.40 25.39
C HIS A 374 -0.52 19.60 26.68
N VAL A 375 0.21 19.67 27.79
CA VAL A 375 -0.38 19.81 29.11
C VAL A 375 -1.35 20.99 29.22
N PRO A 376 -0.90 22.22 28.88
CA PRO A 376 -1.84 23.33 29.07
C PRO A 376 -3.08 23.22 28.18
N THR A 377 -2.91 22.67 26.99
CA THR A 377 -4.03 22.46 26.07
C THR A 377 -5.05 21.51 26.68
N VAL A 378 -4.57 20.35 27.15
CA VAL A 378 -5.45 19.36 27.75
C VAL A 378 -6.18 19.92 28.98
N ILE A 379 -5.42 20.58 29.85
CA ILE A 379 -6.01 21.20 31.05
C ILE A 379 -7.10 22.20 30.67
N ASN A 380 -6.77 23.11 29.76
CA ASN A 380 -7.71 24.14 29.34
C ASN A 380 -8.99 23.57 28.74
N ILE A 381 -8.84 22.59 27.85
CA ILE A 381 -10.02 21.98 27.23
C ILE A 381 -10.86 21.26 28.27
N THR A 382 -10.20 20.58 29.20
CA THR A 382 -10.90 19.90 30.29
C THR A 382 -11.73 20.88 31.12
N ALA A 383 -11.09 21.98 31.53
CA ALA A 383 -11.75 23.00 32.34
C ALA A 383 -12.90 23.67 31.58
N THR A 384 -12.71 23.90 30.29
CA THR A 384 -13.73 24.52 29.46
C THR A 384 -14.94 23.60 29.32
N MET A 385 -14.69 22.33 29.08
CA MET A 385 -15.77 21.34 29.00
C MET A 385 -16.46 21.18 30.35
N ASP A 386 -15.72 21.45 31.43
CA ASP A 386 -16.28 21.39 32.77
C ASP A 386 -17.19 22.57 33.07
N MET A 387 -16.82 23.74 32.55
CA MET A 387 -17.59 24.96 32.79
C MET A 387 -18.86 25.04 31.94
N GLU A 388 -18.95 24.20 30.92
CA GLU A 388 -20.07 24.24 29.98
C GLU A 388 -21.39 23.85 30.63
N THR A 389 -22.34 24.79 30.62
CA THR A 389 -23.67 24.55 31.18
C THR A 389 -24.74 24.69 30.09
N GLU A 390 -24.37 25.35 28.99
CA GLU A 390 -25.29 25.62 27.89
C GLU A 390 -25.73 24.34 27.18
N ARG A 391 -24.76 23.55 26.76
CA ARG A 391 -25.04 22.37 25.94
C ARG A 391 -24.31 21.12 26.42
N ILE A 392 -25.07 20.10 26.78
CA ILE A 392 -24.51 18.84 27.26
C ILE A 392 -24.86 17.72 26.28
N TYR A 393 -23.91 16.81 26.05
CA TYR A 393 -24.12 15.71 25.13
C TYR A 393 -25.12 14.70 25.66
N ASP A 394 -26.00 14.22 24.78
CA ASP A 394 -26.98 13.20 25.13
C ASP A 394 -27.21 12.29 23.93
N ALA A 395 -27.68 11.07 24.19
CA ALA A 395 -27.90 10.10 23.13
C ALA A 395 -29.01 9.12 23.49
N ASN A 396 -29.59 8.49 22.46
CA ASN A 396 -30.67 7.54 22.65
C ASN A 396 -30.16 6.12 22.45
N LEU A 397 -30.55 5.22 23.34
CA LEU A 397 -30.04 3.84 23.30
C LEU A 397 -31.14 2.80 23.20
N THR A 398 -31.07 1.98 22.16
CA THR A 398 -31.97 0.83 22.04
C THR A 398 -31.39 -0.32 22.84
N TRP A 399 -32.18 -1.38 23.01
CA TRP A 399 -31.71 -2.54 23.77
C TRP A 399 -30.58 -3.28 23.07
N ASP A 400 -30.68 -3.37 21.74
CA ASP A 400 -29.66 -4.05 20.96
C ASP A 400 -28.30 -3.37 21.08
N ASP A 401 -28.32 -2.06 21.32
CA ASP A 401 -27.09 -1.30 21.54
C ASP A 401 -26.44 -1.70 22.85
N ILE A 402 -27.27 -1.85 23.89
CA ILE A 402 -26.80 -2.26 25.20
C ILE A 402 -26.23 -3.68 25.14
N GLU A 403 -26.99 -4.58 24.50
CA GLU A 403 -26.57 -5.95 24.29
C GLU A 403 -25.22 -6.01 23.58
N TYR A 404 -25.11 -5.24 22.51
CA TYR A 404 -23.87 -5.11 21.75
C TYR A 404 -22.73 -4.68 22.66
N PHE A 405 -22.96 -3.63 23.43
CA PHE A 405 -21.97 -3.09 24.34
C PHE A 405 -21.44 -4.15 25.32
N PHE A 406 -22.34 -4.76 26.07
CA PHE A 406 -21.93 -5.73 27.08
C PHE A 406 -21.30 -6.99 26.47
N THR A 407 -21.76 -7.37 25.28
CA THR A 407 -21.15 -8.49 24.56
C THR A 407 -19.71 -8.16 24.21
N VAL A 408 -19.49 -6.94 23.73
CA VAL A 408 -18.15 -6.46 23.43
C VAL A 408 -17.27 -6.47 24.67
N VAL A 409 -17.82 -5.98 25.79
CA VAL A 409 -17.10 -5.97 27.06
C VAL A 409 -16.68 -7.37 27.48
N ARG A 410 -17.61 -8.32 27.37
CA ARG A 410 -17.32 -9.70 27.71
C ARG A 410 -16.24 -10.28 26.80
N GLN A 411 -16.30 -9.93 25.53
CA GLN A 411 -15.40 -10.50 24.53
C GLN A 411 -13.97 -9.96 24.64
N LYS A 412 -13.84 -8.68 24.92
CA LYS A 412 -12.52 -8.02 24.85
C LYS A 412 -11.81 -7.91 26.20
N PHE A 413 -12.57 -7.88 27.29
CA PHE A 413 -11.97 -7.69 28.61
C PHE A 413 -12.09 -8.92 29.51
N PHE A 414 -11.60 -8.78 30.73
CA PHE A 414 -11.66 -9.83 31.76
C PHE A 414 -10.94 -11.12 31.37
N ARG A 415 -11.08 -12.13 32.23
CA ARG A 415 -10.35 -13.38 32.08
C ARG A 415 -11.23 -14.56 32.48
N PRO A 416 -11.06 -15.67 31.79
CA PRO A 416 -11.93 -16.79 32.10
C PRO A 416 -11.71 -17.05 33.56
N GLY A 417 -12.82 -17.08 34.28
CA GLY A 417 -12.85 -17.41 35.70
C GLY A 417 -13.29 -16.23 36.55
N ALA A 418 -13.18 -15.03 35.99
CA ALA A 418 -13.58 -13.83 36.71
C ALA A 418 -15.08 -13.78 36.91
N ILE A 419 -15.81 -14.01 35.83
CA ILE A 419 -17.28 -14.07 35.87
C ILE A 419 -17.77 -15.29 35.08
N SER A 420 -18.34 -16.26 35.77
CA SER A 420 -18.87 -17.45 35.10
C SER A 420 -20.12 -17.12 34.29
N ASP A 421 -20.61 -18.09 33.53
CA ASP A 421 -21.71 -17.86 32.61
C ASP A 421 -23.03 -17.54 33.33
N GLU A 422 -23.29 -18.22 34.44
CA GLU A 422 -24.57 -18.11 35.13
C GLU A 422 -24.88 -16.68 35.56
N GLU A 423 -24.08 -16.14 36.47
CA GLU A 423 -24.38 -14.83 37.05
C GLU A 423 -24.16 -13.71 36.04
N TRP A 424 -23.51 -14.02 34.93
CA TRP A 424 -23.40 -13.04 33.84
C TRP A 424 -24.71 -12.98 33.09
N ASN A 425 -25.28 -14.15 32.79
CA ASN A 425 -26.60 -14.21 32.17
C ASN A 425 -27.65 -13.56 33.07
N ALA A 426 -27.59 -13.87 34.36
CA ALA A 426 -28.48 -13.28 35.36
C ALA A 426 -28.27 -11.77 35.43
N MET A 427 -27.01 -11.35 35.31
CA MET A 427 -26.69 -9.93 35.29
C MET A 427 -27.38 -9.25 34.12
N MET A 428 -27.28 -9.86 32.94
CA MET A 428 -27.92 -9.32 31.75
C MET A 428 -29.43 -9.31 31.88
N ARG A 429 -29.98 -10.24 32.65
CA ARG A 429 -31.41 -10.23 32.92
C ARG A 429 -31.79 -9.05 33.81
N ASP A 430 -30.96 -8.77 34.81
CA ASP A 430 -31.18 -7.63 35.69
C ASP A 430 -31.04 -6.31 34.93
N VAL A 431 -30.12 -6.27 33.97
CA VAL A 431 -29.93 -5.09 33.13
C VAL A 431 -31.12 -4.94 32.19
N LYS A 432 -31.67 -6.06 31.75
CA LYS A 432 -32.90 -6.06 30.96
C LYS A 432 -34.01 -5.41 31.75
N ARG A 433 -34.20 -5.88 32.99
CA ARG A 433 -35.19 -5.33 33.89
C ARG A 433 -35.00 -3.82 34.06
N ALA A 434 -33.78 -3.39 34.38
CA ALA A 434 -33.49 -1.98 34.59
C ALA A 434 -33.85 -1.16 33.35
N TYR A 435 -33.38 -1.61 32.19
CA TYR A 435 -33.66 -0.97 30.92
C TYR A 435 -35.15 -0.76 30.73
N ASP A 436 -35.92 -1.85 30.75
CA ASP A 436 -37.36 -1.77 30.53
C ASP A 436 -38.05 -0.91 31.59
N LEU A 437 -37.48 -0.88 32.79
CA LEU A 437 -38.07 -0.13 33.89
C LEU A 437 -37.95 1.37 33.68
N LEU A 438 -36.74 1.86 33.44
CA LEU A 438 -36.56 3.31 33.29
C LEU A 438 -36.62 3.75 31.82
N SER A 439 -37.17 2.89 30.97
CA SER A 439 -37.46 3.28 29.59
C SER A 439 -38.91 3.72 29.48
N GLN A 440 -39.70 3.39 30.50
CA GLN A 440 -41.11 3.75 30.54
C GLN A 440 -41.28 5.27 30.66
N HIS A 441 -40.21 5.95 31.06
CA HIS A 441 -40.24 7.39 31.18
C HIS A 441 -40.11 8.06 29.82
N TRP A 442 -39.48 7.37 28.89
CA TRP A 442 -39.22 7.95 27.56
C TRP A 442 -40.13 7.36 26.49
N GLY A 443 -40.92 6.36 26.86
CA GLY A 443 -41.85 5.74 25.94
C GLY A 443 -41.48 4.32 25.57
N GLY A 444 -40.49 3.77 26.27
CA GLY A 444 -40.08 2.39 26.07
C GLY A 444 -39.38 2.13 24.76
N ASP A 445 -39.07 3.20 24.02
CA ASP A 445 -38.40 3.07 22.74
C ASP A 445 -36.90 3.32 22.86
N HIS A 446 -36.51 4.01 23.92
CA HIS A 446 -35.10 4.32 24.15
C HIS A 446 -34.84 4.75 25.59
N ILE A 447 -33.57 4.75 25.99
CA ILE A 447 -33.16 5.29 27.28
C ILE A 447 -32.15 6.41 27.07
N SER A 448 -32.19 7.41 27.94
CA SER A 448 -31.27 8.54 27.84
C SER A 448 -29.89 8.17 28.35
N TYR A 449 -28.89 8.37 27.51
CA TYR A 449 -27.50 8.11 27.89
C TYR A 449 -27.14 8.90 29.14
N ARG A 450 -27.22 10.22 29.04
CA ARG A 450 -26.83 11.13 30.11
C ARG A 450 -27.49 10.81 31.45
N TYR A 451 -28.81 10.61 31.42
CA TYR A 451 -29.57 10.44 32.65
C TYR A 451 -29.53 9.02 33.20
N ASP A 452 -29.52 8.02 32.33
CA ASP A 452 -29.76 6.64 32.75
C ASP A 452 -28.53 5.72 32.73
N PHE A 453 -27.55 6.01 31.89
CA PHE A 453 -26.50 5.02 31.66
C PHE A 453 -25.62 4.76 32.87
N LEU A 454 -25.51 5.73 33.77
CA LEU A 454 -24.80 5.50 35.02
C LEU A 454 -25.55 4.48 35.87
N THR A 455 -26.87 4.63 35.89
CA THR A 455 -27.72 3.68 36.61
C THR A 455 -27.60 2.28 36.03
N ILE A 456 -27.68 2.19 34.70
CA ILE A 456 -27.52 0.91 34.01
C ILE A 456 -26.19 0.27 34.36
N LEU A 457 -25.12 1.08 34.30
CA LEU A 457 -23.77 0.61 34.61
C LEU A 457 -23.67 0.09 36.03
N ARG A 458 -24.27 0.80 36.97
CA ARG A 458 -24.20 0.40 38.38
C ARG A 458 -24.96 -0.90 38.62
N VAL A 459 -26.14 -1.00 38.00
CA VAL A 459 -26.92 -2.24 38.05
C VAL A 459 -26.08 -3.41 37.53
N ALA A 460 -25.35 -3.16 36.45
CA ALA A 460 -24.48 -4.18 35.88
C ALA A 460 -23.30 -4.48 36.79
N MET A 461 -22.88 -3.49 37.57
CA MET A 461 -21.70 -3.61 38.42
C MET A 461 -22.04 -4.14 39.80
N LYS A 462 -23.32 -4.37 40.06
CA LYS A 462 -23.74 -5.02 41.30
C LYS A 462 -23.29 -6.48 41.34
N HIS A 463 -22.92 -7.02 40.19
CA HIS A 463 -22.49 -8.41 40.10
C HIS A 463 -21.00 -8.56 39.81
N TRP A 464 -20.36 -7.46 39.39
CA TRP A 464 -18.94 -7.47 39.08
C TRP A 464 -18.10 -7.83 40.30
N PRO A 465 -17.03 -8.61 40.09
CA PRO A 465 -16.13 -9.04 41.17
C PRO A 465 -15.55 -7.84 41.93
N GLU A 466 -15.75 -7.82 43.24
CA GLU A 466 -15.26 -6.72 44.06
C GLU A 466 -14.03 -7.17 44.85
N PRO A 467 -13.04 -6.26 45.02
CA PRO A 467 -13.00 -4.85 44.61
C PRO A 467 -12.99 -4.66 43.10
N HIS A 468 -13.72 -3.65 42.63
CA HIS A 468 -13.93 -3.42 41.20
C HIS A 468 -12.62 -3.08 40.48
N ILE A 469 -11.72 -2.39 41.16
CA ILE A 469 -10.43 -2.03 40.57
C ILE A 469 -9.33 -2.91 41.13
N PRO A 470 -8.82 -3.85 40.31
CA PRO A 470 -7.79 -4.81 40.72
C PRO A 470 -6.42 -4.18 40.87
N ARG A 471 -5.56 -4.80 41.65
CA ARG A 471 -4.20 -4.31 41.85
C ARG A 471 -3.30 -4.68 40.68
N PRO A 472 -2.58 -3.70 40.13
CA PRO A 472 -1.58 -3.96 39.11
C PRO A 472 -0.45 -4.83 39.67
N THR A 473 -0.25 -6.01 39.10
CA THR A 473 0.74 -6.94 39.62
C THR A 473 1.55 -7.57 38.49
N GLY A 474 2.34 -8.58 38.83
CA GLY A 474 3.15 -9.28 37.85
C GLY A 474 4.63 -9.00 38.00
N ASP A 475 5.43 -9.61 37.13
CA ASP A 475 6.88 -9.48 37.20
C ASP A 475 7.32 -8.05 36.89
N ASP A 476 6.99 -7.58 35.68
CA ASP A 476 7.38 -6.24 35.23
C ASP A 476 6.99 -5.16 36.25
N TRP A 477 5.77 -5.27 36.76
CA TRP A 477 5.23 -4.28 37.69
C TRP A 477 6.07 -4.11 38.95
N TYR A 478 6.40 -5.23 39.58
CA TYR A 478 7.15 -5.21 40.84
C TYR A 478 8.40 -4.34 40.73
N TYR A 479 9.20 -4.59 39.71
CA TYR A 479 10.54 -4.01 39.64
C TYR A 479 10.56 -2.71 38.88
N HIS A 480 9.50 -2.43 38.12
CA HIS A 480 9.39 -1.12 37.51
C HIS A 480 8.82 -0.14 38.53
N ALA A 481 8.11 -0.65 39.52
CA ALA A 481 7.49 0.19 40.54
C ALA A 481 8.41 0.39 41.73
N ARG A 482 9.20 -0.64 42.05
CA ARG A 482 10.11 -0.55 43.19
C ARG A 482 11.33 0.31 42.87
N ASN A 483 11.77 0.26 41.61
CA ASN A 483 12.90 1.06 41.16
C ASN A 483 12.52 2.53 41.00
N TYR A 484 11.21 2.80 41.07
CA TYR A 484 10.69 4.14 40.86
C TYR A 484 10.99 5.07 42.03
N ASN A 485 11.86 6.05 41.80
CA ASN A 485 12.18 7.06 42.80
C ASN A 485 11.88 8.47 42.30
N PRO A 486 10.62 8.89 42.41
CA PRO A 486 10.18 10.22 41.95
C PRO A 486 10.55 11.32 42.93
N ALA B 2 -1.08 23.42 -55.19
CA ALA B 2 -0.85 23.00 -56.57
C ALA B 2 -2.15 22.97 -57.37
N TYR B 3 -2.39 24.04 -58.13
CA TYR B 3 -3.60 24.12 -58.95
C TYR B 3 -3.24 24.16 -60.44
N ARG B 4 -4.20 23.84 -61.29
CA ARG B 4 -3.95 23.72 -62.71
C ARG B 4 -5.23 23.87 -63.53
N ILE B 5 -5.19 24.72 -64.56
CA ILE B 5 -6.34 24.87 -65.44
C ILE B 5 -6.53 23.61 -66.27
N VAL B 6 -7.57 22.86 -65.95
CA VAL B 6 -7.87 21.62 -66.66
C VAL B 6 -8.32 21.93 -68.08
N SER B 7 -9.21 22.91 -68.21
CA SER B 7 -9.78 23.27 -69.49
C SER B 7 -10.51 24.62 -69.44
N GLU B 8 -10.37 25.39 -70.52
CA GLU B 8 -11.18 26.59 -70.69
C GLU B 8 -11.99 26.49 -71.97
N THR B 9 -13.30 26.25 -71.82
CA THR B 9 -14.18 26.10 -72.96
C THR B 9 -15.35 27.07 -72.87
N GLY B 10 -15.56 27.84 -73.92
CA GLY B 10 -16.61 28.84 -73.94
C GLY B 10 -16.30 29.97 -72.98
N ASP B 11 -17.00 30.00 -71.86
CA ASP B 11 -16.80 31.04 -70.86
C ASP B 11 -16.55 30.45 -69.48
N LYS B 12 -16.55 29.13 -69.39
CA LYS B 12 -16.34 28.45 -68.11
C LYS B 12 -14.92 27.91 -68.00
N ILE B 13 -14.30 28.16 -66.85
CA ILE B 13 -12.93 27.72 -66.58
C ILE B 13 -12.93 26.64 -65.52
N THR B 14 -12.31 25.50 -65.84
CA THR B 14 -12.27 24.37 -64.92
C THR B 14 -10.88 24.17 -64.32
N VAL B 15 -10.77 24.36 -63.01
CA VAL B 15 -9.48 24.29 -62.33
C VAL B 15 -9.41 23.14 -61.34
N GLU B 16 -8.29 22.43 -61.33
CA GLU B 16 -8.08 21.34 -60.39
C GLU B 16 -7.08 21.71 -59.30
N LEU B 17 -7.58 21.83 -58.07
CA LEU B 17 -6.72 22.14 -56.94
C LEU B 17 -6.35 20.87 -56.18
N THR B 18 -5.07 20.52 -56.21
CA THR B 18 -4.60 19.32 -55.53
C THR B 18 -4.08 19.66 -54.13
N LEU B 19 -4.88 19.35 -53.13
CA LEU B 19 -4.50 19.55 -51.74
C LEU B 19 -4.04 18.23 -51.12
N ALA B 20 -2.79 18.18 -50.66
CA ALA B 20 -2.25 16.91 -50.19
C ALA B 20 -1.12 17.04 -49.18
N ASN B 21 -0.92 15.96 -48.43
CA ASN B 21 0.25 15.78 -47.57
C ASN B 21 1.24 14.91 -48.32
N LYS B 22 2.41 15.46 -48.63
CA LYS B 22 3.39 14.78 -49.46
C LYS B 22 4.18 13.73 -48.71
N ASN B 23 4.41 13.96 -47.42
CA ASN B 23 5.29 13.11 -46.62
C ASN B 23 4.74 11.70 -46.41
N THR B 24 5.63 10.71 -46.54
CA THR B 24 5.27 9.32 -46.31
C THR B 24 5.81 8.84 -44.97
N HIS B 25 7.09 9.12 -44.71
CA HIS B 25 7.66 8.88 -43.39
C HIS B 25 7.57 10.15 -42.55
N TYR B 26 7.56 10.01 -41.24
CA TYR B 26 7.39 11.15 -40.34
C TYR B 26 8.46 12.22 -40.54
N VAL B 27 8.03 13.48 -40.56
CA VAL B 27 8.95 14.61 -40.59
C VAL B 27 8.53 15.63 -39.54
N TRP B 28 9.39 16.61 -39.28
CA TRP B 28 9.11 17.64 -38.29
C TRP B 28 7.97 18.55 -38.73
N ASN B 29 6.94 18.65 -37.89
CA ASN B 29 5.79 19.51 -38.14
C ASN B 29 5.12 19.21 -39.46
N GLY B 30 5.10 17.93 -39.84
CA GLY B 30 4.51 17.51 -41.10
C GLY B 30 3.84 16.15 -40.98
N TRP B 31 3.59 15.73 -39.75
CA TRP B 31 2.95 14.44 -39.50
C TRP B 31 1.46 14.49 -39.81
N CYS B 32 0.85 15.65 -39.59
CA CYS B 32 -0.56 15.83 -39.86
C CYS B 32 -0.89 17.31 -40.05
N PHE B 33 -1.66 17.62 -41.09
CA PHE B 33 -2.03 19.00 -41.38
C PHE B 33 -3.51 19.26 -41.17
N ASP B 34 -3.83 20.33 -40.44
CA ASP B 34 -5.21 20.73 -40.19
C ASP B 34 -5.50 22.05 -40.89
N ILE B 35 -6.46 22.02 -41.81
CA ILE B 35 -6.79 23.20 -42.60
C ILE B 35 -8.15 23.78 -42.24
N LYS B 36 -8.15 25.02 -41.75
CA LYS B 36 -9.40 25.69 -41.42
C LYS B 36 -10.12 26.10 -42.69
N ASN B 37 -9.40 26.72 -43.62
CA ASN B 37 -9.99 27.14 -44.89
C ASN B 37 -8.93 27.42 -45.96
N ILE B 38 -9.38 27.48 -47.21
CA ILE B 38 -8.51 27.80 -48.35
C ILE B 38 -9.09 28.99 -49.12
N THR B 39 -8.39 30.11 -49.11
CA THR B 39 -8.89 31.31 -49.77
C THR B 39 -8.18 31.55 -51.10
N PHE B 40 -8.95 31.97 -52.10
CA PHE B 40 -8.40 32.34 -53.39
C PHE B 40 -9.20 33.49 -54.01
N GLU B 41 -8.57 34.23 -54.92
CA GLU B 41 -9.20 35.39 -55.52
C GLU B 41 -9.63 35.15 -56.96
N THR B 42 -10.72 35.80 -57.36
CA THR B 42 -11.21 35.76 -58.73
C THR B 42 -12.25 36.86 -58.94
N THR B 43 -12.41 37.31 -60.18
CA THR B 43 -13.39 38.34 -60.50
C THR B 43 -14.55 37.73 -61.28
N GLY B 44 -14.40 36.47 -61.66
CA GLY B 44 -15.44 35.76 -62.38
C GLY B 44 -16.56 35.28 -61.49
N LYS B 45 -17.46 34.48 -62.05
CA LYS B 45 -18.60 33.95 -61.30
C LYS B 45 -18.41 32.47 -61.00
N VAL B 46 -18.24 32.16 -59.72
CA VAL B 46 -18.05 30.77 -59.29
C VAL B 46 -19.30 29.94 -59.54
N LEU B 47 -19.18 28.93 -60.40
CA LEU B 47 -20.31 28.09 -60.74
C LEU B 47 -20.51 26.98 -59.71
N SER B 48 -19.46 26.19 -59.47
CA SER B 48 -19.54 25.12 -58.48
C SER B 48 -18.14 24.68 -58.01
N ILE B 49 -18.05 24.33 -56.74
CA ILE B 49 -16.80 23.83 -56.17
C ILE B 49 -17.03 22.47 -55.55
N LYS B 50 -16.53 21.43 -56.19
CA LYS B 50 -16.79 20.06 -55.74
C LYS B 50 -15.52 19.24 -55.57
N TYR B 51 -15.60 18.17 -54.80
CA TYR B 51 -14.49 17.23 -54.67
C TYR B 51 -14.44 16.35 -55.92
N ALA B 52 -13.25 15.85 -56.23
CA ALA B 52 -13.07 15.03 -57.42
C ALA B 52 -13.59 13.61 -57.19
N ASP B 53 -13.61 13.18 -55.93
CA ASP B 53 -14.05 11.84 -55.59
C ASP B 53 -15.48 11.82 -55.05
N GLY B 54 -16.26 12.84 -55.43
CA GLY B 54 -17.64 12.93 -55.01
C GLY B 54 -17.84 13.83 -53.80
N GLY B 55 -18.95 14.57 -53.79
CA GLY B 55 -19.26 15.48 -52.71
C GLY B 55 -18.68 16.85 -52.96
N GLU B 56 -19.13 17.84 -52.20
CA GLU B 56 -18.61 19.20 -52.35
C GLU B 56 -18.40 19.86 -51.00
N PRO B 57 -17.33 20.66 -50.89
CA PRO B 57 -17.04 21.41 -49.66
C PRO B 57 -17.89 22.67 -49.56
N VAL B 58 -17.97 23.24 -48.36
CA VAL B 58 -18.74 24.45 -48.15
C VAL B 58 -17.93 25.70 -48.45
N TYR B 59 -18.46 26.58 -49.29
CA TYR B 59 -17.77 27.80 -49.65
C TYR B 59 -18.69 29.02 -49.66
N ASN B 60 -18.09 30.20 -49.72
CA ASN B 60 -18.84 31.44 -49.81
C ASN B 60 -18.00 32.55 -50.41
N VAL B 61 -18.62 33.41 -51.21
CA VAL B 61 -17.90 34.43 -51.95
C VAL B 61 -18.16 35.84 -51.41
N ASN B 62 -17.08 36.52 -51.05
CA ASN B 62 -17.17 37.91 -50.60
C ASN B 62 -16.35 38.82 -51.50
N GLY B 63 -16.97 39.29 -52.59
CA GLY B 63 -16.29 40.13 -53.55
C GLY B 63 -15.31 39.36 -54.40
N ASN B 64 -14.04 39.75 -54.34
CA ASN B 64 -13.00 39.08 -55.11
C ASN B 64 -12.50 37.82 -54.40
N LEU B 65 -12.72 37.76 -53.09
CA LEU B 65 -12.20 36.67 -52.28
C LEU B 65 -13.21 35.54 -52.10
N VAL B 66 -12.76 34.32 -52.32
CA VAL B 66 -13.59 33.14 -52.12
C VAL B 66 -12.99 32.25 -51.04
N THR B 67 -13.80 31.86 -50.07
CA THR B 67 -13.32 31.03 -48.96
C THR B 67 -13.87 29.61 -49.03
N ILE B 68 -12.97 28.63 -49.16
CA ILE B 68 -13.37 27.23 -49.21
C ILE B 68 -13.16 26.56 -47.86
N ASP B 69 -14.18 25.87 -47.37
CA ASP B 69 -14.10 25.16 -46.10
C ASP B 69 -14.21 23.65 -46.31
N LEU B 70 -13.34 22.90 -45.64
CA LEU B 70 -13.30 21.45 -45.82
C LEU B 70 -14.15 20.71 -44.78
N THR B 71 -14.48 21.39 -43.69
CA THR B 71 -15.23 20.82 -42.58
C THR B 71 -14.59 19.53 -42.04
N TRP B 72 -15.34 18.43 -42.11
CA TRP B 72 -14.87 17.16 -41.56
C TRP B 72 -13.79 16.53 -42.44
N ARG B 73 -13.59 17.09 -43.62
CA ARG B 73 -12.63 16.55 -44.58
C ARG B 73 -11.24 17.18 -44.38
N GLY B 74 -11.17 18.18 -43.50
CA GLY B 74 -9.97 18.98 -43.35
C GLY B 74 -8.78 18.33 -42.67
N ILE B 75 -8.88 17.03 -42.38
CA ILE B 75 -7.78 16.31 -41.75
C ILE B 75 -6.89 15.62 -42.78
N PHE B 76 -5.61 15.98 -42.78
CA PHE B 76 -4.65 15.41 -43.72
C PHE B 76 -3.53 14.66 -43.01
N HIS B 77 -3.67 13.35 -42.89
CA HIS B 77 -2.62 12.51 -42.32
C HIS B 77 -1.52 12.29 -43.35
N LEU B 78 -0.62 11.35 -43.05
CA LEU B 78 0.48 11.04 -43.95
C LEU B 78 -0.03 10.41 -45.25
N ASN B 79 0.54 10.85 -46.36
CA ASN B 79 0.24 10.31 -47.68
C ASN B 79 -1.25 10.44 -48.04
N THR B 80 -1.82 11.61 -47.75
CA THR B 80 -3.23 11.87 -48.05
C THR B 80 -3.36 12.93 -49.12
N THR B 81 -4.29 12.72 -50.06
CA THR B 81 -4.47 13.65 -51.17
C THR B 81 -5.95 13.91 -51.47
N VAL B 82 -6.32 15.19 -51.53
CA VAL B 82 -7.69 15.58 -51.86
C VAL B 82 -7.71 16.57 -53.02
N LYS B 83 -8.40 16.21 -54.09
CA LYS B 83 -8.49 17.06 -55.27
C LYS B 83 -9.83 17.80 -55.33
N ILE B 84 -9.75 19.12 -55.50
CA ILE B 84 -10.94 19.95 -55.57
C ILE B 84 -11.08 20.61 -56.94
N ILE B 85 -12.26 20.52 -57.54
CA ILE B 85 -12.50 21.08 -58.86
C ILE B 85 -13.34 22.35 -58.79
N ILE B 86 -12.83 23.43 -59.39
CA ILE B 86 -13.52 24.71 -59.37
C ILE B 86 -13.96 25.15 -60.76
N GLU B 87 -15.24 25.51 -60.90
CA GLU B 87 -15.77 26.04 -62.15
C GLU B 87 -16.12 27.52 -62.01
N ILE B 88 -15.58 28.35 -62.88
CA ILE B 88 -15.82 29.78 -62.83
C ILE B 88 -16.20 30.33 -64.21
N GLN B 89 -17.23 31.17 -64.24
CA GLN B 89 -17.62 31.86 -65.47
C GLN B 89 -16.78 33.12 -65.66
N LYS B 90 -16.18 33.25 -66.84
CA LYS B 90 -15.20 34.30 -67.10
C LYS B 90 -15.81 35.71 -67.05
N SER B 91 -15.24 36.55 -66.19
CA SER B 91 -15.69 37.92 -66.03
C SER B 91 -14.65 38.79 -65.33
N GLY B 92 -14.53 40.05 -65.78
CA GLY B 92 -13.65 40.99 -65.12
C GLY B 92 -12.23 41.02 -65.68
N ASP B 93 -11.38 41.81 -65.04
CA ASP B 93 -10.01 41.99 -65.50
C ASP B 93 -9.10 40.82 -65.11
N ASN B 94 -9.46 40.14 -64.03
CA ASN B 94 -8.67 39.00 -63.57
C ASN B 94 -9.57 37.84 -63.15
N PRO B 95 -9.96 37.00 -64.12
CA PRO B 95 -10.94 35.93 -63.93
C PRO B 95 -10.37 34.62 -63.39
N TYR B 96 -9.09 34.37 -63.67
CA TYR B 96 -8.49 33.10 -63.27
C TYR B 96 -8.17 33.04 -61.78
N PRO B 97 -8.43 31.88 -61.15
CA PRO B 97 -8.13 31.65 -59.74
C PRO B 97 -6.66 31.91 -59.43
N HIS B 98 -6.40 32.71 -58.40
CA HIS B 98 -5.04 33.10 -58.08
C HIS B 98 -4.90 33.43 -56.60
N ASN B 99 -3.64 33.56 -56.16
CA ASN B 99 -3.32 33.94 -54.79
C ASN B 99 -3.93 32.97 -53.76
N PHE B 100 -3.77 31.68 -54.01
CA PHE B 100 -4.24 30.65 -53.09
C PHE B 100 -3.49 30.72 -51.77
N LYS B 101 -4.24 30.77 -50.68
CA LYS B 101 -3.65 30.83 -49.35
C LYS B 101 -4.30 29.82 -48.41
N ILE B 102 -3.54 28.81 -48.03
CA ILE B 102 -4.03 27.79 -47.10
C ILE B 102 -3.86 28.25 -45.66
N HIS B 103 -4.98 28.41 -44.96
CA HIS B 103 -4.94 28.82 -43.56
C HIS B 103 -5.00 27.62 -42.63
N TYR B 104 -3.84 27.25 -42.08
CA TYR B 104 -3.77 26.16 -41.12
C TYR B 104 -4.56 26.49 -39.87
N LEU B 105 -5.06 25.45 -39.19
CA LEU B 105 -5.82 25.64 -37.96
C LEU B 105 -4.87 25.97 -36.81
N ARG B 106 -4.34 27.18 -36.83
CA ARG B 106 -3.37 27.63 -35.85
C ARG B 106 -3.32 29.16 -35.89
N GLY B 107 -2.93 29.78 -34.78
CA GLY B 107 -2.78 31.22 -34.72
C GLY B 107 -1.90 31.77 -35.82
N GLU B 108 -2.52 32.51 -36.74
CA GLU B 108 -1.80 33.03 -37.90
C GLU B 108 -0.82 34.14 -37.49
N SER B 109 -1.15 34.84 -36.41
CA SER B 109 -0.32 35.93 -35.92
C SER B 109 0.14 35.68 -34.48
N ILE B 110 0.41 34.42 -34.17
CA ILE B 110 0.81 34.04 -32.82
C ILE B 110 2.18 34.64 -32.47
N ILE B 111 2.32 35.12 -31.25
CA ILE B 111 3.51 35.87 -30.84
C ILE B 111 4.40 35.11 -29.87
N TYR B 112 5.61 34.77 -30.32
CA TYR B 112 6.61 34.15 -29.46
C TYR B 112 7.87 35.01 -29.44
N PRO B 113 7.96 35.93 -28.47
CA PRO B 113 9.03 36.93 -28.39
C PRO B 113 10.41 36.31 -28.22
N THR B 114 11.37 36.74 -29.02
CA THR B 114 12.73 36.24 -28.93
C THR B 114 13.47 36.85 -27.74
N ILE B 115 14.00 35.98 -26.88
CA ILE B 115 14.70 36.42 -25.68
C ILE B 115 16.09 36.97 -26.00
N GLY B 116 16.84 36.20 -26.79
CA GLY B 116 18.18 36.60 -27.20
C GLY B 116 18.73 35.62 -28.21
N GLU B 117 19.81 36.01 -28.90
CA GLU B 117 20.39 35.17 -29.93
C GLU B 117 21.90 35.03 -29.76
N LEU B 118 22.47 34.00 -30.37
CA LEU B 118 23.91 33.85 -30.48
C LEU B 118 24.43 34.84 -31.52
N PRO B 119 25.71 35.24 -31.40
CA PRO B 119 26.33 36.11 -32.42
C PRO B 119 26.25 35.50 -33.81
N ALA B 120 26.03 36.34 -34.82
CA ALA B 120 25.91 35.87 -36.20
C ALA B 120 27.21 35.23 -36.69
N SER B 121 28.31 35.53 -35.98
CA SER B 121 29.61 34.96 -36.29
C SER B 121 29.70 33.49 -35.91
N TRP B 122 28.70 32.99 -35.20
CA TRP B 122 28.71 31.60 -34.75
C TRP B 122 28.56 30.63 -35.92
N LYS B 123 29.42 29.62 -35.94
CA LYS B 123 29.41 28.61 -36.99
C LYS B 123 29.36 27.22 -36.37
N PRO B 124 28.78 26.25 -37.08
CA PRO B 124 28.81 24.86 -36.58
C PRO B 124 30.22 24.29 -36.64
N GLY B 125 30.55 23.40 -35.70
CA GLY B 125 31.86 22.79 -35.65
C GLY B 125 32.83 23.55 -34.75
N ASN B 126 33.82 24.20 -35.36
CA ASN B 126 34.82 24.94 -34.60
C ASN B 126 34.56 26.43 -34.57
N PHE B 127 34.12 26.92 -33.41
CA PHE B 127 33.89 28.35 -33.21
C PHE B 127 34.78 28.88 -32.10
N THR B 128 34.80 30.20 -31.93
CA THR B 128 35.64 30.82 -30.91
C THR B 128 34.81 31.23 -29.71
N LEU B 129 35.46 31.83 -28.71
CA LEU B 129 34.77 32.27 -27.51
C LEU B 129 33.97 33.54 -27.76
N SER B 130 34.44 34.35 -28.72
CA SER B 130 33.74 35.57 -29.08
C SER B 130 32.51 35.28 -29.94
N ASP B 131 32.42 34.03 -30.40
CA ASP B 131 31.26 33.59 -31.16
C ASP B 131 30.15 33.13 -30.23
N LEU B 132 30.45 33.06 -28.94
CA LEU B 132 29.47 32.66 -27.93
C LEU B 132 28.97 33.86 -27.13
N ILE B 133 29.87 34.82 -26.91
CA ILE B 133 29.52 36.00 -26.12
C ILE B 133 29.59 37.27 -26.96
N ALA B 134 28.46 37.96 -27.07
CA ALA B 134 28.40 39.21 -27.81
C ALA B 134 29.07 40.34 -27.04
N ASP B 135 28.84 40.38 -25.73
CA ASP B 135 29.44 41.39 -24.87
C ASP B 135 29.62 40.86 -23.46
N PRO B 136 30.88 40.54 -23.09
CA PRO B 136 31.22 39.98 -21.78
C PRO B 136 30.82 40.89 -20.61
N LYS B 137 30.69 42.18 -20.86
CA LYS B 137 30.32 43.12 -19.81
C LYS B 137 28.90 42.88 -19.30
N SER B 138 27.94 42.91 -20.23
CA SER B 138 26.54 42.65 -19.88
C SER B 138 26.32 41.18 -19.55
N TYR B 139 27.13 40.32 -20.16
CA TYR B 139 27.00 38.88 -19.97
C TYR B 139 27.31 38.43 -18.55
N TYR B 140 28.15 39.20 -17.86
CA TYR B 140 28.51 38.88 -16.48
C TYR B 140 28.04 39.95 -15.50
N ASP B 141 27.23 40.88 -15.99
CA ASP B 141 26.69 41.96 -15.15
C ASP B 141 25.73 41.39 -14.11
N PRO B 142 26.13 41.49 -12.84
CA PRO B 142 25.31 41.02 -11.72
C PRO B 142 24.00 41.79 -11.55
N HIS B 143 24.07 43.10 -11.74
CA HIS B 143 22.97 44.00 -11.36
C HIS B 143 21.64 43.46 -11.87
N VAL B 144 20.68 43.31 -10.96
CA VAL B 144 19.39 42.74 -11.30
C VAL B 144 18.37 43.81 -11.68
N LYS B 145 17.85 43.72 -12.89
CA LYS B 145 16.81 44.62 -13.37
C LYS B 145 15.43 44.01 -13.17
N PRO B 146 14.52 44.75 -12.50
CA PRO B 146 13.16 44.27 -12.25
C PRO B 146 12.31 44.23 -13.51
N HIS B 147 11.31 43.35 -13.52
CA HIS B 147 10.44 43.20 -14.68
C HIS B 147 9.03 42.81 -14.23
N GLN B 148 8.06 42.93 -15.13
CA GLN B 148 6.66 42.67 -14.79
C GLN B 148 6.01 41.68 -15.76
N ASN B 149 6.74 40.60 -16.06
CA ASN B 149 6.26 39.62 -17.02
C ASN B 149 5.44 38.50 -16.37
N GLY B 150 4.34 38.13 -17.02
CA GLY B 150 3.48 37.09 -16.50
C GLY B 150 3.82 35.72 -17.04
N PHE B 151 2.96 35.20 -17.91
CA PHE B 151 3.16 33.88 -18.51
C PHE B 151 4.26 33.92 -19.57
N ILE B 152 4.18 34.88 -20.47
CA ILE B 152 5.12 34.98 -21.58
C ILE B 152 6.11 36.13 -21.37
N MET B 153 7.39 35.84 -21.54
CA MET B 153 8.44 36.85 -21.42
C MET B 153 8.52 37.72 -22.67
N TYR B 154 7.65 38.74 -22.74
CA TYR B 154 7.67 39.67 -23.86
C TYR B 154 8.89 40.58 -23.76
N ASN B 155 9.17 41.06 -22.56
CA ASN B 155 10.31 41.94 -22.34
C ASN B 155 11.28 41.33 -21.32
N PRO B 156 12.23 40.53 -21.80
CA PRO B 156 13.21 39.84 -20.94
C PRO B 156 14.04 40.81 -20.11
N PRO B 157 14.36 40.42 -18.86
CA PRO B 157 15.21 41.24 -18.00
C PRO B 157 16.66 41.27 -18.50
N HIS B 158 17.12 40.14 -19.04
CA HIS B 158 18.45 40.03 -19.60
C HIS B 158 18.49 38.90 -20.62
N PRO B 159 19.10 39.16 -21.79
CA PRO B 159 19.08 38.23 -22.92
C PRO B 159 19.87 36.93 -22.71
N THR B 160 20.87 36.95 -21.83
CA THR B 160 21.73 35.77 -21.66
C THR B 160 21.74 35.24 -20.23
N GLN B 161 20.95 35.84 -19.35
CA GLN B 161 20.92 35.44 -17.95
C GLN B 161 19.57 34.87 -17.53
N ILE B 162 19.58 34.08 -16.45
CA ILE B 162 18.36 33.49 -15.91
C ILE B 162 18.04 34.07 -14.53
N ILE B 163 17.11 35.01 -14.49
CA ILE B 163 16.78 35.70 -13.25
C ILE B 163 15.61 35.03 -12.52
N ILE B 164 15.93 34.06 -11.68
CA ILE B 164 14.93 33.40 -10.83
C ILE B 164 14.96 34.01 -9.44
N GLY B 165 14.10 35.00 -9.22
CA GLY B 165 14.07 35.71 -7.95
C GLY B 165 13.52 34.89 -6.82
N LEU B 166 14.41 34.32 -6.00
CA LEU B 166 14.01 33.55 -4.84
C LEU B 166 13.58 34.48 -3.71
N ALA B 167 12.47 35.18 -3.90
CA ALA B 167 12.03 36.20 -2.95
C ALA B 167 11.23 35.62 -1.79
N ASP B 168 11.19 36.36 -0.70
CA ASP B 168 10.38 35.99 0.45
C ASP B 168 8.95 36.48 0.24
N ILE B 169 7.98 35.65 0.61
CA ILE B 169 6.57 36.01 0.44
C ILE B 169 5.96 36.48 1.77
N ASP B 170 5.43 37.69 1.78
CA ASP B 170 4.90 38.29 3.00
C ASP B 170 3.38 38.20 3.06
N TYR B 171 2.80 37.32 2.24
CA TYR B 171 1.35 37.14 2.19
C TYR B 171 1.00 35.66 2.02
N PRO B 172 -0.21 35.26 2.43
CA PRO B 172 -0.60 33.84 2.47
C PRO B 172 -0.48 33.09 1.13
N LEU B 173 0.33 32.04 1.14
CA LEU B 173 0.36 31.05 0.08
C LEU B 173 -0.09 29.71 0.66
N ASN B 174 -1.22 29.22 0.17
CA ASN B 174 -1.85 28.02 0.74
C ASN B 174 -2.05 28.15 2.24
N LEU B 175 -2.60 29.29 2.66
CA LEU B 175 -2.95 29.56 4.05
C LEU B 175 -1.73 29.62 4.99
N ALA B 176 -0.59 30.02 4.46
CA ALA B 176 0.63 30.15 5.26
C ALA B 176 0.82 31.58 5.73
N SER B 177 1.57 31.76 6.82
CA SER B 177 1.88 33.09 7.33
C SER B 177 2.85 33.79 6.39
N SER B 178 3.85 33.04 5.93
CA SER B 178 4.83 33.55 4.98
C SER B 178 5.45 32.40 4.21
N ALA B 179 6.17 32.71 3.14
CA ALA B 179 6.78 31.68 2.32
C ALA B 179 8.11 32.13 1.73
N ARG B 180 8.93 31.16 1.33
CA ARG B 180 10.24 31.44 0.75
C ARG B 180 10.48 30.54 -0.45
N MET B 181 10.68 31.16 -1.61
CA MET B 181 10.86 30.41 -2.85
C MET B 181 12.27 29.82 -2.92
N TRP B 182 12.33 28.52 -3.22
CA TRP B 182 13.61 27.84 -3.38
C TRP B 182 13.49 26.71 -4.40
N VAL B 183 14.61 26.34 -5.00
CA VAL B 183 14.62 25.29 -6.01
C VAL B 183 15.09 23.96 -5.42
N PRO B 184 14.27 22.91 -5.56
CA PRO B 184 14.58 21.57 -5.06
C PRO B 184 15.96 21.08 -5.52
N ASN B 185 16.13 20.93 -6.82
CA ASN B 185 17.44 20.59 -7.37
C ASN B 185 17.73 21.42 -8.62
N LYS B 186 18.93 21.26 -9.16
CA LYS B 186 19.36 22.05 -10.30
C LYS B 186 18.79 21.53 -11.62
N TYR B 187 18.53 20.24 -11.69
CA TYR B 187 18.01 19.63 -12.92
C TYR B 187 16.64 20.21 -13.26
N PHE B 188 15.85 20.47 -12.22
CA PHE B 188 14.54 21.08 -12.40
C PHE B 188 14.69 22.51 -12.93
N ALA B 189 15.76 23.18 -12.52
CA ALA B 189 16.07 24.50 -13.04
C ALA B 189 16.48 24.43 -14.51
N MET B 190 17.16 23.34 -14.86
CA MET B 190 17.52 23.08 -16.25
C MET B 190 16.25 22.90 -17.07
N GLY B 191 15.27 22.21 -16.50
CA GLY B 191 13.99 22.03 -17.14
C GLY B 191 13.27 23.35 -17.32
N LEU B 192 13.24 24.17 -16.27
CA LEU B 192 12.62 25.48 -16.32
C LEU B 192 13.23 26.35 -17.39
N ALA B 193 14.56 26.28 -17.50
CA ALA B 193 15.29 27.07 -18.48
C ALA B 193 15.04 26.57 -19.89
N LEU B 194 14.90 25.26 -20.04
CA LEU B 194 14.60 24.69 -21.35
C LEU B 194 13.22 25.13 -21.80
N ALA B 195 12.26 25.09 -20.89
CA ALA B 195 10.91 25.57 -21.18
C ALA B 195 10.92 27.07 -21.48
N TYR B 196 11.86 27.77 -20.85
CA TYR B 196 11.98 29.22 -20.99
C TYR B 196 12.52 29.63 -22.36
N GLU B 197 13.56 28.94 -22.83
CA GLU B 197 14.17 29.27 -24.11
C GLU B 197 13.36 28.69 -25.26
N TRP B 198 12.78 27.51 -25.04
CA TRP B 198 12.03 26.83 -26.09
C TRP B 198 10.63 27.43 -26.27
N PHE B 199 9.90 27.59 -25.17
CA PHE B 199 8.50 28.00 -25.27
C PHE B 199 8.26 29.41 -24.76
N LYS B 200 9.33 30.15 -24.52
CA LYS B 200 9.26 31.55 -24.11
C LYS B 200 8.39 31.75 -22.88
N VAL B 201 8.47 30.81 -21.94
CA VAL B 201 7.66 30.85 -20.73
C VAL B 201 8.48 31.29 -19.52
N ASN B 202 8.02 32.34 -18.86
CA ASN B 202 8.65 32.85 -17.65
C ASN B 202 8.81 31.76 -16.60
N PRO B 203 10.06 31.45 -16.21
CA PRO B 203 10.33 30.42 -15.21
C PRO B 203 9.71 30.76 -13.86
N ASN B 204 9.64 32.04 -13.53
CA ASN B 204 9.04 32.49 -12.28
C ASN B 204 7.56 32.10 -12.21
N PHE B 205 6.91 32.11 -13.36
CA PHE B 205 5.50 31.72 -13.43
C PHE B 205 5.33 30.23 -13.15
N LEU B 206 6.23 29.41 -13.69
CA LEU B 206 6.20 27.98 -13.43
C LEU B 206 6.51 27.70 -11.96
N MET B 207 7.38 28.53 -11.39
CA MET B 207 7.69 28.45 -9.96
C MET B 207 6.46 28.71 -9.12
N ALA B 208 5.77 29.81 -9.42
CA ALA B 208 4.55 30.17 -8.71
C ALA B 208 3.48 29.08 -8.85
N LEU B 209 3.34 28.57 -10.07
CA LEU B 209 2.36 27.55 -10.37
C LEU B 209 2.62 26.27 -9.58
N ALA B 210 3.85 25.78 -9.62
CA ALA B 210 4.21 24.58 -8.88
C ALA B 210 4.04 24.79 -7.38
N ALA B 211 4.43 25.96 -6.91
CA ALA B 211 4.33 26.30 -5.49
C ALA B 211 2.88 26.29 -5.01
N LYS B 212 1.98 26.85 -5.81
CA LYS B 212 0.57 26.90 -5.45
C LYS B 212 -0.09 25.52 -5.55
N GLU B 213 0.27 24.78 -6.59
CA GLU B 213 -0.37 23.50 -6.87
C GLU B 213 0.07 22.38 -5.92
N ASN B 214 1.33 22.39 -5.49
CA ASN B 214 1.84 21.28 -4.69
C ASN B 214 3.02 21.61 -3.80
N TRP B 215 3.19 22.90 -3.47
CA TRP B 215 4.32 23.35 -2.65
C TRP B 215 5.65 22.88 -3.21
N GLY B 216 5.72 22.74 -4.53
CA GLY B 216 6.87 22.16 -5.18
C GLY B 216 8.12 23.03 -5.17
N THR B 217 7.93 24.34 -5.18
CA THR B 217 9.04 25.27 -5.28
C THR B 217 9.05 26.29 -4.15
N ALA B 218 8.37 25.99 -3.05
CA ALA B 218 8.28 26.93 -1.94
C ALA B 218 8.29 26.25 -0.58
N VAL B 219 8.94 26.89 0.39
CA VAL B 219 8.92 26.43 1.77
C VAL B 219 8.37 27.53 2.67
N THR B 220 8.12 27.22 3.93
CA THR B 220 7.55 28.19 4.85
C THR B 220 8.05 27.96 6.28
N LYS B 221 8.05 29.02 7.07
CA LYS B 221 8.44 28.94 8.48
C LYS B 221 7.24 28.71 9.37
N ASP B 222 6.05 28.63 8.76
CA ASP B 222 4.82 28.39 9.50
C ASP B 222 4.84 27.00 10.14
N PRO B 223 4.61 26.96 11.46
CA PRO B 223 4.69 25.71 12.26
C PRO B 223 3.61 24.70 11.91
N ALA B 224 2.46 25.18 11.45
CA ALA B 224 1.35 24.29 11.11
C ALA B 224 1.69 23.39 9.93
N PHE B 225 2.41 23.95 8.96
CA PHE B 225 2.77 23.22 7.76
C PHE B 225 3.98 22.33 8.02
N LYS B 226 3.70 21.10 8.43
CA LYS B 226 4.75 20.17 8.83
C LYS B 226 5.14 19.27 7.66
N GLY B 227 6.45 19.12 7.44
CA GLY B 227 6.95 18.30 6.37
C GLY B 227 8.46 18.13 6.42
N TYR B 228 9.06 17.90 5.24
CA TYR B 228 10.49 17.70 5.13
C TYR B 228 11.26 18.94 5.57
N LYS B 229 12.26 18.74 6.43
CA LYS B 229 13.05 19.85 6.95
C LYS B 229 14.12 20.28 5.96
N VAL B 230 14.02 21.52 5.47
CA VAL B 230 14.97 22.05 4.51
C VAL B 230 15.81 23.17 5.12
N ILE B 231 17.14 23.02 5.04
CA ILE B 231 18.04 24.00 5.63
C ILE B 231 18.60 24.97 4.59
N ILE B 232 18.33 26.25 4.77
CA ILE B 232 18.86 27.29 3.91
C ILE B 232 19.50 28.40 4.73
N ASP B 233 20.83 28.50 4.64
CA ASP B 233 21.61 29.52 5.35
C ASP B 233 21.40 29.44 6.86
N GLU B 234 21.70 28.28 7.44
CA GLU B 234 21.54 28.03 8.87
C GLU B 234 20.13 28.36 9.37
N GLU B 235 19.15 28.13 8.52
CA GLU B 235 17.75 28.38 8.88
C GLU B 235 16.89 27.17 8.53
N GLU B 236 16.19 26.63 9.53
CA GLU B 236 15.32 25.49 9.33
C GLU B 236 14.02 25.90 8.65
N TYR B 237 13.67 25.19 7.58
CA TYR B 237 12.41 25.43 6.88
C TYR B 237 11.64 24.12 6.70
N TYR B 238 10.33 24.24 6.50
CA TYR B 238 9.50 23.07 6.31
C TYR B 238 8.97 23.02 4.88
N TRP B 239 9.14 21.86 4.23
CA TRP B 239 8.72 21.66 2.86
C TRP B 239 7.54 20.68 2.79
N PRO B 240 6.32 21.20 2.75
CA PRO B 240 5.10 20.37 2.77
C PRO B 240 4.71 19.86 1.38
N VAL B 241 5.68 19.40 0.61
CA VAL B 241 5.38 18.85 -0.71
C VAL B 241 4.97 17.39 -0.59
N GLN B 242 4.01 16.97 -1.41
CA GLN B 242 3.62 15.57 -1.48
C GLN B 242 4.39 14.90 -2.62
N ILE B 243 5.61 14.48 -2.32
CA ILE B 243 6.54 13.98 -3.33
C ILE B 243 6.07 12.66 -3.95
N ASP B 244 5.06 12.03 -3.35
CA ASP B 244 4.60 10.72 -3.80
C ASP B 244 3.43 10.82 -4.77
N HIS B 245 3.02 12.05 -5.08
CA HIS B 245 1.88 12.28 -5.95
C HIS B 245 2.22 11.99 -7.41
N PRO B 246 1.48 11.05 -8.03
CA PRO B 246 1.69 10.66 -9.43
C PRO B 246 1.39 11.78 -10.42
N ASP B 247 0.67 12.82 -9.98
CA ASP B 247 0.35 13.94 -10.85
C ASP B 247 1.47 14.98 -10.89
N GLY B 248 2.59 14.67 -10.24
CA GLY B 248 3.74 15.55 -10.23
C GLY B 248 3.54 16.78 -9.36
N ILE B 249 4.51 17.69 -9.39
CA ILE B 249 4.43 18.90 -8.58
C ILE B 249 3.58 19.98 -9.24
N PHE B 250 3.20 19.73 -10.49
CA PHE B 250 2.35 20.67 -11.22
C PHE B 250 0.90 20.19 -11.24
N GLN B 251 0.66 19.04 -10.63
CA GLN B 251 -0.67 18.44 -10.55
C GLN B 251 -1.32 18.29 -11.91
N VAL B 252 -0.66 17.59 -12.82
CA VAL B 252 -1.18 17.35 -14.15
C VAL B 252 -1.92 16.02 -14.22
N GLU B 253 -3.24 16.08 -14.38
CA GLU B 253 -4.05 14.88 -14.47
C GLU B 253 -3.72 14.10 -15.73
N SER B 254 -3.92 12.79 -15.70
CA SER B 254 -3.56 11.92 -16.81
C SER B 254 -4.37 12.19 -18.08
N GLY B 255 -5.60 12.65 -17.91
CA GLY B 255 -6.45 12.98 -19.05
C GLY B 255 -5.87 14.13 -19.84
N ASN B 256 -5.55 15.21 -19.14
CA ASN B 256 -4.90 16.37 -19.74
C ASN B 256 -3.58 15.97 -20.42
N PHE B 257 -2.82 15.13 -19.74
CA PHE B 257 -1.54 14.65 -20.25
C PHE B 257 -1.71 13.93 -21.59
N ASN B 258 -2.64 12.98 -21.63
CA ASN B 258 -2.89 12.22 -22.85
C ASN B 258 -3.45 13.11 -23.97
N GLN B 259 -4.26 14.09 -23.59
CA GLN B 259 -4.86 14.99 -24.56
C GLN B 259 -3.80 15.85 -25.23
N ILE B 260 -2.93 16.47 -24.45
CA ILE B 260 -1.85 17.29 -25.02
C ILE B 260 -0.78 16.39 -25.63
N LYS B 261 -0.80 15.12 -25.26
CA LYS B 261 0.07 14.13 -25.89
C LYS B 261 -0.39 13.88 -27.31
N ALA B 262 -1.71 13.84 -27.50
CA ALA B 262 -2.28 13.65 -28.83
C ALA B 262 -2.21 14.94 -29.64
N TYR B 263 -2.26 16.08 -28.96
CA TYR B 263 -2.20 17.38 -29.64
C TYR B 263 -0.84 17.62 -30.27
N TYR B 264 0.22 17.23 -29.57
CA TYR B 264 1.58 17.46 -30.06
C TYR B 264 2.32 16.15 -30.34
N PRO B 265 2.24 15.68 -31.60
CA PRO B 265 2.97 14.47 -31.99
C PRO B 265 4.46 14.73 -32.14
N ASP B 266 4.82 15.98 -32.43
CA ASP B 266 6.21 16.35 -32.64
C ASP B 266 7.01 16.40 -31.35
N ILE B 267 6.30 16.52 -30.23
CA ILE B 267 6.97 16.68 -28.94
C ILE B 267 6.94 15.39 -28.12
N PHE B 268 5.79 14.73 -28.10
CA PHE B 268 5.63 13.52 -27.28
C PHE B 268 5.62 12.25 -28.13
N PRO B 269 6.58 11.35 -27.86
CA PRO B 269 6.61 10.02 -28.48
C PRO B 269 5.46 9.15 -28.00
N ASP B 270 5.18 8.06 -28.71
CA ASP B 270 4.02 7.22 -28.42
C ASP B 270 4.15 6.45 -27.11
N THR B 271 5.38 6.16 -26.70
CA THR B 271 5.63 5.34 -25.52
C THR B 271 5.57 6.14 -24.23
N ALA B 272 5.21 7.43 -24.33
CA ALA B 272 5.18 8.32 -23.18
C ALA B 272 4.13 7.89 -22.15
N ASP B 273 4.49 7.99 -20.88
CA ASP B 273 3.58 7.60 -19.80
C ASP B 273 3.42 8.75 -18.80
N HIS B 274 2.21 8.90 -18.27
CA HIS B 274 1.90 9.99 -17.34
C HIS B 274 2.78 9.96 -16.09
N ASP B 275 2.75 8.83 -15.38
CA ASP B 275 3.48 8.70 -14.13
C ASP B 275 4.99 8.80 -14.32
N ASP B 276 5.47 8.30 -15.46
CA ASP B 276 6.90 8.32 -15.76
C ASP B 276 7.41 9.75 -15.98
N TYR B 277 6.60 10.56 -16.65
CA TYR B 277 7.01 11.92 -16.99
C TYR B 277 6.74 12.92 -15.88
N MET B 278 5.69 12.68 -15.09
CA MET B 278 5.26 13.66 -14.10
C MET B 278 5.70 13.35 -12.68
N LYS B 279 5.44 12.13 -12.21
CA LYS B 279 5.73 11.77 -10.83
C LYS B 279 7.22 11.77 -10.53
N VAL B 280 7.64 12.67 -9.66
CA VAL B 280 9.04 12.76 -9.25
C VAL B 280 9.26 11.99 -7.95
N SER B 281 10.51 11.98 -7.50
CA SER B 281 10.85 11.36 -6.22
C SER B 281 11.82 12.25 -5.45
N LEU B 282 12.18 11.84 -4.25
CA LEU B 282 13.13 12.60 -3.44
C LEU B 282 14.52 12.58 -4.09
N ASP B 283 14.81 11.51 -4.82
CA ASP B 283 16.06 11.40 -5.57
C ASP B 283 16.04 12.34 -6.77
N PRO B 284 17.01 13.28 -6.82
CA PRO B 284 17.10 14.26 -7.92
C PRO B 284 17.45 13.63 -9.26
N ASN B 285 17.91 12.38 -9.24
CA ASN B 285 18.28 11.69 -10.47
C ASN B 285 17.08 11.22 -11.29
N ASP B 286 15.88 11.37 -10.73
CA ASP B 286 14.65 10.98 -11.43
C ASP B 286 14.47 11.84 -12.68
N THR B 287 14.18 11.17 -13.80
CA THR B 287 14.03 11.85 -15.09
C THR B 287 12.90 12.88 -15.06
N ALA B 288 11.85 12.56 -14.30
CA ALA B 288 10.66 13.40 -14.22
C ALA B 288 11.01 14.84 -13.84
N TRP B 289 11.99 15.01 -12.97
CA TRP B 289 12.41 16.33 -12.50
C TRP B 289 12.77 17.28 -13.65
N ILE B 290 13.14 16.71 -14.78
CA ILE B 290 13.45 17.51 -15.96
C ILE B 290 12.24 17.60 -16.88
N THR B 291 11.48 16.52 -16.97
CA THR B 291 10.36 16.45 -17.90
C THR B 291 9.12 17.16 -17.37
N SER B 292 8.99 17.20 -16.04
CA SER B 292 7.81 17.79 -15.40
C SER B 292 7.55 19.26 -15.74
N PRO B 293 8.58 20.13 -15.66
CA PRO B 293 8.26 21.53 -15.97
C PRO B 293 7.85 21.74 -17.44
N ILE B 294 8.69 21.30 -18.37
CA ILE B 294 8.45 21.46 -19.80
C ILE B 294 7.03 21.07 -20.19
N VAL B 295 6.66 19.83 -19.87
CA VAL B 295 5.31 19.33 -20.13
C VAL B 295 4.26 20.33 -19.66
N ALA B 296 4.37 20.76 -18.41
CA ALA B 296 3.44 21.73 -17.85
C ALA B 296 3.37 22.95 -18.75
N ALA B 297 4.54 23.50 -19.05
CA ALA B 297 4.62 24.66 -19.93
C ALA B 297 3.88 24.38 -21.23
N VAL B 298 4.17 23.22 -21.83
CA VAL B 298 3.52 22.82 -23.07
C VAL B 298 2.01 22.93 -22.91
N SER B 299 1.48 22.33 -21.84
CA SER B 299 0.06 22.38 -21.55
C SER B 299 -0.40 23.84 -21.57
N LEU B 300 0.27 24.66 -20.77
CA LEU B 300 -0.05 26.08 -20.72
C LEU B 300 -0.03 26.66 -22.12
N THR B 301 1.07 26.42 -22.83
CA THR B 301 1.25 26.93 -24.19
C THR B 301 0.07 26.51 -25.05
N MET B 302 -0.33 25.25 -24.91
CA MET B 302 -1.44 24.70 -25.69
C MET B 302 -2.66 25.61 -25.56
N GLU B 303 -3.02 25.94 -24.31
CA GLU B 303 -4.17 26.80 -24.06
C GLU B 303 -4.07 28.06 -24.89
N ARG B 304 -2.92 28.72 -24.78
CA ARG B 304 -2.68 29.95 -25.53
C ARG B 304 -2.88 29.70 -27.02
N GLU B 305 -2.25 28.64 -27.52
CA GLU B 305 -2.37 28.26 -28.93
C GLU B 305 -3.84 28.17 -29.30
N LEU B 306 -4.61 27.50 -28.44
CA LEU B 306 -6.03 27.29 -28.68
C LEU B 306 -6.73 28.62 -28.91
N LEU B 307 -6.46 29.59 -28.05
CA LEU B 307 -7.10 30.90 -28.18
C LEU B 307 -6.71 31.53 -29.51
N TYR B 308 -5.43 31.40 -29.87
CA TYR B 308 -4.93 31.96 -31.12
C TYR B 308 -5.62 31.34 -32.32
N ALA B 309 -6.13 30.12 -32.14
CA ALA B 309 -6.81 29.44 -33.23
C ALA B 309 -8.27 29.87 -33.31
N ALA B 310 -8.82 30.32 -32.18
CA ALA B 310 -10.25 30.62 -32.11
C ALA B 310 -10.54 32.10 -32.32
N VAL B 311 -9.61 32.95 -31.93
CA VAL B 311 -9.83 34.39 -31.97
C VAL B 311 -8.95 35.07 -33.01
N GLY B 312 -7.77 34.48 -33.25
CA GLY B 312 -6.86 35.02 -34.24
C GLY B 312 -6.30 36.38 -33.86
N ASP B 313 -6.22 37.27 -34.86
CA ASP B 313 -5.64 38.59 -34.69
C ASP B 313 -6.23 39.34 -33.49
N LYS B 314 -7.54 39.17 -33.31
CA LYS B 314 -8.28 39.84 -32.22
C LYS B 314 -7.61 39.61 -30.87
N TYR B 315 -7.09 38.40 -30.67
CA TYR B 315 -6.31 38.07 -29.47
C TYR B 315 -5.27 39.16 -29.21
N ASN B 316 -4.37 39.34 -30.17
CA ASN B 316 -3.33 40.37 -30.06
C ASN B 316 -3.94 41.75 -29.82
N GLU B 317 -5.07 42.01 -30.48
CA GLU B 317 -5.75 43.29 -30.32
C GLU B 317 -6.11 43.50 -28.86
N PHE B 318 -6.64 42.45 -28.24
CA PHE B 318 -7.00 42.50 -26.82
C PHE B 318 -5.79 42.90 -25.99
N LEU B 319 -4.62 42.37 -26.37
CA LEU B 319 -3.40 42.60 -25.62
C LEU B 319 -3.04 44.09 -25.56
N ARG B 320 -3.49 44.86 -26.54
CA ARG B 320 -3.18 46.29 -26.56
C ARG B 320 -4.36 47.12 -26.09
N LEU B 321 -5.48 46.47 -25.81
CA LEU B 321 -6.68 47.19 -25.40
C LEU B 321 -7.06 46.87 -23.95
N ALA B 322 -6.49 45.79 -23.42
CA ALA B 322 -6.77 45.40 -22.04
C ALA B 322 -6.09 46.35 -21.06
N LYS B 323 -6.87 46.87 -20.11
CA LYS B 323 -6.33 47.77 -19.10
C LYS B 323 -5.50 47.01 -18.08
N ASP B 324 -5.91 45.79 -17.77
CA ASP B 324 -5.18 44.94 -16.84
C ASP B 324 -3.90 44.41 -17.49
N PRO B 325 -2.75 44.76 -16.91
CA PRO B 325 -1.45 44.36 -17.45
C PRO B 325 -1.09 42.90 -17.17
N TRP B 326 -1.98 42.18 -16.49
CA TRP B 326 -1.74 40.79 -16.15
C TRP B 326 -2.82 39.87 -16.71
N ALA B 327 -3.66 40.42 -17.58
CA ALA B 327 -4.84 39.72 -18.09
C ALA B 327 -4.53 38.33 -18.67
N GLU B 328 -3.51 38.26 -19.52
CA GLU B 328 -3.16 37.01 -20.19
C GLU B 328 -2.76 35.93 -19.17
N THR B 329 -1.98 36.33 -18.19
CA THR B 329 -1.55 35.42 -17.13
C THR B 329 -2.75 34.89 -16.36
N GLU B 330 -3.70 35.79 -16.08
CA GLU B 330 -4.93 35.43 -15.38
C GLU B 330 -5.72 34.39 -16.16
N ILE B 331 -5.98 34.70 -17.43
CA ILE B 331 -6.74 33.79 -18.30
C ILE B 331 -6.08 32.42 -18.42
N ILE B 332 -4.77 32.41 -18.68
CA ILE B 332 -4.04 31.16 -18.85
C ILE B 332 -4.03 30.32 -17.57
N ASP B 333 -3.71 30.95 -16.44
CA ASP B 333 -3.68 30.24 -15.16
C ASP B 333 -5.05 29.68 -14.80
N PHE B 334 -6.07 30.53 -14.88
CA PHE B 334 -7.45 30.14 -14.61
C PHE B 334 -7.87 28.98 -15.50
N GLY B 335 -7.46 29.03 -16.76
CA GLY B 335 -7.73 27.96 -17.69
C GLY B 335 -6.99 26.69 -17.35
N TYR B 336 -5.83 26.84 -16.70
CA TYR B 336 -5.05 25.68 -16.31
C TYR B 336 -5.66 24.98 -15.11
N ASN B 337 -6.16 25.76 -14.16
CA ASN B 337 -6.80 25.21 -12.97
C ASN B 337 -8.15 24.59 -13.30
N ARG B 338 -8.99 25.34 -14.00
CA ARG B 338 -10.37 24.94 -14.23
C ARG B 338 -10.55 24.12 -15.51
N GLY B 339 -9.96 24.61 -16.60
CA GLY B 339 -10.10 23.96 -17.89
C GLY B 339 -10.34 24.99 -18.97
N VAL B 340 -10.09 24.63 -20.22
CA VAL B 340 -10.29 25.55 -21.33
C VAL B 340 -11.77 25.87 -21.51
N GLY B 341 -12.61 24.98 -21.00
CA GLY B 341 -14.05 25.16 -21.05
C GLY B 341 -14.49 26.34 -20.21
N ALA B 342 -13.73 26.62 -19.15
CA ALA B 342 -14.00 27.77 -18.31
C ALA B 342 -13.74 29.07 -19.07
N ILE B 343 -12.64 29.10 -19.80
CA ILE B 343 -12.31 30.23 -20.64
C ILE B 343 -13.37 30.42 -21.72
N GLU B 344 -13.76 29.32 -22.35
CA GLU B 344 -14.79 29.35 -23.38
C GLU B 344 -16.11 29.84 -22.81
N ALA B 345 -16.34 29.56 -21.54
CA ALA B 345 -17.57 29.96 -20.87
C ALA B 345 -17.56 31.43 -20.51
N LEU B 346 -16.37 31.95 -20.17
CA LEU B 346 -16.23 33.36 -19.83
C LEU B 346 -16.59 34.25 -21.02
N LYS B 347 -16.26 33.78 -22.22
CA LYS B 347 -16.53 34.52 -23.45
C LYS B 347 -16.05 35.96 -23.39
N ILE B 348 -14.73 36.12 -23.24
CA ILE B 348 -14.12 37.44 -23.22
C ILE B 348 -14.06 38.05 -24.62
N PHE B 349 -13.68 37.23 -25.59
CA PHE B 349 -13.50 37.71 -26.96
C PHE B 349 -14.80 37.63 -27.76
N SER B 350 -15.91 37.36 -27.08
CA SER B 350 -17.19 37.20 -27.75
C SER B 350 -18.25 38.17 -27.23
N ASP B 351 -19.09 37.68 -26.34
CA ASP B 351 -20.24 38.44 -25.85
C ASP B 351 -19.87 39.50 -24.82
N ASN B 352 -18.79 39.27 -24.08
CA ASN B 352 -18.37 40.19 -23.02
C ASN B 352 -17.00 40.78 -23.26
N TRP B 353 -16.85 41.52 -24.36
CA TRP B 353 -15.58 42.15 -24.73
C TRP B 353 -15.38 43.46 -23.97
N GLU B 354 -16.42 44.29 -23.96
CA GLU B 354 -16.36 45.62 -23.36
C GLU B 354 -15.99 45.60 -21.87
N LYS B 355 -16.73 44.83 -21.09
CA LYS B 355 -16.46 44.74 -19.65
C LYS B 355 -15.05 44.21 -19.41
N ALA B 356 -14.62 43.31 -20.28
CA ALA B 356 -13.29 42.71 -20.16
C ALA B 356 -12.18 43.74 -20.37
N ILE B 357 -12.28 44.51 -21.44
CA ILE B 357 -11.24 45.48 -21.77
C ILE B 357 -11.34 46.76 -20.94
N ASN B 358 -12.48 46.97 -20.28
CA ASN B 358 -12.69 48.17 -19.47
C ASN B 358 -12.33 47.96 -17.99
N ALA B 359 -12.41 46.72 -17.54
CA ALA B 359 -12.10 46.39 -16.15
C ALA B 359 -10.61 46.48 -15.89
N GLU B 360 -10.23 47.26 -14.88
CA GLU B 360 -8.83 47.44 -14.53
C GLU B 360 -8.26 46.18 -13.88
N VAL B 361 -9.09 45.49 -13.09
CA VAL B 361 -8.70 44.21 -12.52
C VAL B 361 -9.60 43.11 -13.09
N LEU B 362 -9.05 42.34 -14.03
CA LEU B 362 -9.84 41.36 -14.77
C LEU B 362 -10.37 40.23 -13.89
N TRP B 363 -9.53 39.69 -13.02
CA TRP B 363 -9.89 38.51 -12.26
C TRP B 363 -10.85 38.81 -11.11
N LYS B 364 -10.96 40.08 -10.73
CA LYS B 364 -11.88 40.48 -9.67
C LYS B 364 -13.27 40.75 -10.23
N GLU B 365 -13.33 41.35 -11.41
CA GLU B 365 -14.59 41.71 -12.04
C GLU B 365 -15.31 40.52 -12.64
N PHE B 366 -14.58 39.44 -12.89
CA PHE B 366 -15.17 38.24 -13.49
C PHE B 366 -15.36 37.13 -12.46
N ASN B 367 -15.03 37.43 -11.21
CA ASN B 367 -15.21 36.49 -10.10
C ASN B 367 -14.50 35.15 -10.33
N MET B 368 -13.42 35.18 -11.10
CA MET B 368 -12.65 33.98 -11.37
C MET B 368 -11.61 33.76 -10.28
N GLU B 369 -12.09 33.36 -9.11
CA GLU B 369 -11.24 33.17 -7.94
C GLU B 369 -10.42 31.89 -8.04
N GLY B 370 -10.94 30.91 -8.78
CA GLY B 370 -10.28 29.62 -8.90
C GLY B 370 -10.55 28.76 -7.69
N PHE B 371 -9.60 27.88 -7.36
CA PHE B 371 -9.74 27.01 -6.19
C PHE B 371 -8.89 27.53 -5.04
N GLY B 372 -9.54 28.17 -4.07
CA GLY B 372 -8.85 28.72 -2.92
C GLY B 372 -7.94 29.88 -3.26
N GLY B 373 -8.43 30.76 -4.14
CA GLY B 373 -7.65 31.90 -4.58
C GLY B 373 -6.40 31.48 -5.34
N HIS B 374 -6.61 30.77 -6.45
CA HIS B 374 -5.50 30.24 -7.24
C HIS B 374 -4.84 31.34 -8.07
N VAL B 375 -5.64 31.95 -8.93
CA VAL B 375 -5.17 33.00 -9.84
C VAL B 375 -4.43 34.14 -9.11
N PRO B 376 -5.06 34.78 -8.10
CA PRO B 376 -4.34 35.91 -7.49
C PRO B 376 -3.05 35.48 -6.79
N THR B 377 -3.04 34.27 -6.23
CA THR B 377 -1.85 33.75 -5.58
C THR B 377 -0.72 33.58 -6.59
N VAL B 378 -1.02 32.91 -7.70
CA VAL B 378 -0.02 32.69 -8.74
C VAL B 378 0.52 34.01 -9.30
N ILE B 379 -0.39 34.93 -9.62
CA ILE B 379 0.00 36.25 -10.10
C ILE B 379 0.92 36.97 -9.12
N ASN B 380 0.50 37.03 -7.87
CA ASN B 380 1.27 37.71 -6.83
C ASN B 380 2.66 37.11 -6.65
N ILE B 381 2.75 35.79 -6.58
CA ILE B 381 4.05 35.13 -6.42
C ILE B 381 4.94 35.39 -7.63
N THR B 382 4.35 35.35 -8.82
CA THR B 382 5.09 35.64 -10.04
C THR B 382 5.67 37.05 -10.01
N ALA B 383 4.83 38.03 -9.68
CA ALA B 383 5.25 39.43 -9.63
C ALA B 383 6.32 39.66 -8.56
N THR B 384 6.16 38.99 -7.43
CA THR B 384 7.11 39.11 -6.32
C THR B 384 8.47 38.55 -6.72
N MET B 385 8.46 37.38 -7.35
CA MET B 385 9.70 36.77 -7.84
C MET B 385 10.33 37.62 -8.95
N ASP B 386 9.47 38.37 -9.65
CA ASP B 386 9.95 39.26 -10.70
C ASP B 386 10.62 40.51 -10.13
N MET B 387 10.10 41.00 -9.01
CA MET B 387 10.63 42.21 -8.39
C MET B 387 11.90 41.96 -7.60
N GLU B 388 12.20 40.70 -7.34
CA GLU B 388 13.36 40.34 -6.51
C GLU B 388 14.69 40.67 -7.17
N THR B 389 15.46 41.54 -6.53
CA THR B 389 16.77 41.95 -7.03
C THR B 389 17.86 41.57 -6.02
N GLU B 390 17.44 41.30 -4.79
CA GLU B 390 18.37 40.98 -3.71
C GLU B 390 19.08 39.64 -3.93
N ARG B 391 18.29 38.60 -4.16
CA ARG B 391 18.82 37.24 -4.24
C ARG B 391 18.29 36.47 -5.45
N ILE B 392 19.19 36.06 -6.33
CA ILE B 392 18.84 35.30 -7.52
C ILE B 392 19.43 33.90 -7.45
N TYR B 393 18.67 32.90 -7.90
CA TYR B 393 19.12 31.52 -7.86
C TYR B 393 20.25 31.27 -8.85
N ASP B 394 21.25 30.51 -8.41
CA ASP B 394 22.37 30.12 -9.25
C ASP B 394 22.83 28.71 -8.89
N ALA B 395 23.48 28.03 -9.82
CA ALA B 395 23.94 26.67 -9.59
C ALA B 395 25.17 26.34 -10.43
N ASN B 396 25.91 25.32 -9.99
CA ASN B 396 27.13 24.90 -10.66
C ASN B 396 26.89 23.61 -11.44
N LEU B 397 27.38 23.55 -12.67
CA LEU B 397 27.11 22.41 -13.53
C LEU B 397 28.38 21.74 -14.04
N THR B 398 28.52 20.44 -13.75
CA THR B 398 29.61 19.66 -14.33
C THR B 398 29.20 19.18 -15.71
N TRP B 399 30.14 18.63 -16.46
CA TRP B 399 29.83 18.15 -17.80
C TRP B 399 28.90 16.95 -17.78
N ASP B 400 29.09 16.07 -16.82
CA ASP B 400 28.26 14.88 -16.69
C ASP B 400 26.80 15.24 -16.44
N ASP B 401 26.57 16.37 -15.80
CA ASP B 401 25.22 16.88 -15.57
C ASP B 401 24.56 17.30 -16.90
N ILE B 402 25.34 17.98 -17.73
CA ILE B 402 24.87 18.40 -19.04
C ILE B 402 24.56 17.19 -19.92
N GLU B 403 25.49 16.24 -19.94
CA GLU B 403 25.35 14.98 -20.67
C GLU B 403 24.07 14.26 -20.23
N TYR B 404 23.89 14.15 -18.93
CA TYR B 404 22.70 13.55 -18.33
C TYR B 404 21.44 14.26 -18.84
N PHE B 405 21.46 15.58 -18.76
CA PHE B 405 20.32 16.39 -19.19
C PHE B 405 19.92 16.11 -20.64
N PHE B 406 20.87 16.27 -21.56
CA PHE B 406 20.57 16.10 -22.98
C PHE B 406 20.21 14.66 -23.33
N THR B 407 20.80 13.71 -22.61
CA THR B 407 20.45 12.30 -22.81
C THR B 407 18.98 12.07 -22.41
N VAL B 408 18.59 12.66 -21.28
CA VAL B 408 17.21 12.60 -20.83
C VAL B 408 16.27 13.23 -21.86
N VAL B 409 16.66 14.39 -22.38
CA VAL B 409 15.87 15.07 -23.40
C VAL B 409 15.67 14.19 -24.63
N ARG B 410 16.75 13.57 -25.09
CA ARG B 410 16.69 12.69 -26.24
C ARG B 410 15.79 11.48 -25.97
N GLN B 411 15.87 10.95 -24.75
CA GLN B 411 15.14 9.75 -24.39
C GLN B 411 13.64 9.97 -24.23
N LYS B 412 13.26 11.11 -23.65
CA LYS B 412 11.87 11.34 -23.26
C LYS B 412 11.06 12.14 -24.28
N PHE B 413 11.73 12.98 -25.06
CA PHE B 413 11.03 13.84 -26.00
C PHE B 413 11.31 13.49 -27.46
N PHE B 414 10.71 14.28 -28.36
CA PHE B 414 10.89 14.15 -29.82
C PHE B 414 10.44 12.80 -30.36
N ARG B 415 10.70 12.61 -31.65
CA ARG B 415 10.20 11.43 -32.37
C ARG B 415 11.25 10.93 -33.37
N PRO B 416 11.33 9.63 -33.54
CA PRO B 416 12.35 9.13 -34.43
C PRO B 416 12.08 9.82 -35.75
N GLY B 417 13.13 10.43 -36.25
CA GLY B 417 13.13 11.08 -37.55
C GLY B 417 13.30 12.58 -37.45
N ALA B 418 13.03 13.12 -36.27
CA ALA B 418 13.16 14.56 -36.04
C ALA B 418 14.62 14.98 -36.07
N ILE B 419 15.45 14.25 -35.33
CA ILE B 419 16.90 14.49 -35.33
C ILE B 419 17.63 13.16 -35.43
N SER B 420 18.33 12.94 -36.54
CA SER B 420 19.09 11.72 -36.75
C SER B 420 20.31 11.68 -35.83
N ASP B 421 21.00 10.54 -35.82
CA ASP B 421 22.12 10.33 -34.90
C ASP B 421 23.30 11.26 -35.17
N GLU B 422 23.60 11.48 -36.44
CA GLU B 422 24.80 12.23 -36.83
C GLU B 422 24.84 13.63 -36.24
N GLU B 423 23.90 14.48 -36.67
CA GLU B 423 23.93 15.88 -36.27
C GLU B 423 23.58 16.07 -34.80
N TRP B 424 23.06 15.02 -34.17
CA TRP B 424 22.85 15.06 -32.72
C TRP B 424 24.19 14.86 -32.02
N ASN B 425 24.96 13.88 -32.48
CA ASN B 425 26.31 13.68 -31.96
C ASN B 425 27.17 14.92 -32.19
N ALA B 426 27.09 15.48 -33.40
CA ALA B 426 27.79 16.71 -33.74
C ALA B 426 27.32 17.87 -32.86
N MET B 427 26.03 17.90 -32.58
CA MET B 427 25.46 18.90 -31.69
C MET B 427 26.09 18.80 -30.32
N MET B 428 26.18 17.58 -29.79
CA MET B 428 26.78 17.36 -28.48
C MET B 428 28.26 17.71 -28.49
N ARG B 429 28.91 17.58 -29.63
CA ARG B 429 30.31 18.00 -29.75
C ARG B 429 30.41 19.53 -29.68
N ASP B 430 29.49 20.22 -30.33
CA ASP B 430 29.46 21.68 -30.28
C ASP B 430 29.14 22.18 -28.87
N VAL B 431 28.28 21.45 -28.16
CA VAL B 431 27.94 21.78 -26.78
C VAL B 431 29.15 21.52 -25.88
N LYS B 432 29.90 20.48 -26.21
CA LYS B 432 31.16 20.19 -25.51
C LYS B 432 32.10 21.38 -25.65
N ARG B 433 32.28 21.83 -26.90
CA ARG B 433 33.10 23.00 -27.19
C ARG B 433 32.65 24.22 -26.39
N ALA B 434 31.36 24.52 -26.45
CA ALA B 434 30.81 25.67 -25.73
C ALA B 434 31.10 25.58 -24.24
N TYR B 435 30.79 24.43 -23.66
CA TYR B 435 31.04 24.16 -22.24
C TYR B 435 32.47 24.46 -21.87
N ASP B 436 33.41 23.78 -22.53
CA ASP B 436 34.83 23.96 -22.21
C ASP B 436 35.30 25.39 -22.46
N LEU B 437 34.66 26.08 -23.41
CA LEU B 437 35.04 27.44 -23.75
C LEU B 437 34.67 28.43 -22.65
N LEU B 438 33.41 28.43 -22.23
CA LEU B 438 33.00 29.40 -21.22
C LEU B 438 33.07 28.83 -19.80
N SER B 439 33.81 27.74 -19.64
CA SER B 439 34.11 27.21 -18.31
C SER B 439 35.46 27.73 -17.86
N GLN B 440 36.23 28.26 -18.81
CA GLN B 440 37.55 28.80 -18.52
C GLN B 440 37.46 30.06 -17.66
N HIS B 441 36.27 30.64 -17.60
CA HIS B 441 36.04 31.83 -16.79
C HIS B 441 35.87 31.45 -15.32
N TRP B 442 35.43 30.22 -15.06
CA TRP B 442 35.16 29.78 -13.70
C TRP B 442 36.23 28.83 -13.18
N GLY B 443 37.15 28.44 -14.05
CA GLY B 443 38.24 27.55 -13.66
C GLY B 443 38.14 26.18 -14.29
N GLY B 444 37.22 26.03 -15.23
CA GLY B 444 37.07 24.79 -15.98
C GLY B 444 36.51 23.64 -15.16
N ASP B 445 36.06 23.93 -13.94
CA ASP B 445 35.50 22.91 -13.07
C ASP B 445 33.98 22.92 -13.09
N HIS B 446 33.40 24.04 -13.52
CA HIS B 446 31.95 24.17 -13.59
C HIS B 446 31.53 25.37 -14.44
N ILE B 447 30.26 25.39 -14.83
CA ILE B 447 29.69 26.54 -15.51
C ILE B 447 28.51 27.08 -14.72
N SER B 448 28.33 28.41 -14.76
CA SER B 448 27.23 29.04 -14.03
C SER B 448 25.91 28.82 -14.75
N TYR B 449 24.93 28.28 -14.02
CA TYR B 449 23.60 28.08 -14.57
C TYR B 449 23.02 29.40 -15.07
N ARG B 450 22.87 30.35 -14.15
CA ARG B 450 22.27 31.65 -14.43
C ARG B 450 22.90 32.36 -15.62
N TYR B 451 24.22 32.42 -15.65
CA TYR B 451 24.93 33.20 -16.67
C TYR B 451 25.09 32.46 -17.99
N ASP B 452 25.31 31.15 -17.93
CA ASP B 452 25.76 30.41 -19.11
C ASP B 452 24.72 29.48 -19.75
N PHE B 453 23.76 29.00 -18.98
CA PHE B 453 22.92 27.93 -19.49
C PHE B 453 22.02 28.34 -20.66
N LEU B 454 21.68 29.62 -20.75
CA LEU B 454 20.94 30.10 -21.91
C LEU B 454 21.80 29.99 -23.16
N THR B 455 23.08 30.34 -23.01
CA THR B 455 24.03 30.24 -24.10
C THR B 455 24.19 28.79 -24.53
N ILE B 456 24.37 27.90 -23.55
CA ILE B 456 24.48 26.47 -23.83
C ILE B 456 23.25 25.97 -24.60
N LEU B 457 22.07 26.35 -24.10
CA LEU B 457 20.81 25.96 -24.71
C LEU B 457 20.71 26.43 -26.15
N ARG B 458 21.10 27.68 -26.40
CA ARG B 458 21.03 28.24 -27.75
C ARG B 458 22.00 27.55 -28.71
N VAL B 459 23.21 27.28 -28.22
CA VAL B 459 24.19 26.51 -28.99
C VAL B 459 23.60 25.15 -29.36
N ALA B 460 22.90 24.53 -28.41
CA ALA B 460 22.26 23.25 -28.67
C ALA B 460 21.08 23.39 -29.64
N MET B 461 20.46 24.55 -29.65
CA MET B 461 19.26 24.79 -30.45
C MET B 461 19.60 25.31 -31.84
N LYS B 462 20.88 25.52 -32.10
CA LYS B 462 21.33 25.89 -33.45
C LYS B 462 21.15 24.74 -34.43
N HIS B 463 20.94 23.54 -33.90
CA HIS B 463 20.77 22.34 -34.72
C HIS B 463 19.35 21.79 -34.69
N TRP B 464 18.56 22.24 -33.71
CA TRP B 464 17.17 21.80 -33.56
C TRP B 464 16.34 22.15 -34.78
N PRO B 465 15.44 21.23 -35.18
CA PRO B 465 14.56 21.43 -36.34
C PRO B 465 13.73 22.71 -36.21
N GLU B 466 13.84 23.59 -37.20
CA GLU B 466 13.12 24.86 -37.18
C GLU B 466 11.94 24.80 -38.15
N PRO B 467 10.81 25.42 -37.77
CA PRO B 467 10.54 26.22 -36.57
C PRO B 467 10.60 25.42 -35.28
N HIS B 468 11.17 26.02 -34.23
CA HIS B 468 11.42 25.33 -32.98
C HIS B 468 10.13 24.91 -32.28
N ILE B 469 9.08 25.71 -32.43
CA ILE B 469 7.78 25.39 -31.82
C ILE B 469 6.81 24.87 -32.88
N PRO B 470 6.53 23.56 -32.86
CA PRO B 470 5.66 22.90 -33.84
C PRO B 470 4.20 23.25 -33.64
N ARG B 471 3.41 23.11 -34.71
CA ARG B 471 1.98 23.38 -34.63
C ARG B 471 1.23 22.20 -34.01
N PRO B 472 0.39 22.48 -33.02
CA PRO B 472 -0.50 21.46 -32.45
C PRO B 472 -1.49 20.96 -33.50
N THR B 473 -1.44 19.67 -33.81
CA THR B 473 -2.29 19.11 -34.85
C THR B 473 -2.91 17.79 -34.42
N GLY B 474 -3.53 17.10 -35.37
CA GLY B 474 -4.14 15.81 -35.10
C GLY B 474 -5.66 15.86 -35.14
N ASP B 475 -6.28 14.71 -34.90
CA ASP B 475 -7.74 14.61 -34.95
C ASP B 475 -8.39 15.41 -33.84
N ASP B 476 -8.08 15.07 -32.59
CA ASP B 476 -8.66 15.75 -31.43
C ASP B 476 -8.53 17.26 -31.52
N TRP B 477 -7.34 17.71 -31.91
CA TRP B 477 -7.05 19.13 -31.96
C TRP B 477 -7.97 19.91 -32.88
N TYR B 478 -8.15 19.41 -34.10
CA TYR B 478 -8.97 20.08 -35.11
C TYR B 478 -10.34 20.46 -34.56
N TYR B 479 -11.01 19.49 -33.97
CA TYR B 479 -12.43 19.65 -33.64
C TYR B 479 -12.63 20.16 -32.22
N HIS B 480 -11.59 20.07 -31.39
CA HIS B 480 -11.66 20.71 -30.09
C HIS B 480 -11.34 22.19 -30.23
N ALA B 481 -10.61 22.55 -31.28
CA ALA B 481 -10.22 23.93 -31.51
C ALA B 481 -11.24 24.67 -32.36
N ARG B 482 -11.85 23.95 -33.30
CA ARG B 482 -12.83 24.57 -34.18
C ARG B 482 -14.16 24.81 -33.47
N ASN B 483 -14.49 23.91 -32.55
CA ASN B 483 -15.72 24.03 -31.76
C ASN B 483 -15.58 25.12 -30.70
N TYR B 484 -14.36 25.60 -30.50
CA TYR B 484 -14.05 26.57 -29.47
C TYR B 484 -14.60 27.96 -29.81
N ASN B 485 -15.61 28.40 -29.07
CA ASN B 485 -16.16 29.74 -29.23
C ASN B 485 -16.09 30.55 -27.94
N PRO B 486 -14.91 31.16 -27.67
CA PRO B 486 -14.68 31.96 -26.46
C PRO B 486 -15.31 33.34 -26.55
N ALA C 2 33.17 0.61 35.05
CA ALA C 2 33.79 1.92 35.18
C ALA C 2 33.84 2.39 36.62
N TYR C 3 34.99 2.20 37.27
CA TYR C 3 35.17 2.62 38.65
C TYR C 3 36.23 3.70 38.76
N ARG C 4 36.21 4.44 39.86
CA ARG C 4 37.09 5.58 40.03
C ARG C 4 37.28 5.94 41.51
N ILE C 5 38.53 6.13 41.92
CA ILE C 5 38.82 6.56 43.29
C ILE C 5 38.35 7.99 43.50
N VAL C 6 37.26 8.16 44.24
CA VAL C 6 36.74 9.49 44.51
C VAL C 6 37.67 10.26 45.41
N SER C 7 38.15 9.59 46.46
CA SER C 7 39.03 10.23 47.44
C SER C 7 39.70 9.22 48.35
N GLU C 8 40.97 9.47 48.67
CA GLU C 8 41.66 8.71 49.70
C GLU C 8 42.11 9.63 50.83
N THR C 9 41.41 9.55 51.96
CA THR C 9 41.72 10.40 53.11
C THR C 9 41.96 9.54 54.34
N GLY C 10 43.11 9.77 54.99
CA GLY C 10 43.47 8.99 56.16
C GLY C 10 43.79 7.56 55.78
N ASP C 11 42.88 6.64 56.12
CA ASP C 11 43.08 5.24 55.81
C ASP C 11 41.89 4.66 55.06
N LYS C 12 40.89 5.50 54.80
CA LYS C 12 39.68 5.05 54.10
C LYS C 12 39.70 5.47 52.63
N ILE C 13 39.37 4.52 51.76
CA ILE C 13 39.35 4.77 50.33
C ILE C 13 37.92 4.74 49.80
N THR C 14 37.51 5.81 49.11
CA THR C 14 36.15 5.90 48.61
C THR C 14 36.11 5.75 47.10
N VAL C 15 35.47 4.68 46.63
CA VAL C 15 35.43 4.35 45.21
C VAL C 15 34.01 4.42 44.64
N GLU C 16 33.88 5.01 43.45
CA GLU C 16 32.58 5.11 42.79
C GLU C 16 32.51 4.15 41.60
N LEU C 17 31.67 3.13 41.72
CA LEU C 17 31.47 2.18 40.63
C LEU C 17 30.22 2.53 39.83
N THR C 18 30.41 2.91 38.57
CA THR C 18 29.29 3.28 37.72
C THR C 18 28.84 2.09 36.88
N LEU C 19 27.73 1.49 37.28
CA LEU C 19 27.14 0.37 36.54
C LEU C 19 25.97 0.87 35.69
N ALA C 20 26.07 0.70 34.38
CA ALA C 20 25.06 1.28 33.50
C ALA C 20 24.88 0.56 32.17
N ASN C 21 23.72 0.77 31.56
CA ASN C 21 23.45 0.39 30.18
C ASN C 21 23.63 1.63 29.32
N LYS C 22 24.60 1.60 28.41
CA LYS C 22 24.96 2.76 27.62
C LYS C 22 24.01 3.01 26.46
N ASN C 23 23.45 1.93 25.91
CA ASN C 23 22.63 2.01 24.70
C ASN C 23 21.32 2.77 24.89
N THR C 24 20.99 3.62 23.92
CA THR C 24 19.74 4.36 23.93
C THR C 24 18.74 3.76 22.95
N HIS C 25 19.21 3.51 21.73
CA HIS C 25 18.42 2.78 20.75
C HIS C 25 18.78 1.30 20.82
N TYR C 26 17.85 0.44 20.40
CA TYR C 26 18.06 -1.01 20.49
C TYR C 26 19.30 -1.48 19.74
N VAL C 27 20.06 -2.36 20.38
CA VAL C 27 21.19 -3.01 19.73
C VAL C 27 21.13 -4.51 19.99
N TRP C 28 21.95 -5.28 19.28
CA TRP C 28 21.97 -6.73 19.44
C TRP C 28 22.52 -7.14 20.80
N ASN C 29 21.73 -7.92 21.53
CA ASN C 29 22.12 -8.45 22.84
C ASN C 29 22.50 -7.34 23.81
N GLY C 30 21.82 -6.20 23.70
CA GLY C 30 22.10 -5.07 24.56
C GLY C 30 20.84 -4.30 24.91
N TRP C 31 19.69 -4.93 24.71
CA TRP C 31 18.41 -4.31 24.99
C TRP C 31 18.14 -4.26 26.49
N CYS C 32 18.62 -5.27 27.21
CA CYS C 32 18.46 -5.34 28.65
C CYS C 32 19.53 -6.24 29.28
N PHE C 33 20.13 -5.77 30.37
CA PHE C 33 21.17 -6.53 31.04
C PHE C 33 20.73 -7.02 32.42
N ASP C 34 20.94 -8.30 32.68
CA ASP C 34 20.61 -8.89 33.98
C ASP C 34 21.89 -9.32 34.70
N ILE C 35 22.12 -8.71 35.87
CA ILE C 35 23.34 -8.98 36.62
C ILE C 35 23.07 -9.78 37.90
N LYS C 36 23.64 -10.97 37.97
CA LYS C 36 23.51 -11.79 39.16
C LYS C 36 24.34 -11.22 40.30
N ASN C 37 25.60 -10.90 40.00
CA ASN C 37 26.49 -10.31 41.00
C ASN C 37 27.71 -9.62 40.39
N ILE C 38 28.37 -8.79 41.20
CA ILE C 38 29.59 -8.10 40.77
C ILE C 38 30.71 -8.39 41.75
N THR C 39 31.74 -9.10 41.29
CA THR C 39 32.84 -9.48 42.17
C THR C 39 34.08 -8.61 41.95
N PHE C 40 34.74 -8.24 43.05
CA PHE C 40 36.00 -7.50 42.97
C PHE C 40 36.92 -7.91 44.10
N GLU C 41 38.22 -7.68 43.92
CA GLU C 41 39.21 -8.11 44.90
C GLU C 41 39.78 -6.93 45.70
N THR C 42 40.13 -7.19 46.95
CA THR C 42 40.79 -6.21 47.81
C THR C 42 41.36 -6.91 49.04
N THR C 43 42.40 -6.33 49.62
CA THR C 43 42.99 -6.90 50.84
C THR C 43 42.66 -6.04 52.05
N GLY C 44 42.04 -4.89 51.80
CA GLY C 44 41.64 -3.99 52.86
C GLY C 44 40.37 -4.43 53.55
N LYS C 45 39.86 -3.57 54.43
CA LYS C 45 38.64 -3.87 55.18
C LYS C 45 37.46 -3.06 54.65
N VAL C 46 36.50 -3.76 54.04
CA VAL C 46 35.31 -3.11 53.49
C VAL C 46 34.47 -2.50 54.59
N LEU C 47 34.32 -1.18 54.56
CA LEU C 47 33.55 -0.47 55.57
C LEU C 47 32.06 -0.50 55.25
N SER C 48 31.69 -0.03 54.06
CA SER C 48 30.30 -0.02 53.64
C SER C 48 30.17 0.07 52.12
N ILE C 49 29.15 -0.60 51.59
CA ILE C 49 28.86 -0.56 50.16
C ILE C 49 27.42 -0.10 49.95
N LYS C 50 27.24 1.12 49.48
CA LYS C 50 25.91 1.70 49.35
C LYS C 50 25.65 2.25 47.96
N TYR C 51 24.37 2.41 47.61
CA TYR C 51 23.99 3.07 46.37
C TYR C 51 24.17 4.58 46.53
N ALA C 52 24.39 5.27 45.43
CA ALA C 52 24.58 6.71 45.46
C ALA C 52 23.27 7.45 45.64
N ASP C 53 22.18 6.83 45.20
CA ASP C 53 20.87 7.44 45.27
C ASP C 53 20.05 6.92 46.45
N GLY C 54 20.74 6.42 47.47
CA GLY C 54 20.09 5.91 48.66
C GLY C 54 19.92 4.40 48.65
N GLY C 55 20.08 3.79 49.82
CA GLY C 55 19.95 2.35 49.95
C GLY C 55 21.28 1.66 49.72
N GLU C 56 21.36 0.39 50.10
CA GLU C 56 22.58 -0.37 49.90
C GLU C 56 22.29 -1.78 49.41
N PRO C 57 23.16 -2.30 48.52
CA PRO C 57 23.03 -3.67 48.02
C PRO C 57 23.58 -4.69 49.01
N VAL C 58 23.23 -5.95 48.82
CA VAL C 58 23.69 -7.01 49.71
C VAL C 58 25.03 -7.55 49.25
N TYR C 59 26.01 -7.59 50.17
CA TYR C 59 27.33 -8.09 49.83
C TYR C 59 27.89 -8.99 50.92
N ASN C 60 28.97 -9.70 50.59
CA ASN C 60 29.66 -10.55 51.54
C ASN C 60 31.11 -10.77 51.12
N VAL C 61 32.00 -10.84 52.10
CA VAL C 61 33.43 -10.93 51.83
C VAL C 61 34.01 -12.29 52.16
N ASN C 62 34.63 -12.92 51.16
CA ASN C 62 35.31 -14.20 51.37
C ASN C 62 36.80 -14.08 51.03
N GLY C 63 37.59 -13.66 52.02
CA GLY C 63 39.01 -13.47 51.82
C GLY C 63 39.31 -12.23 51.01
N ASN C 64 39.98 -12.41 49.87
CA ASN C 64 40.32 -11.29 49.01
C ASN C 64 39.15 -10.89 48.11
N LEU C 65 38.22 -11.83 47.90
CA LEU C 65 37.12 -11.62 46.98
C LEU C 65 35.86 -11.09 47.67
N VAL C 66 35.28 -10.06 47.10
CA VAL C 66 34.04 -9.48 47.61
C VAL C 66 32.95 -9.60 46.56
N THR C 67 31.79 -10.13 46.96
CA THR C 67 30.68 -10.33 46.03
C THR C 67 29.53 -9.36 46.32
N ILE C 68 29.21 -8.52 45.34
CA ILE C 68 28.11 -7.58 45.48
C ILE C 68 26.87 -8.09 44.76
N ASP C 69 25.74 -8.07 45.45
CA ASP C 69 24.48 -8.51 44.86
C ASP C 69 23.49 -7.35 44.76
N LEU C 70 22.83 -7.22 43.61
CA LEU C 70 21.91 -6.11 43.37
C LEU C 70 20.47 -6.45 43.72
N THR C 71 20.17 -7.74 43.83
CA THR C 71 18.82 -8.24 44.11
C THR C 71 17.78 -7.70 43.12
N TRP C 72 16.79 -6.97 43.64
CA TRP C 72 15.71 -6.46 42.80
C TRP C 72 16.15 -5.28 41.95
N ARG C 73 17.36 -4.78 42.21
CA ARG C 73 17.89 -3.62 41.50
C ARG C 73 18.67 -4.06 40.26
N GLY C 74 18.85 -5.36 40.10
CA GLY C 74 19.73 -5.90 39.08
C GLY C 74 19.24 -5.83 37.64
N ILE C 75 18.11 -5.17 37.42
CA ILE C 75 17.57 -5.02 36.07
C ILE C 75 18.01 -3.71 35.42
N PHE C 76 18.69 -3.83 34.29
CA PHE C 76 19.17 -2.66 33.56
C PHE C 76 18.58 -2.57 32.16
N HIS C 77 17.52 -1.77 32.03
CA HIS C 77 16.93 -1.52 30.72
C HIS C 77 17.77 -0.50 29.95
N LEU C 78 17.22 0.00 28.85
CA LEU C 78 17.91 0.99 28.03
C LEU C 78 18.10 2.31 28.78
N ASN C 79 19.29 2.88 28.66
CA ASN C 79 19.63 4.18 29.25
C ASN C 79 19.45 4.20 30.78
N THR C 80 19.90 3.14 31.43
CA THR C 80 19.80 3.03 32.89
C THR C 80 21.18 3.09 33.52
N THR C 81 21.31 3.81 34.63
CA THR C 81 22.60 3.97 35.29
C THR C 81 22.48 3.87 36.81
N VAL C 82 23.31 3.00 37.41
CA VAL C 82 23.34 2.83 38.85
C VAL C 82 24.75 3.01 39.40
N LYS C 83 24.92 3.97 40.31
CA LYS C 83 26.23 4.24 40.90
C LYS C 83 26.36 3.64 42.29
N ILE C 84 27.42 2.88 42.52
CA ILE C 84 27.67 2.24 43.80
C ILE C 84 28.95 2.78 44.44
N ILE C 85 28.85 3.16 45.71
CA ILE C 85 29.99 3.72 46.43
C ILE C 85 30.57 2.70 47.42
N ILE C 86 31.88 2.47 47.32
CA ILE C 86 32.55 1.51 48.19
C ILE C 86 33.58 2.19 49.10
N GLU C 87 33.49 1.90 50.39
CA GLU C 87 34.46 2.40 51.36
C GLU C 87 35.31 1.26 51.92
N ILE C 88 36.63 1.39 51.81
CA ILE C 88 37.54 0.36 52.27
C ILE C 88 38.65 0.94 53.14
N GLN C 89 38.93 0.29 54.28
CA GLN C 89 40.05 0.69 55.13
C GLN C 89 41.33 0.05 54.63
N LYS C 90 42.36 0.88 54.43
CA LYS C 90 43.60 0.47 53.78
C LYS C 90 44.37 -0.59 54.58
N SER C 91 44.64 -1.73 53.94
CA SER C 91 45.37 -2.83 54.58
C SER C 91 45.89 -3.82 53.55
N GLY C 92 47.08 -4.34 53.79
CA GLY C 92 47.65 -5.37 52.92
C GLY C 92 48.49 -4.84 51.78
N ASP C 93 48.94 -5.75 50.92
CA ASP C 93 49.81 -5.40 49.81
C ASP C 93 49.04 -4.79 48.64
N ASN C 94 47.76 -5.14 48.53
CA ASN C 94 46.93 -4.63 47.44
C ASN C 94 45.55 -4.24 47.94
N PRO C 95 45.42 -3.00 48.46
CA PRO C 95 44.22 -2.52 49.14
C PRO C 95 43.15 -1.97 48.19
N TYR C 96 43.55 -1.47 47.03
CA TYR C 96 42.61 -0.83 46.13
C TYR C 96 41.75 -1.85 45.38
N PRO C 97 40.46 -1.54 45.23
CA PRO C 97 39.51 -2.38 44.49
C PRO C 97 39.99 -2.64 43.07
N HIS C 98 40.01 -3.89 42.66
CA HIS C 98 40.53 -4.26 41.36
C HIS C 98 39.91 -5.54 40.84
N ASN C 99 40.14 -5.83 39.56
CA ASN C 99 39.66 -7.04 38.92
C ASN C 99 38.14 -7.20 39.00
N PHE C 100 37.44 -6.12 38.70
CA PHE C 100 35.97 -6.14 38.68
C PHE C 100 35.45 -7.07 37.61
N LYS C 101 34.56 -7.99 37.99
CA LYS C 101 33.99 -8.93 37.05
C LYS C 101 32.46 -9.01 37.20
N ILE C 102 31.76 -8.50 36.19
CA ILE C 102 30.30 -8.54 36.18
C ILE C 102 29.79 -9.88 35.69
N HIS C 103 29.10 -10.60 36.56
CA HIS C 103 28.55 -11.90 36.18
C HIS C 103 27.10 -11.78 35.74
N TYR C 104 26.88 -11.80 34.43
CA TYR C 104 25.53 -11.76 33.87
C TYR C 104 24.73 -12.97 34.31
N LEU C 105 23.41 -12.81 34.38
CA LEU C 105 22.53 -13.91 34.76
C LEU C 105 22.36 -14.88 33.59
N ARG C 106 23.43 -15.63 33.31
CA ARG C 106 23.45 -16.57 32.20
C ARG C 106 24.58 -17.56 32.44
N GLY C 107 24.46 -18.74 31.85
CA GLY C 107 25.50 -19.75 31.95
C GLY C 107 26.87 -19.23 31.55
N GLU C 108 27.76 -19.13 32.53
CA GLU C 108 29.09 -18.57 32.30
C GLU C 108 29.95 -19.52 31.46
N SER C 109 29.68 -20.81 31.57
CA SER C 109 30.43 -21.82 30.84
C SER C 109 29.51 -22.65 29.94
N ILE C 110 28.51 -22.00 29.37
CA ILE C 110 27.54 -22.67 28.51
C ILE C 110 28.21 -23.19 27.24
N ILE C 111 27.84 -24.40 26.83
CA ILE C 111 28.52 -25.07 25.73
C ILE C 111 27.66 -25.17 24.46
N TYR C 112 28.10 -24.50 23.40
CA TYR C 112 27.47 -24.61 22.10
C TYR C 112 28.49 -25.08 21.06
N PRO C 113 28.58 -26.40 20.87
CA PRO C 113 29.60 -27.02 20.00
C PRO C 113 29.50 -26.59 18.55
N THR C 114 30.62 -26.20 17.96
CA THR C 114 30.65 -25.78 16.57
C THR C 114 30.60 -26.98 15.64
N ILE C 115 29.63 -26.97 14.73
CA ILE C 115 29.43 -28.08 13.79
C ILE C 115 30.48 -28.07 12.68
N GLY C 116 30.68 -26.90 12.09
CA GLY C 116 31.66 -26.73 11.03
C GLY C 116 31.77 -25.27 10.63
N GLU C 117 32.82 -24.94 9.90
CA GLU C 117 33.06 -23.56 9.50
C GLU C 117 33.36 -23.43 8.01
N LEU C 118 33.19 -22.22 7.49
CA LEU C 118 33.63 -21.90 6.13
C LEU C 118 35.14 -21.76 6.12
N PRO C 119 35.78 -22.00 4.97
CA PRO C 119 37.23 -21.78 4.84
C PRO C 119 37.63 -20.36 5.23
N ALA C 120 38.78 -20.21 5.87
CA ALA C 120 39.26 -18.91 6.31
C ALA C 120 39.53 -17.98 5.12
N SER C 121 39.67 -18.59 3.94
CA SER C 121 39.90 -17.86 2.71
C SER C 121 38.64 -17.12 2.24
N TRP C 122 37.51 -17.39 2.89
CA TRP C 122 36.25 -16.78 2.48
C TRP C 122 36.24 -15.29 2.80
N LYS C 123 35.81 -14.50 1.83
CA LYS C 123 35.74 -13.05 1.97
C LYS C 123 34.35 -12.56 1.57
N PRO C 124 33.90 -11.44 2.16
CA PRO C 124 32.62 -10.86 1.75
C PRO C 124 32.71 -10.29 0.33
N GLY C 125 31.61 -10.33 -0.41
CA GLY C 125 31.58 -9.83 -1.77
C GLY C 125 31.88 -10.89 -2.81
N ASN C 126 33.04 -10.80 -3.44
CA ASN C 126 33.44 -11.74 -4.47
C ASN C 126 34.40 -12.81 -3.96
N PHE C 127 33.89 -14.03 -3.81
CA PHE C 127 34.70 -15.16 -3.39
C PHE C 127 34.70 -16.25 -4.48
N THR C 128 35.53 -17.26 -4.30
CA THR C 128 35.62 -18.34 -5.28
C THR C 128 34.89 -19.59 -4.79
N LEU C 129 34.92 -20.64 -5.59
CA LEU C 129 34.27 -21.89 -5.23
C LEU C 129 35.06 -22.65 -4.18
N SER C 130 36.38 -22.45 -4.18
CA SER C 130 37.25 -23.09 -3.20
C SER C 130 37.16 -22.39 -1.85
N ASP C 131 36.52 -21.22 -1.84
CA ASP C 131 36.30 -20.48 -0.61
C ASP C 131 35.02 -20.95 0.08
N LEU C 132 34.29 -21.82 -0.60
CA LEU C 132 33.05 -22.38 -0.05
C LEU C 132 33.24 -23.82 0.38
N ILE C 133 34.08 -24.55 -0.34
CA ILE C 133 34.33 -25.96 -0.05
C ILE C 133 35.77 -26.21 0.37
N ALA C 134 35.96 -26.70 1.58
CA ALA C 134 37.29 -27.02 2.08
C ALA C 134 37.84 -28.28 1.41
N ASP C 135 36.98 -29.27 1.25
CA ASP C 135 37.37 -30.54 0.62
C ASP C 135 36.16 -31.18 -0.07
N PRO C 136 36.12 -31.10 -1.41
CA PRO C 136 35.04 -31.64 -2.23
C PRO C 136 34.82 -33.15 -2.04
N LYS C 137 35.86 -33.86 -1.61
CA LYS C 137 35.77 -35.30 -1.41
C LYS C 137 34.81 -35.65 -0.27
N SER C 138 35.08 -35.10 0.92
CA SER C 138 34.22 -35.32 2.07
C SER C 138 32.89 -34.59 1.91
N TYR C 139 32.92 -33.48 1.19
CA TYR C 139 31.74 -32.64 1.00
C TYR C 139 30.65 -33.35 0.20
N TYR C 140 31.05 -34.28 -0.66
CA TYR C 140 30.08 -35.03 -1.46
C TYR C 140 30.08 -36.52 -1.11
N ASP C 141 30.79 -36.88 -0.03
CA ASP C 141 30.85 -38.27 0.41
C ASP C 141 29.49 -38.75 0.88
N PRO C 142 28.91 -39.70 0.16
CA PRO C 142 27.61 -40.27 0.51
C PRO C 142 27.61 -41.05 1.82
N HIS C 143 28.69 -41.79 2.05
CA HIS C 143 28.73 -42.79 3.12
C HIS C 143 28.22 -42.19 4.43
N VAL C 144 27.23 -42.84 5.03
CA VAL C 144 26.60 -42.35 6.25
C VAL C 144 27.26 -42.90 7.50
N LYS C 145 27.76 -42.00 8.34
CA LYS C 145 28.36 -42.39 9.61
C LYS C 145 27.34 -42.26 10.74
N PRO C 146 27.16 -43.34 11.52
CA PRO C 146 26.21 -43.33 12.63
C PRO C 146 26.68 -42.48 13.80
N HIS C 147 25.73 -41.96 14.59
CA HIS C 147 26.04 -41.11 15.73
C HIS C 147 25.02 -41.32 16.85
N GLN C 148 25.34 -40.85 18.04
CA GLN C 148 24.47 -41.06 19.20
C GLN C 148 24.17 -39.75 19.92
N ASN C 149 23.82 -38.72 19.14
CA ASN C 149 23.55 -37.40 19.71
C ASN C 149 22.08 -37.21 20.07
N GLY C 150 21.85 -36.60 21.23
CA GLY C 150 20.50 -36.35 21.71
C GLY C 150 19.98 -34.99 21.29
N PHE C 151 19.87 -34.09 22.27
CA PHE C 151 19.35 -32.75 22.02
C PHE C 151 20.40 -31.87 21.32
N ILE C 152 21.62 -31.89 21.84
CA ILE C 152 22.69 -31.06 21.30
C ILE C 152 23.71 -31.89 20.52
N MET C 153 24.03 -31.44 19.30
CA MET C 153 25.03 -32.10 18.48
C MET C 153 26.45 -31.77 18.93
N TYR C 154 26.92 -32.49 19.94
CA TYR C 154 28.28 -32.31 20.42
C TYR C 154 29.28 -32.88 19.42
N ASN C 155 28.98 -34.06 18.88
CA ASN C 155 29.83 -34.70 17.90
C ASN C 155 29.10 -34.93 16.58
N PRO C 156 29.14 -33.93 15.68
CA PRO C 156 28.44 -33.99 14.40
C PRO C 156 28.89 -35.17 13.53
N PRO C 157 27.96 -35.79 12.80
CA PRO C 157 28.30 -36.88 11.88
C PRO C 157 29.10 -36.39 10.69
N HIS C 158 28.78 -35.18 10.22
CA HIS C 158 29.48 -34.57 9.11
C HIS C 158 29.33 -33.05 9.17
N PRO C 159 30.44 -32.31 9.01
CA PRO C 159 30.46 -30.86 9.19
C PRO C 159 29.68 -30.05 8.15
N THR C 160 29.48 -30.60 6.95
CA THR C 160 28.82 -29.84 5.90
C THR C 160 27.55 -30.52 5.35
N GLN C 161 27.18 -31.65 5.96
CA GLN C 161 26.02 -32.39 5.49
C GLN C 161 24.91 -32.46 6.52
N ILE C 162 23.69 -32.71 6.05
CA ILE C 162 22.52 -32.82 6.93
C ILE C 162 21.98 -34.24 6.92
N ILE C 163 22.31 -35.01 7.95
CA ILE C 163 21.93 -36.42 8.02
C ILE C 163 20.61 -36.61 8.78
N ILE C 164 19.50 -36.53 8.05
CA ILE C 164 18.18 -36.80 8.61
C ILE C 164 17.76 -38.23 8.29
N GLY C 165 18.05 -39.14 9.20
CA GLY C 165 17.76 -40.55 8.98
C GLY C 165 16.29 -40.87 9.01
N LEU C 166 15.68 -40.99 7.83
CA LEU C 166 14.27 -41.36 7.73
C LEU C 166 14.09 -42.86 7.95
N ALA C 167 14.36 -43.30 9.18
CA ALA C 167 14.35 -44.73 9.49
C ALA C 167 12.95 -45.26 9.79
N ASP C 168 12.78 -46.56 9.64
CA ASP C 168 11.54 -47.24 10.00
C ASP C 168 11.54 -47.55 11.48
N ILE C 169 10.40 -47.37 12.14
CA ILE C 169 10.30 -47.63 13.57
C ILE C 169 9.61 -48.97 13.82
N ASP C 170 10.29 -49.85 14.53
CA ASP C 170 9.78 -51.20 14.79
C ASP C 170 9.17 -51.34 16.17
N TYR C 171 8.87 -50.21 16.81
CA TYR C 171 8.29 -50.20 18.15
C TYR C 171 7.22 -49.10 18.26
N PRO C 172 6.27 -49.26 19.20
CA PRO C 172 5.12 -48.35 19.30
C PRO C 172 5.44 -46.87 19.45
N LEU C 173 4.96 -46.08 18.49
CA LEU C 173 4.93 -44.63 18.61
C LEU C 173 3.47 -44.19 18.61
N ASN C 174 3.03 -43.61 19.73
CA ASN C 174 1.62 -43.28 19.94
C ASN C 174 0.72 -44.48 19.72
N LEU C 175 1.09 -45.62 20.30
CA LEU C 175 0.31 -46.85 20.26
C LEU C 175 0.17 -47.44 18.86
N ALA C 176 1.18 -47.22 18.02
CA ALA C 176 1.15 -47.76 16.66
C ALA C 176 1.96 -49.06 16.59
N SER C 177 1.66 -49.88 15.59
CA SER C 177 2.39 -51.13 15.40
C SER C 177 3.80 -50.82 14.89
N SER C 178 3.89 -49.89 13.96
CA SER C 178 5.16 -49.44 13.40
C SER C 178 5.02 -48.03 12.86
N ALA C 179 6.14 -47.39 12.55
CA ALA C 179 6.12 -46.02 12.04
C ALA C 179 7.24 -45.77 11.04
N ARG C 180 7.08 -44.74 10.22
CA ARG C 180 8.06 -44.38 9.22
C ARG C 180 8.26 -42.87 9.19
N MET C 181 9.48 -42.42 9.46
CA MET C 181 9.77 -41.00 9.52
C MET C 181 9.86 -40.39 8.12
N TRP C 182 9.14 -39.29 7.92
CA TRP C 182 9.18 -38.59 6.64
C TRP C 182 8.96 -37.10 6.86
N VAL C 183 9.43 -36.29 5.91
CA VAL C 183 9.31 -34.84 6.02
C VAL C 183 8.17 -34.33 5.17
N PRO C 184 7.23 -33.60 5.80
CA PRO C 184 6.07 -33.01 5.12
C PRO C 184 6.46 -32.21 3.88
N ASN C 185 7.22 -31.14 4.06
CA ASN C 185 7.75 -30.37 2.95
C ASN C 185 9.19 -30.00 3.19
N LYS C 186 9.81 -29.37 2.20
CA LYS C 186 11.24 -29.04 2.28
C LYS C 186 11.50 -27.79 3.12
N TYR C 187 10.54 -26.88 3.15
CA TYR C 187 10.68 -25.63 3.89
C TYR C 187 10.85 -25.91 5.38
N PHE C 188 10.13 -26.91 5.87
CA PHE C 188 10.24 -27.34 7.25
C PHE C 188 11.63 -27.91 7.53
N ALA C 189 12.21 -28.54 6.52
CA ALA C 189 13.58 -29.05 6.62
C ALA C 189 14.57 -27.89 6.65
N MET C 190 14.24 -26.82 5.93
CA MET C 190 15.03 -25.60 5.96
C MET C 190 15.00 -25.01 7.36
N GLY C 191 13.82 -25.05 7.98
CA GLY C 191 13.66 -24.59 9.35
C GLY C 191 14.48 -25.43 10.32
N LEU C 192 14.39 -26.75 10.17
CA LEU C 192 15.16 -27.67 11.02
C LEU C 192 16.65 -27.42 10.91
N ALA C 193 17.10 -27.16 9.68
CA ALA C 193 18.51 -26.92 9.43
C ALA C 193 18.95 -25.58 10.00
N LEU C 194 18.06 -24.59 9.94
CA LEU C 194 18.36 -23.27 10.50
C LEU C 194 18.50 -23.39 12.02
N ALA C 195 17.58 -24.12 12.64
CA ALA C 195 17.66 -24.36 14.08
C ALA C 195 18.92 -25.17 14.41
N TYR C 196 19.34 -26.01 13.47
CA TYR C 196 20.50 -26.87 13.66
C TYR C 196 21.81 -26.11 13.64
N GLU C 197 21.96 -25.19 12.68
CA GLU C 197 23.19 -24.42 12.55
C GLU C 197 23.21 -23.26 13.54
N TRP C 198 22.06 -22.69 13.81
CA TRP C 198 21.97 -21.54 14.71
C TRP C 198 22.04 -21.95 16.17
N PHE C 199 21.24 -22.94 16.57
CA PHE C 199 21.12 -23.29 17.97
C PHE C 199 21.73 -24.64 18.31
N LYS C 200 22.47 -25.21 17.36
CA LYS C 200 23.19 -26.46 17.56
C LYS C 200 22.28 -27.60 18.05
N VAL C 201 21.06 -27.61 17.52
CA VAL C 201 20.07 -28.62 17.92
C VAL C 201 19.91 -29.71 16.87
N ASN C 202 20.09 -30.96 17.30
CA ASN C 202 19.92 -32.12 16.44
C ASN C 202 18.54 -32.11 15.78
N PRO C 203 18.50 -32.07 14.44
CA PRO C 203 17.23 -32.06 13.71
C PRO C 203 16.43 -33.34 13.94
N ASN C 204 17.13 -34.46 14.14
CA ASN C 204 16.47 -35.73 14.42
C ASN C 204 15.65 -35.67 15.71
N PHE C 205 16.15 -34.90 16.67
CA PHE C 205 15.46 -34.73 17.94
C PHE C 205 14.16 -33.95 17.75
N LEU C 206 14.20 -32.91 16.92
CA LEU C 206 13.01 -32.12 16.61
C LEU C 206 12.01 -32.98 15.84
N MET C 207 12.54 -33.86 14.99
CA MET C 207 11.71 -34.81 14.26
C MET C 207 10.96 -35.73 15.22
N ALA C 208 11.71 -36.33 16.15
CA ALA C 208 11.12 -37.22 17.15
C ALA C 208 10.09 -36.48 17.99
N LEU C 209 10.42 -35.26 18.40
CA LEU C 209 9.55 -34.44 19.22
C LEU C 209 8.23 -34.13 18.53
N ALA C 210 8.32 -33.64 17.29
CA ALA C 210 7.13 -33.33 16.51
C ALA C 210 6.29 -34.58 16.27
N ALA C 211 6.96 -35.68 15.97
CA ALA C 211 6.29 -36.95 15.70
C ALA C 211 5.50 -37.45 16.91
N LYS C 212 6.11 -37.33 18.08
CA LYS C 212 5.45 -37.77 19.31
C LYS C 212 4.32 -36.83 19.71
N GLU C 213 4.55 -35.53 19.56
CA GLU C 213 3.59 -34.53 20.01
C GLU C 213 2.36 -34.40 19.12
N ASN C 214 2.52 -34.60 17.81
CA ASN C 214 1.40 -34.36 16.90
C ASN C 214 1.48 -35.13 15.58
N TRP C 215 2.24 -36.23 15.55
CA TRP C 215 2.42 -37.02 14.34
C TRP C 215 2.90 -36.16 13.16
N GLY C 216 3.63 -35.09 13.48
CA GLY C 216 4.00 -34.11 12.47
C GLY C 216 5.02 -34.58 11.46
N THR C 217 5.90 -35.48 11.88
CA THR C 217 6.99 -35.92 11.03
C THR C 217 7.03 -37.45 10.86
N ALA C 218 5.91 -38.10 11.12
CA ALA C 218 5.87 -39.56 11.04
C ALA C 218 4.54 -40.08 10.51
N VAL C 219 4.61 -41.15 9.73
CA VAL C 219 3.42 -41.85 9.26
C VAL C 219 3.48 -43.31 9.70
N THR C 220 2.38 -44.04 9.51
CA THR C 220 2.32 -45.43 9.94
C THR C 220 1.44 -46.27 9.00
N LYS C 221 1.72 -47.57 8.95
CA LYS C 221 0.91 -48.49 8.16
C LYS C 221 -0.22 -49.09 8.98
N ASP C 222 -0.28 -48.73 10.26
CA ASP C 222 -1.31 -49.23 11.16
C ASP C 222 -2.69 -48.76 10.69
N PRO C 223 -3.62 -49.69 10.50
CA PRO C 223 -4.96 -49.43 9.97
C PRO C 223 -5.84 -48.59 10.91
N ALA C 224 -5.60 -48.71 12.21
CA ALA C 224 -6.39 -47.97 13.19
C ALA C 224 -6.19 -46.47 13.06
N PHE C 225 -4.95 -46.07 12.78
CA PHE C 225 -4.60 -44.66 12.66
C PHE C 225 -5.00 -44.12 11.29
N LYS C 226 -6.22 -43.62 11.20
CA LYS C 226 -6.79 -43.16 9.95
C LYS C 226 -6.57 -41.67 9.76
N GLY C 227 -6.12 -41.28 8.57
CA GLY C 227 -5.87 -39.89 8.28
C GLY C 227 -5.51 -39.64 6.82
N TYR C 228 -4.75 -38.59 6.57
CA TYR C 228 -4.35 -38.22 5.23
C TYR C 228 -3.48 -39.30 4.59
N LYS C 229 -3.82 -39.69 3.36
CA LYS C 229 -3.09 -40.74 2.67
C LYS C 229 -1.82 -40.19 2.04
N VAL C 230 -0.67 -40.70 2.49
CA VAL C 230 0.62 -40.25 1.98
C VAL C 230 1.32 -41.37 1.22
N ILE C 231 1.70 -41.09 -0.03
CA ILE C 231 2.34 -42.09 -0.88
C ILE C 231 3.85 -41.93 -0.92
N ILE C 232 4.56 -42.97 -0.49
CA ILE C 232 6.02 -42.98 -0.55
C ILE C 232 6.52 -44.27 -1.20
N ASP C 233 7.08 -44.14 -2.39
CA ASP C 233 7.63 -45.26 -3.15
C ASP C 233 6.56 -46.33 -3.42
N GLU C 234 5.48 -45.94 -4.08
CA GLU C 234 4.37 -46.82 -4.41
C GLU C 234 3.82 -47.55 -3.18
N GLU C 235 3.85 -46.87 -2.03
CA GLU C 235 3.35 -47.44 -0.80
C GLU C 235 2.41 -46.47 -0.09
N GLU C 236 1.18 -46.91 0.17
CA GLU C 236 0.20 -46.06 0.84
C GLU C 236 0.49 -45.98 2.34
N TYR C 237 0.53 -44.76 2.85
CA TYR C 237 0.72 -44.53 4.29
C TYR C 237 -0.36 -43.60 4.82
N TYR C 238 -0.59 -43.67 6.13
CA TYR C 238 -1.58 -42.81 6.77
C TYR C 238 -0.91 -41.79 7.68
N TRP C 239 -1.29 -40.53 7.50
CA TRP C 239 -0.71 -39.43 8.27
C TRP C 239 -1.75 -38.83 9.21
N PRO C 240 -1.77 -39.29 10.47
CA PRO C 240 -2.77 -38.86 11.46
C PRO C 240 -2.42 -37.55 12.15
N VAL C 241 -1.94 -36.57 11.38
CA VAL C 241 -1.62 -35.27 11.95
C VAL C 241 -2.87 -34.40 12.05
N GLN C 242 -2.97 -33.62 13.12
CA GLN C 242 -4.06 -32.66 13.25
C GLN C 242 -3.59 -31.30 12.76
N ILE C 243 -3.66 -31.10 11.44
CA ILE C 243 -3.09 -29.93 10.79
C ILE C 243 -3.80 -28.63 11.17
N ASP C 244 -4.95 -28.75 11.82
CA ASP C 244 -5.76 -27.59 12.17
C ASP C 244 -5.47 -27.07 13.56
N HIS C 245 -4.54 -27.72 14.26
CA HIS C 245 -4.21 -27.36 15.64
C HIS C 245 -3.41 -26.06 15.70
N PRO C 246 -3.95 -25.05 16.41
CA PRO C 246 -3.29 -23.75 16.55
C PRO C 246 -1.98 -23.82 17.34
N ASP C 247 -1.75 -24.92 18.05
CA ASP C 247 -0.52 -25.07 18.82
C ASP C 247 0.62 -25.63 17.97
N GLY C 248 0.36 -25.79 16.67
CA GLY C 248 1.37 -26.27 15.75
C GLY C 248 1.64 -27.75 15.90
N ILE C 249 2.63 -28.26 15.16
CA ILE C 249 2.96 -29.68 15.21
C ILE C 249 3.86 -30.00 16.39
N PHE C 250 4.34 -28.97 17.08
CA PHE C 250 5.17 -29.16 18.26
C PHE C 250 4.36 -28.97 19.54
N GLN C 251 3.08 -28.66 19.37
CA GLN C 251 2.16 -28.45 20.48
C GLN C 251 2.68 -27.42 21.48
N VAL C 252 2.95 -26.21 20.99
CA VAL C 252 3.44 -25.14 21.84
C VAL C 252 2.28 -24.26 22.32
N GLU C 253 1.99 -24.32 23.61
CA GLU C 253 0.92 -23.52 24.19
C GLU C 253 1.27 -22.04 24.13
N SER C 254 0.23 -21.20 24.07
CA SER C 254 0.42 -19.76 23.90
C SER C 254 1.14 -19.11 25.08
N GLY C 255 0.95 -19.66 26.28
CA GLY C 255 1.60 -19.15 27.46
C GLY C 255 3.11 -19.29 27.36
N ASN C 256 3.56 -20.51 27.03
CA ASN C 256 4.97 -20.79 26.82
C ASN C 256 5.53 -19.88 25.72
N PHE C 257 4.76 -19.73 24.65
CA PHE C 257 5.17 -18.90 23.51
C PHE C 257 5.42 -17.46 23.94
N ASN C 258 4.47 -16.87 24.66
CA ASN C 258 4.61 -15.50 25.12
C ASN C 258 5.73 -15.34 26.14
N GLN C 259 5.93 -16.38 26.96
CA GLN C 259 6.97 -16.34 27.98
C GLN C 259 8.36 -16.32 27.34
N ILE C 260 8.60 -17.23 26.40
CA ILE C 260 9.89 -17.25 25.71
C ILE C 260 9.99 -16.10 24.72
N LYS C 261 8.86 -15.50 24.40
CA LYS C 261 8.81 -14.29 23.60
C LYS C 261 9.37 -13.13 24.40
N ALA C 262 9.01 -13.10 25.69
CA ALA C 262 9.51 -12.06 26.59
C ALA C 262 10.95 -12.34 27.01
N TYR C 263 11.33 -13.61 27.04
CA TYR C 263 12.69 -13.99 27.42
C TYR C 263 13.72 -13.55 26.37
N TYR C 264 13.36 -13.69 25.10
CA TYR C 264 14.26 -13.36 24.01
C TYR C 264 13.76 -12.18 23.17
N PRO C 265 14.16 -10.96 23.54
CA PRO C 265 13.78 -9.78 22.76
C PRO C 265 14.57 -9.70 21.45
N ASP C 266 15.75 -10.30 21.42
CA ASP C 266 16.61 -10.25 20.24
C ASP C 266 16.11 -11.15 19.12
N ILE C 267 15.28 -12.12 19.47
CA ILE C 267 14.81 -13.09 18.49
C ILE C 267 13.38 -12.82 18.05
N PHE C 268 12.50 -12.50 19.00
CA PHE C 268 11.10 -12.29 18.69
C PHE C 268 10.70 -10.82 18.72
N PRO C 269 10.21 -10.30 17.58
CA PRO C 269 9.67 -8.94 17.51
C PRO C 269 8.36 -8.82 18.28
N ASP C 270 7.94 -7.59 18.56
CA ASP C 270 6.77 -7.36 19.41
C ASP C 270 5.45 -7.77 18.76
N THR C 271 5.41 -7.75 17.43
CA THR C 271 4.17 -8.03 16.70
C THR C 271 3.93 -9.52 16.52
N ALA C 272 4.79 -10.35 17.10
CA ALA C 272 4.70 -11.79 16.95
C ALA C 272 3.41 -12.35 17.56
N ASP C 273 2.81 -13.32 16.87
CA ASP C 273 1.57 -13.92 17.32
C ASP C 273 1.72 -15.45 17.38
N HIS C 274 1.09 -16.07 18.38
CA HIS C 274 1.19 -17.51 18.59
C HIS C 274 0.69 -18.31 17.40
N ASP C 275 -0.56 -18.07 17.01
CA ASP C 275 -1.19 -18.81 15.93
C ASP C 275 -0.49 -18.58 14.59
N ASP C 276 0.01 -17.38 14.38
CA ASP C 276 0.69 -17.02 13.14
C ASP C 276 2.00 -17.78 12.98
N TYR C 277 2.73 -17.92 14.08
CA TYR C 277 4.05 -18.55 14.05
C TYR C 277 3.98 -20.07 14.15
N MET C 278 2.98 -20.59 14.86
CA MET C 278 2.92 -22.02 15.14
C MET C 278 1.97 -22.80 14.24
N LYS C 279 0.72 -22.33 14.14
CA LYS C 279 -0.29 -23.06 13.39
C LYS C 279 0.01 -23.13 11.89
N VAL C 280 0.27 -24.33 11.40
CA VAL C 280 0.53 -24.55 9.99
C VAL C 280 -0.73 -24.96 9.25
N SER C 281 -0.61 -25.15 7.94
CA SER C 281 -1.73 -25.62 7.13
C SER C 281 -1.24 -26.67 6.15
N LEU C 282 -2.17 -27.24 5.38
CA LEU C 282 -1.81 -28.24 4.38
C LEU C 282 -0.96 -27.63 3.28
N ASP C 283 -1.17 -26.33 3.03
CA ASP C 283 -0.38 -25.59 2.07
C ASP C 283 1.03 -25.36 2.60
N PRO C 284 2.05 -25.86 1.88
CA PRO C 284 3.45 -25.72 2.30
C PRO C 284 3.96 -24.27 2.26
N ASN C 285 3.21 -23.40 1.60
CA ASN C 285 3.60 -21.99 1.49
C ASN C 285 3.37 -21.20 2.78
N ASP C 286 2.73 -21.83 3.76
CA ASP C 286 2.48 -21.18 5.05
C ASP C 286 3.81 -20.87 5.74
N THR C 287 3.93 -19.64 6.23
CA THR C 287 5.15 -19.17 6.88
C THR C 287 5.50 -20.01 8.10
N ALA C 288 4.46 -20.44 8.82
CA ALA C 288 4.61 -21.21 10.06
C ALA C 288 5.51 -22.42 9.88
N TRP C 289 5.41 -23.08 8.73
CA TRP C 289 6.21 -24.26 8.43
C TRP C 289 7.70 -24.03 8.61
N ILE C 290 8.14 -22.79 8.50
CA ILE C 290 9.54 -22.45 8.70
C ILE C 290 9.77 -21.95 10.12
N THR C 291 8.79 -21.23 10.66
CA THR C 291 8.94 -20.62 11.98
C THR C 291 8.71 -21.62 13.11
N SER C 292 7.89 -22.63 12.85
CA SER C 292 7.51 -23.60 13.87
C SER C 292 8.69 -24.39 14.48
N PRO C 293 9.60 -24.93 13.64
CA PRO C 293 10.69 -25.68 14.28
C PRO C 293 11.60 -24.80 15.14
N ILE C 294 12.14 -23.74 14.55
CA ILE C 294 13.07 -22.84 15.23
C ILE C 294 12.56 -22.43 16.62
N VAL C 295 11.35 -21.87 16.65
CA VAL C 295 10.70 -21.48 17.89
C VAL C 295 10.78 -22.60 18.91
N ALA C 296 10.34 -23.79 18.52
CA ALA C 296 10.38 -24.95 19.40
C ALA C 296 11.78 -25.13 19.95
N ALA C 297 12.76 -25.16 19.05
CA ALA C 297 14.15 -25.30 19.43
C ALA C 297 14.51 -24.23 20.47
N VAL C 298 14.15 -22.99 20.17
CA VAL C 298 14.41 -21.89 21.08
C VAL C 298 13.89 -22.23 22.46
N SER C 299 12.63 -22.65 22.53
CA SER C 299 12.02 -23.04 23.79
C SER C 299 12.90 -24.06 24.48
N LEU C 300 13.23 -25.13 23.77
CA LEU C 300 14.09 -26.17 24.31
C LEU C 300 15.38 -25.54 24.81
N THR C 301 16.01 -24.75 23.94
CA THR C 301 17.27 -24.09 24.27
C THR C 301 17.11 -23.31 25.56
N MET C 302 15.99 -22.58 25.67
CA MET C 302 15.73 -21.76 26.84
C MET C 302 15.88 -22.59 28.11
N GLU C 303 15.25 -23.75 28.13
CA GLU C 303 15.30 -24.64 29.29
C GLU C 303 16.76 -24.88 29.67
N ARG C 304 17.55 -25.28 28.68
CA ARG C 304 18.96 -25.56 28.89
C ARG C 304 19.62 -24.32 29.49
N GLU C 305 19.40 -23.18 28.85
CA GLU C 305 19.95 -21.91 29.32
C GLU C 305 19.63 -21.73 30.78
N LEU C 306 18.37 -21.98 31.13
CA LEU C 306 17.89 -21.81 32.49
C LEU C 306 18.76 -22.60 33.46
N LEU C 307 19.00 -23.87 33.13
CA LEU C 307 19.81 -24.73 33.99
C LEU C 307 21.20 -24.15 34.13
N TYR C 308 21.76 -23.66 33.02
CA TYR C 308 23.10 -23.09 33.03
C TYR C 308 23.16 -21.86 33.92
N ALA C 309 22.02 -21.22 34.12
CA ALA C 309 21.97 -20.03 34.97
C ALA C 309 21.86 -20.41 36.43
N ALA C 310 21.29 -21.59 36.70
CA ALA C 310 20.99 -22.00 38.06
C ALA C 310 22.07 -22.88 38.68
N VAL C 311 22.74 -23.65 37.83
CA VAL C 311 23.73 -24.62 38.31
C VAL C 311 25.15 -24.23 37.91
N GLY C 312 25.28 -23.55 36.78
CA GLY C 312 26.56 -23.09 36.30
C GLY C 312 27.49 -24.23 35.90
N ASP C 313 28.76 -24.09 36.29
CA ASP C 313 29.80 -25.06 35.93
C ASP C 313 29.40 -26.50 36.27
N LYS C 314 28.73 -26.66 37.41
CA LYS C 314 28.29 -27.96 37.90
C LYS C 314 27.50 -28.73 36.83
N TYR C 315 26.70 -28.00 36.06
CA TYR C 315 25.98 -28.57 34.91
C TYR C 315 26.93 -29.39 34.06
N ASN C 316 27.96 -28.73 33.53
CA ASN C 316 28.97 -29.40 32.72
C ASN C 316 29.60 -30.57 33.46
N GLU C 317 29.82 -30.39 34.76
CA GLU C 317 30.41 -31.44 35.59
C GLU C 317 29.53 -32.68 35.52
N PHE C 318 28.22 -32.48 35.65
CA PHE C 318 27.26 -33.57 35.58
C PHE C 318 27.43 -34.33 34.25
N LEU C 319 27.68 -33.57 33.19
CA LEU C 319 27.80 -34.16 31.85
C LEU C 319 28.93 -35.17 31.76
N ARG C 320 29.94 -35.02 32.62
CA ARG C 320 31.07 -35.94 32.58
C ARG C 320 30.98 -36.98 33.70
N LEU C 321 29.97 -36.85 34.55
CA LEU C 321 29.83 -37.76 35.68
C LEU C 321 28.59 -38.63 35.55
N ALA C 322 27.67 -38.24 34.67
CA ALA C 322 26.45 -39.00 34.45
C ALA C 322 26.75 -40.28 33.70
N LYS C 323 26.28 -41.41 34.23
CA LYS C 323 26.47 -42.70 33.59
C LYS C 323 25.57 -42.84 32.36
N ASP C 324 24.38 -42.28 32.45
CA ASP C 324 23.43 -42.31 31.34
C ASP C 324 23.89 -41.35 30.24
N PRO C 325 24.16 -41.89 29.04
CA PRO C 325 24.64 -41.09 27.91
C PRO C 325 23.54 -40.27 27.23
N TRP C 326 22.31 -40.37 27.73
CA TRP C 326 21.19 -39.65 27.15
C TRP C 326 20.53 -38.72 28.17
N ALA C 327 21.18 -38.54 29.31
CA ALA C 327 20.61 -37.82 30.44
C ALA C 327 20.07 -36.43 30.09
N GLU C 328 20.89 -35.65 29.38
CA GLU C 328 20.52 -34.29 29.02
C GLU C 328 19.27 -34.25 28.16
N THR C 329 19.19 -35.17 27.19
CA THR C 329 18.04 -35.27 26.31
C THR C 329 16.79 -35.60 27.11
N GLU C 330 16.93 -36.50 28.07
CA GLU C 330 15.83 -36.89 28.96
C GLU C 330 15.32 -35.70 29.75
N ILE C 331 16.23 -35.01 30.43
CA ILE C 331 15.88 -33.85 31.23
C ILE C 331 15.20 -32.76 30.40
N ILE C 332 15.78 -32.43 29.25
CA ILE C 332 15.24 -31.39 28.39
C ILE C 332 13.86 -31.74 27.85
N ASP C 333 13.71 -32.96 27.33
CA ASP C 333 12.42 -33.40 26.79
C ASP C 333 11.35 -33.42 27.87
N PHE C 334 11.67 -34.05 29.00
CA PHE C 334 10.77 -34.12 30.14
C PHE C 334 10.34 -32.73 30.59
N GLY C 335 11.29 -31.80 30.59
CA GLY C 335 11.01 -30.43 30.94
C GLY C 335 10.14 -29.73 29.91
N TYR C 336 10.23 -30.19 28.66
CA TYR C 336 9.43 -29.61 27.60
C TYR C 336 7.98 -30.07 27.69
N ASN C 337 7.79 -31.34 28.02
CA ASN C 337 6.45 -31.89 28.16
C ASN C 337 5.76 -31.38 29.43
N ARG C 338 6.46 -31.47 30.55
CA ARG C 338 5.85 -31.17 31.85
C ARG C 338 6.00 -29.70 32.24
N GLY C 339 7.21 -29.17 32.10
CA GLY C 339 7.51 -27.81 32.51
C GLY C 339 8.83 -27.75 33.24
N VAL C 340 9.43 -26.57 33.32
CA VAL C 340 10.71 -26.41 33.99
C VAL C 340 10.54 -26.64 35.49
N GLY C 341 9.31 -26.49 35.97
CA GLY C 341 9.00 -26.73 37.37
C GLY C 341 9.19 -28.18 37.74
N ALA C 342 8.99 -29.06 36.76
CA ALA C 342 9.18 -30.49 36.97
C ALA C 342 10.66 -30.79 37.19
N ILE C 343 11.50 -30.16 36.37
CA ILE C 343 12.95 -30.30 36.52
C ILE C 343 13.39 -29.74 37.86
N GLU C 344 12.86 -28.58 38.22
CA GLU C 344 13.18 -27.95 39.50
C GLU C 344 12.74 -28.83 40.66
N ALA C 345 11.68 -29.59 40.44
CA ALA C 345 11.14 -30.48 41.47
C ALA C 345 11.97 -31.74 41.62
N LEU C 346 12.52 -32.22 40.50
CA LEU C 346 13.37 -33.41 40.52
C LEU C 346 14.62 -33.18 41.36
N LYS C 347 15.14 -31.96 41.33
CA LYS C 347 16.33 -31.58 42.08
C LYS C 347 17.48 -32.56 41.85
N ILE C 348 17.94 -32.64 40.61
CA ILE C 348 19.07 -33.49 40.26
C ILE C 348 20.38 -32.87 40.75
N PHE C 349 20.53 -31.58 40.53
CA PHE C 349 21.77 -30.88 40.86
C PHE C 349 21.78 -30.38 42.29
N SER C 350 20.79 -30.80 43.08
CA SER C 350 20.68 -30.34 44.45
C SER C 350 20.70 -31.48 45.46
N ASP C 351 19.52 -31.89 45.90
CA ASP C 351 19.37 -32.87 46.97
C ASP C 351 19.62 -34.31 46.50
N ASN C 352 19.35 -34.57 45.23
CA ASN C 352 19.49 -35.92 44.69
C ASN C 352 20.52 -36.01 43.57
N TRP C 353 21.77 -35.70 43.90
CA TRP C 353 22.87 -35.73 42.94
C TRP C 353 23.41 -37.15 42.75
N GLU C 354 23.64 -37.83 43.87
CA GLU C 354 24.23 -39.16 43.87
C GLU C 354 23.43 -40.19 43.08
N LYS C 355 22.15 -40.32 43.40
CA LYS C 355 21.28 -41.28 42.71
C LYS C 355 21.22 -40.95 41.22
N ALA C 356 21.27 -39.66 40.90
CA ALA C 356 21.21 -39.20 39.52
C ALA C 356 22.44 -39.63 38.72
N ILE C 357 23.62 -39.39 39.29
CA ILE C 357 24.86 -39.71 38.57
C ILE C 357 25.23 -41.19 38.65
N ASN C 358 24.59 -41.92 39.56
CA ASN C 358 24.87 -43.35 39.72
C ASN C 358 23.93 -44.24 38.92
N ALA C 359 22.73 -43.74 38.64
CA ALA C 359 21.75 -44.50 37.88
C ALA C 359 22.14 -44.60 36.41
N GLU C 360 22.20 -45.83 35.90
CA GLU C 360 22.58 -46.05 34.50
C GLU C 360 21.47 -45.61 33.56
N VAL C 361 20.23 -45.81 33.97
CA VAL C 361 19.08 -45.31 33.22
C VAL C 361 18.35 -44.26 34.03
N LEU C 362 18.56 -42.99 33.65
CA LEU C 362 18.06 -41.87 34.43
C LEU C 362 16.53 -41.78 34.47
N TRP C 363 15.90 -41.97 33.32
CA TRP C 363 14.45 -41.76 33.23
C TRP C 363 13.64 -42.90 33.84
N LYS C 364 14.27 -44.04 34.06
CA LYS C 364 13.60 -45.17 34.68
C LYS C 364 13.68 -45.09 36.20
N GLU C 365 14.82 -44.64 36.71
CA GLU C 365 15.05 -44.57 38.15
C GLU C 365 14.32 -43.40 38.79
N PHE C 366 13.95 -42.40 37.98
CA PHE C 366 13.28 -41.22 38.50
C PHE C 366 11.79 -41.22 38.18
N ASN C 367 11.33 -42.31 37.55
CA ASN C 367 9.92 -42.50 37.22
C ASN C 367 9.35 -41.35 36.38
N MET C 368 10.20 -40.70 35.60
CA MET C 368 9.78 -39.61 34.73
C MET C 368 9.28 -40.14 33.40
N GLU C 369 8.11 -40.77 33.44
CA GLU C 369 7.54 -41.41 32.25
C GLU C 369 6.96 -40.39 31.29
N GLY C 370 6.55 -39.24 31.82
CA GLY C 370 5.92 -38.21 31.01
C GLY C 370 4.46 -38.54 30.75
N PHE C 371 3.95 -38.08 29.61
CA PHE C 371 2.57 -38.36 29.24
C PHE C 371 2.50 -39.45 28.18
N GLY C 372 2.15 -40.66 28.62
CA GLY C 372 2.05 -41.80 27.72
C GLY C 372 3.40 -42.24 27.19
N GLY C 373 4.41 -42.25 28.06
CA GLY C 373 5.75 -42.62 27.67
C GLY C 373 6.33 -41.66 26.65
N HIS C 374 6.43 -40.40 27.04
CA HIS C 374 6.92 -39.36 26.14
C HIS C 374 8.44 -39.43 25.97
N VAL C 375 9.15 -39.30 27.08
CA VAL C 375 10.60 -39.30 27.10
C VAL C 375 11.21 -40.52 26.39
N PRO C 376 10.83 -41.76 26.79
CA PRO C 376 11.50 -42.90 26.14
C PRO C 376 11.20 -42.98 24.65
N THR C 377 9.99 -42.58 24.26
CA THR C 377 9.61 -42.56 22.86
C THR C 377 10.49 -41.60 22.06
N VAL C 378 10.61 -40.36 22.55
CA VAL C 378 11.42 -39.36 21.89
C VAL C 378 12.88 -39.79 21.79
N ILE C 379 13.43 -40.29 22.91
CA ILE C 379 14.81 -40.78 22.91
C ILE C 379 15.01 -41.89 21.87
N ASN C 380 14.14 -42.88 21.91
CA ASN C 380 14.24 -44.02 21.01
C ASN C 380 14.17 -43.62 19.55
N ILE C 381 13.21 -42.75 19.21
CA ILE C 381 13.07 -42.31 17.82
C ILE C 381 14.29 -41.50 17.39
N THR C 382 14.81 -40.67 18.30
CA THR C 382 16.02 -39.91 18.01
C THR C 382 17.20 -40.82 17.71
N ALA C 383 17.42 -41.81 18.58
CA ALA C 383 18.52 -42.75 18.41
C ALA C 383 18.37 -43.57 17.14
N THR C 384 17.15 -43.97 16.82
CA THR C 384 16.86 -44.75 15.63
C THR C 384 17.16 -43.95 14.37
N MET C 385 16.72 -42.69 14.35
CA MET C 385 17.00 -41.79 13.23
C MET C 385 18.49 -41.51 13.14
N ASP C 386 19.18 -41.58 14.26
CA ASP C 386 20.63 -41.38 14.30
C ASP C 386 21.38 -42.57 13.72
N MET C 387 20.87 -43.77 13.96
CA MET C 387 21.52 -44.99 13.50
C MET C 387 21.27 -45.27 12.02
N GLU C 388 20.31 -44.58 11.43
CA GLU C 388 19.93 -44.81 10.05
C GLU C 388 21.03 -44.43 9.06
N THR C 389 21.50 -45.41 8.30
CA THR C 389 22.52 -45.18 7.29
C THR C 389 22.00 -45.54 5.90
N GLU C 390 20.91 -46.31 5.87
CA GLU C 390 20.32 -46.78 4.62
C GLU C 390 19.74 -45.64 3.79
N ARG C 391 18.87 -44.84 4.41
CA ARG C 391 18.13 -43.81 3.70
C ARG C 391 18.15 -42.46 4.42
N ILE C 392 18.70 -41.45 3.75
CA ILE C 392 18.78 -40.11 4.31
C ILE C 392 17.93 -39.15 3.48
N TYR C 393 17.25 -38.22 4.15
CA TYR C 393 16.39 -37.27 3.46
C TYR C 393 17.20 -36.25 2.66
N ASP C 394 16.72 -35.96 1.45
CA ASP C 394 17.34 -34.96 0.59
C ASP C 394 16.26 -34.23 -0.21
N ALA C 395 16.57 -33.02 -0.65
CA ALA C 395 15.60 -32.22 -1.41
C ALA C 395 16.30 -31.26 -2.38
N ASN C 396 15.56 -30.82 -3.38
CA ASN C 396 16.08 -29.92 -4.40
C ASN C 396 15.54 -28.50 -4.16
N LEU C 397 16.43 -27.52 -4.27
CA LEU C 397 16.05 -26.14 -3.97
C LEU C 397 16.32 -25.19 -5.13
N THR C 398 15.28 -24.51 -5.58
CA THR C 398 15.43 -23.45 -6.57
C THR C 398 15.81 -22.16 -5.85
N TRP C 399 16.17 -21.13 -6.61
CA TRP C 399 16.57 -19.87 -6.01
C TRP C 399 15.40 -19.16 -5.35
N ASP C 400 14.22 -19.25 -5.97
CA ASP C 400 13.02 -18.61 -5.45
C ASP C 400 12.64 -19.19 -4.09
N ASP C 401 12.98 -20.46 -3.86
CA ASP C 401 12.75 -21.10 -2.57
C ASP C 401 13.64 -20.49 -1.49
N ILE C 402 14.90 -20.26 -1.84
CA ILE C 402 15.86 -19.64 -0.93
C ILE C 402 15.44 -18.21 -0.60
N GLU C 403 15.09 -17.46 -1.64
CA GLU C 403 14.59 -16.09 -1.51
C GLU C 403 13.39 -16.05 -0.58
N TYR C 404 12.44 -16.95 -0.82
CA TYR C 404 11.25 -17.09 0.01
C TYR C 404 11.64 -17.33 1.47
N PHE C 405 12.55 -18.29 1.68
CA PHE C 405 13.01 -18.63 3.02
C PHE C 405 13.58 -17.44 3.78
N PHE C 406 14.57 -16.78 3.18
CA PHE C 406 15.23 -15.66 3.86
C PHE C 406 14.30 -14.47 4.04
N THR C 407 13.37 -14.27 3.10
CA THR C 407 12.38 -13.21 3.24
C THR C 407 11.48 -13.49 4.45
N VAL C 408 11.08 -14.76 4.59
CA VAL C 408 10.28 -15.18 5.74
C VAL C 408 11.06 -14.96 7.04
N VAL C 409 12.34 -15.33 7.04
CA VAL C 409 13.20 -15.13 8.21
C VAL C 409 13.27 -13.65 8.60
N ARG C 410 13.46 -12.78 7.62
CA ARG C 410 13.53 -11.35 7.86
C ARG C 410 12.20 -10.83 8.41
N GLN C 411 11.10 -11.35 7.88
CA GLN C 411 9.77 -10.87 8.24
C GLN C 411 9.33 -11.30 9.63
N LYS C 412 9.66 -12.53 10.02
CA LYS C 412 9.12 -13.09 11.25
C LYS C 412 10.05 -12.99 12.45
N PHE C 413 11.36 -12.92 12.20
CA PHE C 413 12.32 -12.89 13.31
C PHE C 413 13.06 -11.57 13.42
N PHE C 414 14.00 -11.51 14.38
CA PHE C 414 14.84 -10.35 14.61
C PHE C 414 14.08 -9.08 14.97
N ARG C 415 14.82 -7.98 15.07
CA ARG C 415 14.26 -6.70 15.54
C ARG C 415 14.88 -5.54 14.77
N PRO C 416 14.08 -4.51 14.55
CA PRO C 416 14.60 -3.41 13.77
C PRO C 416 15.83 -2.96 14.51
N GLY C 417 16.93 -2.91 13.78
CA GLY C 417 18.19 -2.40 14.28
C GLY C 417 19.26 -3.47 14.35
N ALA C 418 18.82 -4.73 14.35
CA ALA C 418 19.74 -5.87 14.42
C ALA C 418 20.55 -5.97 13.13
N ILE C 419 19.85 -5.93 12.00
CA ILE C 419 20.48 -5.95 10.69
C ILE C 419 19.84 -4.89 9.79
N SER C 420 20.62 -3.87 9.43
CA SER C 420 20.12 -2.82 8.56
C SER C 420 19.93 -3.33 7.13
N ASP C 421 19.36 -2.50 6.28
CA ASP C 421 19.00 -2.91 4.92
C ASP C 421 20.22 -3.22 4.05
N GLU C 422 21.25 -2.39 4.17
CA GLU C 422 22.45 -2.56 3.39
C GLU C 422 23.07 -3.90 3.75
N GLU C 423 23.07 -4.20 5.04
CA GLU C 423 23.68 -5.42 5.51
C GLU C 423 22.97 -6.63 4.93
N TRP C 424 21.65 -6.61 4.92
CA TRP C 424 20.88 -7.71 4.36
C TRP C 424 21.04 -7.88 2.86
N ASN C 425 20.99 -6.76 2.14
CA ASN C 425 20.99 -6.81 0.68
C ASN C 425 22.28 -7.40 0.13
N ALA C 426 23.39 -6.99 0.73
CA ALA C 426 24.71 -7.51 0.38
C ALA C 426 24.84 -8.98 0.77
N MET C 427 24.25 -9.34 1.91
CA MET C 427 24.23 -10.73 2.36
C MET C 427 23.53 -11.60 1.34
N MET C 428 22.36 -11.13 0.89
CA MET C 428 21.59 -11.87 -0.11
C MET C 428 22.33 -11.97 -1.44
N ARG C 429 23.16 -10.97 -1.73
CA ARG C 429 24.00 -11.03 -2.92
C ARG C 429 25.09 -12.10 -2.77
N ASP C 430 25.67 -12.19 -1.59
CA ASP C 430 26.67 -13.23 -1.30
C ASP C 430 26.05 -14.62 -1.35
N VAL C 431 24.81 -14.74 -0.87
CA VAL C 431 24.08 -15.99 -0.91
C VAL C 431 23.73 -16.35 -2.35
N LYS C 432 23.44 -15.33 -3.16
CA LYS C 432 23.23 -15.51 -4.59
C LYS C 432 24.48 -16.12 -5.22
N ARG C 433 25.62 -15.49 -4.94
CA ARG C 433 26.91 -15.99 -5.41
C ARG C 433 27.13 -17.45 -5.00
N ALA C 434 26.96 -17.75 -3.73
CA ALA C 434 27.15 -19.10 -3.21
C ALA C 434 26.26 -20.10 -3.95
N TYR C 435 24.97 -19.77 -4.04
CA TYR C 435 23.99 -20.59 -4.74
C TYR C 435 24.46 -20.92 -6.14
N ASP C 436 24.69 -19.89 -6.95
CA ASP C 436 25.09 -20.09 -8.34
C ASP C 436 26.42 -20.84 -8.45
N LEU C 437 27.28 -20.67 -7.45
CA LEU C 437 28.60 -21.31 -7.46
C LEU C 437 28.49 -22.82 -7.27
N LEU C 438 27.82 -23.26 -6.20
CA LEU C 438 27.75 -24.70 -5.95
C LEU C 438 26.48 -25.34 -6.54
N SER C 439 25.85 -24.63 -7.47
CA SER C 439 24.75 -25.22 -8.25
C SER C 439 25.29 -25.76 -9.57
N GLN C 440 26.52 -25.35 -9.90
CA GLN C 440 27.17 -25.78 -11.13
C GLN C 440 27.49 -27.28 -11.08
N HIS C 441 27.48 -27.84 -9.87
CA HIS C 441 27.74 -29.25 -9.68
C HIS C 441 26.51 -30.09 -10.04
N TRP C 442 25.34 -29.49 -9.91
CA TRP C 442 24.08 -30.21 -10.15
C TRP C 442 23.44 -29.83 -11.47
N GLY C 443 24.01 -28.84 -12.15
CA GLY C 443 23.50 -28.41 -13.43
C GLY C 443 22.88 -27.02 -13.41
N GLY C 444 23.05 -26.33 -12.28
CA GLY C 444 22.56 -24.97 -12.15
C GLY C 444 21.05 -24.84 -12.07
N ASP C 445 20.36 -25.97 -11.96
CA ASP C 445 18.91 -25.97 -11.88
C ASP C 445 18.42 -26.12 -10.44
N HIS C 446 19.29 -26.62 -9.57
CA HIS C 446 18.96 -26.81 -8.17
C HIS C 446 20.19 -27.03 -7.31
N ILE C 447 20.02 -26.90 -6.00
CA ILE C 447 21.08 -27.24 -5.06
C ILE C 447 20.59 -28.32 -4.09
N SER C 448 21.49 -29.20 -3.67
CA SER C 448 21.13 -30.27 -2.75
C SER C 448 20.98 -29.73 -1.33
N TYR C 449 19.82 -29.98 -0.73
CA TYR C 449 19.57 -29.59 0.66
C TYR C 449 20.63 -30.18 1.58
N ARG C 450 20.70 -31.51 1.61
CA ARG C 450 21.59 -32.25 2.49
C ARG C 450 23.05 -31.80 2.39
N TYR C 451 23.54 -31.69 1.17
CA TYR C 451 24.96 -31.41 0.95
C TYR C 451 25.31 -29.92 1.06
N ASP C 452 24.41 -29.05 0.59
CA ASP C 452 24.77 -27.64 0.40
C ASP C 452 24.15 -26.66 1.39
N PHE C 453 23.01 -27.00 1.99
CA PHE C 453 22.27 -25.98 2.74
C PHE C 453 23.00 -25.50 3.99
N LEU C 454 23.85 -26.34 4.56
CA LEU C 454 24.67 -25.90 5.69
C LEU C 454 25.65 -24.83 5.23
N THR C 455 26.23 -25.04 4.06
CA THR C 455 27.15 -24.08 3.47
C THR C 455 26.44 -22.76 3.19
N ILE C 456 25.26 -22.85 2.57
CA ILE C 456 24.44 -21.67 2.30
C ILE C 456 24.15 -20.90 3.59
N LEU C 457 23.72 -21.64 4.60
CA LEU C 457 23.40 -21.06 5.91
C LEU C 457 24.60 -20.35 6.52
N ARG C 458 25.78 -20.96 6.44
CA ARG C 458 26.98 -20.37 7.02
C ARG C 458 27.40 -19.10 6.27
N VAL C 459 27.31 -19.16 4.94
CA VAL C 459 27.57 -17.98 4.12
C VAL C 459 26.63 -16.84 4.53
N ALA C 460 25.37 -17.18 4.78
CA ALA C 460 24.40 -16.19 5.24
C ALA C 460 24.71 -15.70 6.65
N MET C 461 25.35 -16.55 7.45
CA MET C 461 25.61 -16.24 8.85
C MET C 461 26.95 -15.56 9.05
N LYS C 462 27.69 -15.38 7.95
CA LYS C 462 28.93 -14.60 8.01
C LYS C 462 28.65 -13.12 8.27
N HIS C 463 27.40 -12.72 8.09
CA HIS C 463 27.01 -11.32 8.28
C HIS C 463 26.12 -11.13 9.50
N TRP C 464 25.57 -12.23 10.04
CA TRP C 464 24.71 -12.17 11.20
C TRP C 464 25.43 -11.60 12.42
N PRO C 465 24.72 -10.78 13.22
CA PRO C 465 25.29 -10.17 14.43
C PRO C 465 25.85 -11.21 15.39
N GLU C 466 27.13 -11.08 15.73
CA GLU C 466 27.77 -12.02 16.63
C GLU C 466 27.94 -11.40 18.02
N PRO C 467 27.77 -12.21 19.08
CA PRO C 467 27.51 -13.66 19.11
C PRO C 467 26.15 -14.05 18.54
N HIS C 468 26.14 -15.15 17.80
CA HIS C 468 24.94 -15.58 17.06
C HIS C 468 23.79 -15.93 17.99
N ILE C 469 24.10 -16.47 19.17
CA ILE C 469 23.07 -16.81 20.14
C ILE C 469 23.03 -15.80 21.27
N PRO C 470 21.99 -14.96 21.29
CA PRO C 470 21.84 -13.89 22.28
C PRO C 470 21.48 -14.42 23.66
N ARG C 471 21.78 -13.63 24.70
CA ARG C 471 21.44 -14.00 26.06
C ARG C 471 19.98 -13.73 26.37
N PRO C 472 19.27 -14.74 26.91
CA PRO C 472 17.90 -14.55 27.39
C PRO C 472 17.87 -13.55 28.53
N THR C 473 17.16 -12.44 28.35
CA THR C 473 17.13 -11.39 29.37
C THR C 473 15.71 -10.87 29.59
N GLY C 474 15.60 -9.77 30.33
CA GLY C 474 14.31 -9.17 30.58
C GLY C 474 13.87 -9.32 32.02
N ASP C 475 12.69 -8.78 32.34
CA ASP C 475 12.16 -8.82 33.70
C ASP C 475 11.84 -10.24 34.13
N ASP C 476 10.92 -10.88 33.41
CA ASP C 476 10.48 -12.25 33.73
C ASP C 476 11.67 -13.19 33.89
N TRP C 477 12.64 -13.09 32.98
CA TRP C 477 13.78 -13.98 32.97
C TRP C 477 14.59 -13.93 34.25
N TYR C 478 14.92 -12.73 34.70
CA TYR C 478 15.75 -12.54 35.88
C TYR C 478 15.24 -13.33 37.07
N TYR C 479 13.96 -13.17 37.36
CA TYR C 479 13.39 -13.67 38.60
C TYR C 479 12.80 -15.06 38.47
N HIS C 480 12.58 -15.50 37.24
CA HIS C 480 12.21 -16.89 37.03
C HIS C 480 13.46 -17.77 37.03
N ALA C 481 14.60 -17.15 36.72
CA ALA C 481 15.85 -17.90 36.67
C ALA C 481 16.57 -17.88 38.01
N ARG C 482 16.43 -16.78 38.73
CA ARG C 482 17.10 -16.65 40.02
C ARG C 482 16.39 -17.47 41.10
N ASN C 483 15.06 -17.55 40.98
CA ASN C 483 14.27 -18.34 41.92
C ASN C 483 14.42 -19.84 41.67
N TYR C 484 15.06 -20.17 40.55
CA TYR C 484 15.21 -21.56 40.14
C TYR C 484 16.22 -22.31 40.98
N ASN C 485 15.74 -23.25 41.80
CA ASN C 485 16.62 -24.11 42.60
C ASN C 485 16.42 -25.58 42.28
N PRO C 486 17.09 -26.06 41.22
CA PRO C 486 16.97 -27.46 40.79
C PRO C 486 17.81 -28.40 41.65
N MET D 1 -32.92 14.01 -29.43
CA MET D 1 -34.27 13.47 -29.58
C MET D 1 -35.29 14.33 -28.83
N ALA D 2 -34.94 15.59 -28.58
CA ALA D 2 -35.80 16.50 -27.85
C ALA D 2 -36.07 17.77 -28.65
N TYR D 3 -37.21 17.83 -29.32
CA TYR D 3 -37.58 19.00 -30.10
C TYR D 3 -38.83 19.66 -29.53
N ARG D 4 -39.04 20.92 -29.88
CA ARG D 4 -40.13 21.71 -29.31
C ARG D 4 -40.51 22.89 -30.19
N ILE D 5 -41.80 23.05 -30.46
CA ILE D 5 -42.28 24.20 -31.24
C ILE D 5 -42.11 25.46 -30.43
N VAL D 6 -41.15 26.29 -30.82
CA VAL D 6 -40.89 27.54 -30.12
C VAL D 6 -42.04 28.51 -30.36
N SER D 7 -42.47 28.61 -31.60
CA SER D 7 -43.53 29.54 -31.98
C SER D 7 -44.10 29.26 -33.37
N GLU D 8 -45.40 29.42 -33.51
CA GLU D 8 -46.04 29.38 -34.83
C GLU D 8 -46.74 30.70 -35.10
N THR D 9 -46.14 31.51 -35.97
CA THR D 9 -46.70 32.81 -36.30
C THR D 9 -46.89 32.96 -37.81
N GLY D 10 -48.10 33.32 -38.21
CA GLY D 10 -48.42 33.43 -39.62
C GLY D 10 -48.44 32.08 -40.29
N ASP D 11 -47.41 31.79 -41.08
CA ASP D 11 -47.31 30.53 -41.78
C ASP D 11 -45.98 29.84 -41.53
N LYS D 12 -45.13 30.49 -40.73
CA LYS D 12 -43.81 29.93 -40.43
C LYS D 12 -43.76 29.29 -39.05
N ILE D 13 -43.20 28.09 -38.99
CA ILE D 13 -43.10 27.34 -37.74
C ILE D 13 -41.65 27.26 -37.29
N THR D 14 -41.38 27.68 -36.05
CA THR D 14 -40.02 27.70 -35.53
C THR D 14 -39.82 26.60 -34.48
N VAL D 15 -38.95 25.64 -34.80
CA VAL D 15 -38.73 24.48 -33.94
C VAL D 15 -37.31 24.45 -33.38
N GLU D 16 -37.18 24.13 -32.10
CA GLU D 16 -35.87 24.02 -31.46
C GLU D 16 -35.52 22.56 -31.18
N LEU D 17 -34.52 22.06 -31.89
CA LEU D 17 -34.06 20.69 -31.68
C LEU D 17 -32.84 20.67 -30.78
N THR D 18 -32.98 20.10 -29.59
CA THR D 18 -31.88 20.03 -28.64
C THR D 18 -31.14 18.70 -28.75
N LEU D 19 -29.98 18.73 -29.40
CA LEU D 19 -29.14 17.55 -29.52
C LEU D 19 -28.00 17.60 -28.50
N ALA D 20 -27.95 16.60 -27.62
CA ALA D 20 -26.99 16.65 -26.52
C ALA D 20 -26.58 15.29 -25.98
N ASN D 21 -25.42 15.28 -25.32
CA ASN D 21 -24.97 14.16 -24.51
C ASN D 21 -25.29 14.48 -23.05
N LYS D 22 -26.15 13.67 -22.45
CA LYS D 22 -26.65 13.95 -21.11
C LYS D 22 -25.65 13.56 -20.01
N ASN D 23 -24.87 12.53 -20.27
CA ASN D 23 -23.99 11.96 -19.26
C ASN D 23 -22.85 12.89 -18.85
N THR D 24 -22.61 12.96 -17.54
CA THR D 24 -21.50 13.76 -16.99
C THR D 24 -20.34 12.86 -16.58
N HIS D 25 -20.64 11.79 -15.85
CA HIS D 25 -19.64 10.77 -15.55
C HIS D 25 -19.74 9.67 -16.58
N TYR D 26 -18.63 8.95 -16.78
CA TYR D 26 -18.58 7.91 -17.81
C TYR D 26 -19.63 6.83 -17.61
N VAL D 27 -20.28 6.44 -18.72
CA VAL D 27 -21.21 5.31 -18.72
C VAL D 27 -20.90 4.39 -19.89
N TRP D 28 -21.50 3.21 -19.89
CA TRP D 28 -21.27 2.25 -20.95
C TRP D 28 -21.85 2.72 -22.28
N ASN D 29 -20.99 2.76 -23.30
CA ASN D 29 -21.39 3.16 -24.66
C ASN D 29 -22.06 4.53 -24.69
N GLY D 30 -21.59 5.43 -23.83
CA GLY D 30 -22.15 6.77 -23.75
C GLY D 30 -21.08 7.81 -23.44
N TRP D 31 -19.82 7.43 -23.65
CA TRP D 31 -18.71 8.34 -23.38
C TRP D 31 -18.58 9.40 -24.47
N CYS D 32 -18.94 9.02 -25.70
CA CYS D 32 -18.89 9.94 -26.82
C CYS D 32 -19.82 9.47 -27.95
N PHE D 33 -20.60 10.40 -28.49
CA PHE D 33 -21.54 10.08 -29.56
C PHE D 33 -21.13 10.71 -30.88
N ASP D 34 -21.12 9.89 -31.93
CA ASP D 34 -20.82 10.36 -33.28
C ASP D 34 -22.04 10.27 -34.18
N ILE D 35 -22.49 11.42 -34.68
CA ILE D 35 -23.70 11.49 -35.49
C ILE D 35 -23.40 11.77 -36.95
N LYS D 36 -23.76 10.83 -37.82
CA LYS D 36 -23.57 11.02 -39.25
C LYS D 36 -24.60 12.02 -39.78
N ASN D 37 -25.86 11.83 -39.41
CA ASN D 37 -26.93 12.73 -39.84
C ASN D 37 -28.19 12.60 -38.99
N ILE D 38 -29.06 13.60 -39.09
CA ILE D 38 -30.34 13.60 -38.39
C ILE D 38 -31.48 13.79 -39.38
N THR D 39 -32.31 12.78 -39.56
CA THR D 39 -33.40 12.85 -40.53
C THR D 39 -34.74 13.11 -39.86
N PHE D 40 -35.56 13.96 -40.48
CA PHE D 40 -36.91 14.21 -40.01
C PHE D 40 -37.85 14.47 -41.18
N GLU D 41 -39.14 14.25 -40.97
CA GLU D 41 -40.13 14.39 -42.04
C GLU D 41 -40.97 15.64 -41.90
N THR D 42 -41.37 16.21 -43.04
CA THR D 42 -42.28 17.35 -43.09
C THR D 42 -42.80 17.52 -44.51
N THR D 43 -43.98 18.13 -44.64
CA THR D 43 -44.57 18.38 -45.95
C THR D 43 -44.51 19.86 -46.28
N GLY D 44 -44.08 20.67 -45.31
CA GLY D 44 -43.96 22.11 -45.50
C GLY D 44 -42.70 22.49 -46.24
N LYS D 45 -42.43 23.78 -46.31
CA LYS D 45 -41.25 24.29 -47.01
C LYS D 45 -40.19 24.76 -46.02
N VAL D 46 -39.06 24.04 -45.97
CA VAL D 46 -37.98 24.39 -45.06
C VAL D 46 -37.36 25.73 -45.45
N LEU D 47 -37.45 26.70 -44.55
CA LEU D 47 -36.91 28.04 -44.81
C LEU D 47 -35.43 28.10 -44.50
N SER D 48 -35.05 27.74 -43.27
CA SER D 48 -33.65 27.76 -42.87
C SER D 48 -33.39 26.87 -41.66
N ILE D 49 -32.24 26.21 -41.65
CA ILE D 49 -31.84 25.38 -40.52
C ILE D 49 -30.49 25.85 -39.99
N LYS D 50 -30.50 26.49 -38.82
CA LYS D 50 -29.28 27.09 -38.27
C LYS D 50 -29.01 26.64 -36.85
N TYR D 51 -27.75 26.78 -36.41
CA TYR D 51 -27.39 26.54 -35.02
C TYR D 51 -27.86 27.72 -34.17
N ALA D 52 -28.11 27.46 -32.89
CA ALA D 52 -28.58 28.50 -31.99
C ALA D 52 -27.44 29.42 -31.57
N ASP D 53 -26.21 28.89 -31.59
CA ASP D 53 -25.05 29.65 -31.16
C ASP D 53 -24.26 30.19 -32.35
N GLY D 54 -24.94 30.35 -33.48
CA GLY D 54 -24.31 30.87 -34.68
C GLY D 54 -23.86 29.79 -35.64
N GLY D 55 -24.00 30.07 -36.94
CA GLY D 55 -23.63 29.12 -37.97
C GLY D 55 -24.78 28.21 -38.32
N GLU D 56 -24.66 27.50 -39.44
CA GLU D 56 -25.71 26.57 -39.85
C GLU D 56 -25.12 25.28 -40.39
N PRO D 57 -25.79 24.14 -40.10
CA PRO D 57 -25.37 22.84 -40.62
C PRO D 57 -25.80 22.63 -42.05
N VAL D 58 -25.21 21.65 -42.72
CA VAL D 58 -25.54 21.36 -44.10
C VAL D 58 -26.73 20.40 -44.19
N TYR D 59 -27.75 20.77 -44.96
CA TYR D 59 -28.93 19.93 -45.11
C TYR D 59 -29.41 19.86 -46.56
N ASN D 60 -30.30 18.92 -46.82
CA ASN D 60 -30.91 18.77 -48.13
C ASN D 60 -32.25 18.06 -48.04
N VAL D 61 -33.20 18.46 -48.87
CA VAL D 61 -34.55 17.95 -48.80
C VAL D 61 -34.91 17.04 -49.97
N ASN D 62 -35.30 15.81 -49.66
CA ASN D 62 -35.75 14.87 -50.68
C ASN D 62 -37.20 14.45 -50.45
N GLY D 63 -38.14 15.24 -50.95
CA GLY D 63 -39.55 14.97 -50.77
C GLY D 63 -40.01 15.30 -49.36
N ASN D 64 -40.52 14.29 -48.65
CA ASN D 64 -40.98 14.49 -47.27
C ASN D 64 -39.83 14.42 -46.29
N LEU D 65 -38.74 13.79 -46.68
CA LEU D 65 -37.62 13.55 -45.79
C LEU D 65 -36.55 14.64 -45.91
N VAL D 66 -36.11 15.15 -44.76
CA VAL D 66 -35.05 16.14 -44.71
C VAL D 66 -33.86 15.59 -43.93
N THR D 67 -32.67 15.69 -44.52
CA THR D 67 -31.46 15.16 -43.87
C THR D 67 -30.54 16.28 -43.41
N ILE D 68 -30.30 16.34 -42.10
CA ILE D 68 -29.40 17.33 -41.53
C ILE D 68 -28.03 16.72 -41.24
N ASP D 69 -26.98 17.41 -41.69
CA ASP D 69 -25.61 16.95 -41.47
C ASP D 69 -24.85 17.94 -40.58
N LEU D 70 -24.13 17.41 -39.60
CA LEU D 70 -23.42 18.25 -38.64
C LEU D 70 -21.97 18.52 -39.04
N THR D 71 -21.45 17.70 -39.95
CA THR D 71 -20.07 17.78 -40.41
C THR D 71 -19.05 17.73 -39.26
N TRP D 72 -18.27 18.79 -39.13
CA TRP D 72 -17.22 18.85 -38.09
C TRP D 72 -17.81 19.07 -36.70
N ARG D 73 -19.10 19.37 -36.64
CA ARG D 73 -19.77 19.65 -35.38
C ARG D 73 -20.35 18.38 -34.76
N GLY D 74 -20.29 17.28 -35.51
CA GLY D 74 -20.94 16.04 -35.14
C GLY D 74 -20.35 15.26 -33.98
N ILE D 75 -19.35 15.83 -33.32
CA ILE D 75 -18.73 15.16 -32.17
C ILE D 75 -19.34 15.62 -30.85
N PHE D 76 -19.89 14.66 -30.10
CA PHE D 76 -20.51 14.95 -28.81
C PHE D 76 -19.83 14.23 -27.67
N HIS D 77 -18.91 14.94 -26.99
CA HIS D 77 -18.27 14.39 -25.80
C HIS D 77 -19.21 14.47 -24.61
N LEU D 78 -18.67 14.25 -23.42
CA LEU D 78 -19.46 14.30 -22.19
C LEU D 78 -19.96 15.72 -21.91
N ASN D 79 -21.22 15.82 -21.51
CA ASN D 79 -21.83 17.09 -21.12
C ASN D 79 -21.79 18.13 -22.24
N THR D 80 -22.10 17.69 -23.47
CA THR D 80 -22.11 18.57 -24.62
C THR D 80 -23.54 18.75 -25.14
N THR D 81 -23.89 19.98 -25.51
CA THR D 81 -25.23 20.29 -25.99
C THR D 81 -25.23 21.21 -27.19
N VAL D 82 -25.93 20.81 -28.25
CA VAL D 82 -26.06 21.61 -29.46
C VAL D 82 -27.53 21.83 -29.83
N LYS D 83 -27.95 23.08 -29.91
CA LYS D 83 -29.34 23.40 -30.24
C LYS D 83 -29.47 23.84 -31.70
N ILE D 84 -30.39 23.21 -32.42
CA ILE D 84 -30.62 23.53 -33.82
C ILE D 84 -32.02 24.11 -34.02
N ILE D 85 -32.11 25.23 -34.73
CA ILE D 85 -33.39 25.88 -34.99
C ILE D 85 -33.87 25.67 -36.42
N ILE D 86 -35.10 25.17 -36.57
CA ILE D 86 -35.66 24.89 -37.88
C ILE D 86 -36.87 25.78 -38.18
N GLU D 87 -36.85 26.43 -39.35
CA GLU D 87 -37.98 27.23 -39.80
C GLU D 87 -38.65 26.59 -41.00
N ILE D 88 -39.95 26.35 -40.91
CA ILE D 88 -40.70 25.72 -41.99
C ILE D 88 -41.96 26.50 -42.33
N GLN D 89 -42.21 26.69 -43.63
CA GLN D 89 -43.45 27.32 -44.08
C GLN D 89 -44.56 26.27 -44.18
N LYS D 90 -45.70 26.56 -43.55
CA LYS D 90 -46.77 25.59 -43.40
C LYS D 90 -47.40 25.18 -44.73
N SER D 91 -47.39 23.88 -45.02
CA SER D 91 -47.96 23.34 -46.24
C SER D 91 -48.21 21.83 -46.14
N GLY D 92 -49.30 21.37 -46.72
CA GLY D 92 -49.60 19.95 -46.78
C GLY D 92 -50.42 19.43 -45.62
N ASP D 93 -50.61 18.11 -45.59
CA ASP D 93 -51.43 17.47 -44.56
C ASP D 93 -50.68 17.32 -43.24
N ASN D 94 -49.35 17.23 -43.32
CA ASN D 94 -48.54 17.08 -42.12
C ASN D 94 -47.31 17.96 -42.17
N PRO D 95 -47.46 19.23 -41.74
CA PRO D 95 -46.43 20.26 -41.87
C PRO D 95 -45.40 20.27 -40.74
N TYR D 96 -45.78 19.79 -39.56
CA TYR D 96 -44.89 19.86 -38.40
C TYR D 96 -43.80 18.79 -38.45
N PRO D 97 -42.57 19.18 -38.08
CA PRO D 97 -41.43 18.26 -38.01
C PRO D 97 -41.73 17.07 -37.13
N HIS D 98 -41.48 15.86 -37.64
CA HIS D 98 -41.82 14.65 -36.92
C HIS D 98 -40.93 13.49 -37.33
N ASN D 99 -40.99 12.41 -36.57
CA ASN D 99 -40.24 11.19 -36.85
C ASN D 99 -38.73 11.43 -36.93
N PHE D 100 -38.21 12.16 -35.96
CA PHE D 100 -36.77 12.42 -35.89
C PHE D 100 -35.99 11.15 -35.64
N LYS D 101 -34.99 10.90 -36.49
CA LYS D 101 -34.16 9.70 -36.36
C LYS D 101 -32.68 10.05 -36.44
N ILE D 102 -31.99 9.90 -35.31
CA ILE D 102 -30.56 10.16 -35.25
C ILE D 102 -29.77 8.94 -35.72
N HIS D 103 -29.04 9.10 -36.82
CA HIS D 103 -28.22 8.02 -37.35
C HIS D 103 -26.79 8.12 -36.84
N TYR D 104 -26.45 7.29 -35.86
CA TYR D 104 -25.10 7.23 -35.34
C TYR D 104 -24.12 6.77 -36.41
N LEU D 105 -22.87 7.20 -36.30
CA LEU D 105 -21.84 6.81 -37.26
C LEU D 105 -21.39 5.37 -37.00
N ARG D 106 -22.27 4.42 -37.33
CA ARG D 106 -22.02 3.02 -37.09
C ARG D 106 -22.97 2.21 -37.99
N GLY D 107 -22.59 0.98 -38.31
CA GLY D 107 -23.43 0.11 -39.11
C GLY D 107 -24.83 -0.03 -38.54
N GLU D 108 -25.81 0.50 -39.27
CA GLU D 108 -27.18 0.50 -38.80
C GLU D 108 -27.77 -0.90 -38.83
N SER D 109 -27.28 -1.74 -39.75
CA SER D 109 -27.77 -3.10 -39.90
C SER D 109 -26.64 -4.11 -39.70
N ILE D 110 -25.72 -3.81 -38.79
CA ILE D 110 -24.58 -4.67 -38.54
C ILE D 110 -25.03 -6.01 -37.94
N ILE D 111 -24.41 -7.09 -38.41
CA ILE D 111 -24.85 -8.43 -38.05
C ILE D 111 -23.88 -9.16 -37.12
N TYR D 112 -24.34 -9.44 -35.90
CA TYR D 112 -23.59 -10.24 -34.95
C TYR D 112 -24.42 -11.46 -34.54
N PRO D 113 -24.24 -12.58 -35.24
CA PRO D 113 -25.05 -13.79 -35.06
C PRO D 113 -24.90 -14.39 -33.67
N THR D 114 -26.02 -14.71 -33.04
CA THR D 114 -26.01 -15.32 -31.71
C THR D 114 -25.64 -16.80 -31.79
N ILE D 115 -24.62 -17.19 -31.05
CA ILE D 115 -24.14 -18.57 -31.05
C ILE D 115 -25.08 -19.49 -30.27
N GLY D 116 -25.44 -19.05 -29.06
CA GLY D 116 -26.32 -19.81 -28.20
C GLY D 116 -26.67 -19.03 -26.96
N GLU D 117 -27.69 -19.46 -26.24
CA GLU D 117 -28.15 -18.75 -25.05
C GLU D 117 -28.34 -19.68 -23.86
N LEU D 118 -28.34 -19.10 -22.66
CA LEU D 118 -28.71 -19.83 -21.46
C LEU D 118 -30.22 -20.03 -21.44
N PRO D 119 -30.70 -21.08 -20.76
CA PRO D 119 -32.15 -21.29 -20.60
C PRO D 119 -32.84 -20.08 -19.98
N ALA D 120 -34.05 -19.77 -20.45
CA ALA D 120 -34.80 -18.62 -19.95
C ALA D 120 -35.13 -18.77 -18.46
N SER D 121 -35.05 -20.01 -17.97
CA SER D 121 -35.30 -20.31 -16.57
C SER D 121 -34.16 -19.83 -15.67
N TRP D 122 -33.06 -19.40 -16.27
CA TRP D 122 -31.90 -18.95 -15.50
C TRP D 122 -32.20 -17.65 -14.76
N LYS D 123 -31.84 -17.62 -13.49
CA LYS D 123 -32.04 -16.44 -12.65
C LYS D 123 -30.74 -16.06 -11.95
N PRO D 124 -30.56 -14.77 -11.65
CA PRO D 124 -29.37 -14.37 -10.88
C PRO D 124 -29.45 -14.88 -9.44
N GLY D 125 -28.28 -15.19 -8.85
CA GLY D 125 -28.24 -15.69 -7.49
C GLY D 125 -28.24 -17.20 -7.42
N ASN D 126 -29.35 -17.78 -6.95
CA ASN D 126 -29.46 -19.22 -6.80
C ASN D 126 -30.26 -19.87 -7.93
N PHE D 127 -29.54 -20.56 -8.82
CA PHE D 127 -30.16 -21.28 -9.92
C PHE D 127 -29.87 -22.77 -9.81
N THR D 128 -30.52 -23.57 -10.65
CA THR D 128 -30.31 -25.01 -10.62
C THR D 128 -29.42 -25.46 -11.76
N LEU D 129 -29.18 -26.77 -11.84
CA LEU D 129 -28.34 -27.32 -12.90
C LEU D 129 -29.08 -27.35 -14.24
N SER D 130 -30.40 -27.47 -14.18
CA SER D 130 -31.23 -27.48 -15.38
C SER D 130 -31.38 -26.07 -15.94
N ASP D 131 -30.98 -25.08 -15.15
CA ASP D 131 -31.00 -23.69 -15.59
C ASP D 131 -29.72 -23.33 -16.35
N LEU D 132 -28.78 -24.28 -16.36
CA LEU D 132 -27.52 -24.09 -17.07
C LEU D 132 -27.48 -24.90 -18.35
N ILE D 133 -28.10 -26.08 -18.32
CA ILE D 133 -28.11 -26.96 -19.48
C ILE D 133 -29.52 -27.16 -20.03
N ALA D 134 -29.72 -26.78 -21.29
CA ALA D 134 -31.01 -26.95 -21.94
C ALA D 134 -31.25 -28.41 -22.29
N ASP D 135 -30.21 -29.08 -22.78
CA ASP D 135 -30.30 -30.49 -23.14
C ASP D 135 -28.95 -31.18 -22.97
N PRO D 136 -28.81 -31.98 -21.91
CA PRO D 136 -27.57 -32.70 -21.58
C PRO D 136 -27.10 -33.63 -22.69
N LYS D 137 -28.02 -34.09 -23.54
CA LYS D 137 -27.68 -34.99 -24.63
C LYS D 137 -26.78 -34.32 -25.67
N SER D 138 -27.25 -33.20 -26.22
CA SER D 138 -26.47 -32.44 -27.19
C SER D 138 -25.29 -31.75 -26.51
N TYR D 139 -25.46 -31.41 -25.24
CA TYR D 139 -24.45 -30.68 -24.49
C TYR D 139 -23.17 -31.50 -24.28
N TYR D 140 -23.32 -32.82 -24.27
CA TYR D 140 -22.16 -33.71 -24.10
C TYR D 140 -21.93 -34.59 -25.33
N ASP D 141 -22.63 -34.28 -26.42
CA ASP D 141 -22.49 -35.03 -27.67
C ASP D 141 -21.10 -34.80 -28.26
N PRO D 142 -20.30 -35.86 -28.31
CA PRO D 142 -18.94 -35.80 -28.87
C PRO D 142 -18.92 -35.52 -30.37
N HIS D 143 -19.85 -36.13 -31.10
CA HIS D 143 -19.81 -36.17 -32.56
C HIS D 143 -19.54 -34.78 -33.13
N VAL D 144 -18.50 -34.69 -33.95
CA VAL D 144 -18.09 -33.40 -34.50
C VAL D 144 -18.75 -33.13 -35.85
N LYS D 145 -19.47 -32.02 -35.93
CA LYS D 145 -20.10 -31.59 -37.18
C LYS D 145 -19.22 -30.56 -37.88
N PRO D 146 -18.92 -30.81 -39.17
CA PRO D 146 -18.09 -29.90 -39.96
C PRO D 146 -18.81 -28.60 -40.31
N HIS D 147 -18.04 -27.53 -40.51
CA HIS D 147 -18.60 -26.22 -40.83
C HIS D 147 -17.67 -25.45 -41.76
N GLN D 148 -18.17 -24.39 -42.38
CA GLN D 148 -17.39 -23.62 -43.34
C GLN D 148 -17.39 -22.13 -43.00
N ASN D 149 -17.17 -21.82 -41.73
CA ASN D 149 -17.19 -20.43 -41.28
C ASN D 149 -15.83 -19.76 -41.35
N GLY D 150 -15.81 -18.51 -41.82
CA GLY D 150 -14.58 -17.76 -41.94
C GLY D 150 -14.28 -16.91 -40.71
N PHE D 151 -14.42 -15.60 -40.85
CA PHE D 151 -14.15 -14.68 -39.75
C PHE D 151 -15.27 -14.70 -38.72
N ILE D 152 -16.50 -14.61 -39.18
CA ILE D 152 -17.66 -14.57 -38.30
C ILE D 152 -18.44 -15.88 -38.31
N MET D 153 -18.73 -16.40 -37.12
CA MET D 153 -19.50 -17.62 -36.98
C MET D 153 -20.99 -17.37 -37.18
N TYR D 154 -21.41 -17.33 -38.44
CA TYR D 154 -22.82 -17.16 -38.76
C TYR D 154 -23.61 -18.42 -38.42
N ASN D 155 -23.05 -19.56 -38.77
CA ASN D 155 -23.68 -20.86 -38.50
C ASN D 155 -22.80 -21.73 -37.62
N PRO D 156 -22.95 -21.59 -36.29
CA PRO D 156 -22.14 -22.34 -35.31
C PRO D 156 -22.29 -23.84 -35.45
N PRO D 157 -21.20 -24.60 -35.25
CA PRO D 157 -21.24 -26.06 -35.29
C PRO D 157 -22.02 -26.62 -34.11
N HIS D 158 -21.89 -25.98 -32.95
CA HIS D 158 -22.60 -26.39 -31.75
C HIS D 158 -22.72 -25.20 -30.80
N PRO D 159 -23.93 -24.98 -30.24
CA PRO D 159 -24.23 -23.80 -29.44
C PRO D 159 -23.52 -23.73 -28.09
N THR D 160 -23.12 -24.87 -27.53
CA THR D 160 -22.53 -24.88 -26.20
C THR D 160 -21.12 -25.48 -26.16
N GLN D 161 -20.60 -25.84 -27.33
CA GLN D 161 -19.28 -26.47 -27.40
C GLN D 161 -18.27 -25.63 -28.17
N ILE D 162 -16.99 -25.88 -27.91
CA ILE D 162 -15.90 -25.15 -28.58
C ILE D 162 -15.10 -26.11 -29.47
N ILE D 163 -15.38 -26.06 -30.77
CA ILE D 163 -14.76 -26.97 -31.72
C ILE D 163 -13.50 -26.37 -32.34
N ILE D 164 -12.36 -26.57 -31.68
CA ILE D 164 -11.08 -26.14 -32.21
C ILE D 164 -10.37 -27.31 -32.87
N GLY D 165 -10.57 -27.45 -34.18
CA GLY D 165 -10.01 -28.58 -34.92
C GLY D 165 -8.50 -28.49 -35.07
N LEU D 166 -7.78 -29.23 -34.22
CA LEU D 166 -6.33 -29.29 -34.31
C LEU D 166 -5.90 -30.21 -35.45
N ALA D 167 -6.18 -29.80 -36.68
CA ALA D 167 -5.94 -30.64 -37.85
C ALA D 167 -4.49 -30.56 -38.34
N ASP D 168 -4.08 -31.59 -39.06
CA ASP D 168 -2.77 -31.60 -39.70
C ASP D 168 -2.85 -30.87 -41.04
N ILE D 169 -1.82 -30.08 -41.35
CA ILE D 169 -1.80 -29.33 -42.59
C ILE D 169 -0.90 -30.01 -43.62
N ASP D 170 -1.47 -30.34 -44.78
CA ASP D 170 -0.75 -31.06 -45.82
C ASP D 170 -0.24 -30.14 -46.92
N TYR D 171 -0.21 -28.85 -46.64
CA TYR D 171 0.24 -27.86 -47.61
C TYR D 171 1.07 -26.77 -46.93
N PRO D 172 1.94 -26.08 -47.69
CA PRO D 172 2.90 -25.12 -47.11
C PRO D 172 2.30 -23.99 -46.28
N LEU D 173 2.72 -23.94 -45.01
CA LEU D 173 2.46 -22.80 -44.14
C LEU D 173 3.81 -22.19 -43.78
N ASN D 174 4.04 -20.94 -44.23
CA ASN D 174 5.34 -20.29 -44.10
C ASN D 174 6.46 -21.15 -44.66
N LEU D 175 6.25 -21.67 -45.86
CA LEU D 175 7.25 -22.44 -46.60
C LEU D 175 7.62 -23.77 -45.91
N ALA D 176 6.66 -24.35 -45.19
CA ALA D 176 6.89 -25.62 -44.52
C ALA D 176 6.36 -26.77 -45.35
N SER D 177 6.89 -27.98 -45.13
CA SER D 177 6.42 -29.16 -45.83
C SER D 177 5.03 -29.55 -45.33
N SER D 178 4.86 -29.47 -44.01
CA SER D 178 3.58 -29.76 -43.37
C SER D 178 3.50 -29.05 -42.03
N ALA D 179 2.31 -29.00 -41.44
CA ALA D 179 2.14 -28.32 -40.16
C ALA D 179 1.07 -29.00 -39.30
N ARG D 180 1.13 -28.75 -38.01
CA ARG D 180 0.18 -29.32 -37.06
C ARG D 180 -0.28 -28.28 -36.06
N MET D 181 -1.59 -28.01 -36.05
CA MET D 181 -2.15 -26.98 -35.18
C MET D 181 -2.22 -27.46 -33.74
N TRP D 182 -1.69 -26.65 -32.82
CA TRP D 182 -1.75 -26.96 -31.40
C TRP D 182 -1.84 -25.68 -30.58
N VAL D 183 -2.37 -25.79 -29.37
CA VAL D 183 -2.53 -24.64 -28.49
C VAL D 183 -1.42 -24.59 -27.44
N PRO D 184 -0.68 -23.47 -27.39
CA PRO D 184 0.41 -23.25 -26.43
C PRO D 184 -0.01 -23.54 -25.00
N ASN D 185 -0.97 -22.78 -24.48
CA ASN D 185 -1.53 -23.05 -23.16
C ASN D 185 -3.06 -22.90 -23.18
N LYS D 186 -3.68 -23.21 -22.06
CA LYS D 186 -5.14 -23.18 -21.99
C LYS D 186 -5.70 -21.77 -21.80
N TYR D 187 -4.92 -20.89 -21.18
CA TYR D 187 -5.36 -19.52 -20.94
C TYR D 187 -5.61 -18.79 -22.26
N PHE D 188 -4.76 -19.07 -23.24
CA PHE D 188 -4.91 -18.51 -24.58
C PHE D 188 -6.19 -19.03 -25.23
N ALA D 189 -6.57 -20.26 -24.90
CA ALA D 189 -7.82 -20.83 -25.40
C ALA D 189 -9.00 -20.15 -24.71
N MET D 190 -8.81 -19.77 -23.45
CA MET D 190 -9.82 -19.01 -22.71
C MET D 190 -10.02 -17.66 -23.39
N GLY D 191 -8.91 -17.05 -23.83
CA GLY D 191 -8.96 -15.80 -24.56
C GLY D 191 -9.68 -15.95 -25.88
N LEU D 192 -9.34 -16.99 -26.63
CA LEU D 192 -9.99 -17.28 -27.90
C LEU D 192 -11.49 -17.45 -27.73
N ALA D 193 -11.89 -18.15 -26.67
CA ALA D 193 -13.29 -18.41 -26.39
C ALA D 193 -14.01 -17.14 -25.97
N LEU D 194 -13.32 -16.28 -25.23
CA LEU D 194 -13.90 -15.01 -24.82
C LEU D 194 -14.14 -14.13 -26.04
N ALA D 195 -13.17 -14.09 -26.95
CA ALA D 195 -13.33 -13.35 -28.19
C ALA D 195 -14.44 -13.97 -29.04
N TYR D 196 -14.61 -15.28 -28.90
CA TYR D 196 -15.60 -16.02 -29.66
C TYR D 196 -17.03 -15.72 -29.22
N GLU D 197 -17.26 -15.72 -27.91
CA GLU D 197 -18.59 -15.46 -27.38
C GLU D 197 -18.92 -13.98 -27.37
N TRP D 198 -17.91 -13.15 -27.14
CA TRP D 198 -18.11 -11.71 -27.06
C TRP D 198 -18.25 -11.08 -28.45
N PHE D 199 -17.31 -11.38 -29.33
CA PHE D 199 -17.25 -10.70 -30.62
C PHE D 199 -17.63 -11.59 -31.80
N LYS D 200 -18.17 -12.78 -31.49
CA LYS D 200 -18.66 -13.72 -32.50
C LYS D 200 -17.61 -14.05 -33.55
N VAL D 201 -16.36 -14.17 -33.11
CA VAL D 201 -15.24 -14.44 -34.01
C VAL D 201 -14.80 -15.90 -33.91
N ASN D 202 -14.78 -16.57 -35.07
CA ASN D 202 -14.32 -17.95 -35.16
C ASN D 202 -12.91 -18.11 -34.59
N PRO D 203 -12.77 -18.94 -33.54
CA PRO D 203 -11.45 -19.16 -32.91
C PRO D 203 -10.45 -19.79 -33.88
N ASN D 204 -10.96 -20.63 -34.80
CA ASN D 204 -10.10 -21.25 -35.80
C ASN D 204 -9.43 -20.20 -36.69
N PHE D 205 -10.14 -19.11 -36.94
CA PHE D 205 -9.60 -18.03 -37.76
C PHE D 205 -8.46 -17.32 -37.03
N LEU D 206 -8.62 -17.11 -35.73
CA LEU D 206 -7.57 -16.49 -34.92
C LEU D 206 -6.38 -17.42 -34.82
N MET D 207 -6.65 -18.72 -34.80
CA MET D 207 -5.60 -19.74 -34.82
C MET D 207 -4.78 -19.64 -36.11
N ALA D 208 -5.48 -19.62 -37.24
CA ALA D 208 -4.83 -19.51 -38.54
C ALA D 208 -4.02 -18.22 -38.65
N LEU D 209 -4.62 -17.13 -38.17
CA LEU D 209 -3.99 -15.82 -38.22
C LEU D 209 -2.69 -15.79 -37.41
N ALA D 210 -2.76 -16.25 -36.16
CA ALA D 210 -1.58 -16.28 -35.30
C ALA D 210 -0.51 -17.20 -35.89
N ALA D 211 -0.94 -18.35 -36.42
CA ALA D 211 -0.02 -19.32 -37.01
C ALA D 211 0.72 -18.73 -38.21
N LYS D 212 0.01 -18.00 -39.06
CA LYS D 212 0.63 -17.39 -40.23
C LYS D 212 1.53 -16.23 -39.85
N GLU D 213 1.09 -15.42 -38.90
CA GLU D 213 1.80 -14.19 -38.54
C GLU D 213 3.05 -14.45 -37.72
N ASN D 214 3.05 -15.46 -36.87
CA ASN D 214 4.18 -15.67 -35.97
C ASN D 214 4.36 -17.11 -35.47
N TRP D 215 3.83 -18.07 -36.21
CA TRP D 215 3.89 -19.49 -35.82
C TRP D 215 3.38 -19.70 -34.40
N GLY D 216 2.43 -18.87 -33.97
CA GLY D 216 1.98 -18.86 -32.60
C GLY D 216 1.15 -20.07 -32.20
N THR D 217 0.41 -20.63 -33.15
CA THR D 217 -0.49 -21.73 -32.85
C THR D 217 -0.24 -22.96 -33.72
N ALA D 218 0.96 -23.05 -34.29
CA ALA D 218 1.28 -24.16 -35.17
C ALA D 218 2.72 -24.63 -35.04
N VAL D 219 2.91 -25.94 -35.16
CA VAL D 219 4.25 -26.53 -35.19
C VAL D 219 4.42 -27.33 -36.48
N THR D 220 5.65 -27.77 -36.75
CA THR D 220 5.94 -28.50 -37.98
C THR D 220 7.02 -29.56 -37.77
N LYS D 221 7.00 -30.59 -38.59
CA LYS D 221 8.02 -31.63 -38.55
C LYS D 221 9.17 -31.32 -39.51
N ASP D 222 9.05 -30.21 -40.22
CA ASP D 222 10.08 -29.79 -41.18
C ASP D 222 11.37 -29.47 -40.44
N PRO D 223 12.48 -30.11 -40.86
CA PRO D 223 13.78 -29.99 -40.21
C PRO D 223 14.41 -28.60 -40.33
N ALA D 224 14.08 -27.88 -41.39
CA ALA D 224 14.63 -26.54 -41.62
C ALA D 224 14.17 -25.57 -40.55
N PHE D 225 12.91 -25.70 -40.14
CA PHE D 225 12.32 -24.81 -39.15
C PHE D 225 12.73 -25.22 -37.74
N LYS D 226 13.85 -24.66 -37.28
CA LYS D 226 14.43 -25.04 -36.00
C LYS D 226 13.96 -24.11 -34.90
N GLY D 227 13.54 -24.68 -33.78
CA GLY D 227 13.06 -23.90 -32.65
C GLY D 227 12.81 -24.74 -31.42
N TYR D 228 11.89 -24.27 -30.58
CA TYR D 228 11.54 -24.96 -29.34
C TYR D 228 10.95 -26.34 -29.62
N LYS D 229 11.47 -27.34 -28.93
CA LYS D 229 11.00 -28.72 -29.13
C LYS D 229 9.71 -28.97 -28.36
N VAL D 230 8.64 -29.27 -29.09
CA VAL D 230 7.33 -29.53 -28.49
C VAL D 230 6.93 -31.00 -28.68
N ILE D 231 6.61 -31.66 -27.58
CA ILE D 231 6.25 -33.08 -27.63
C ILE D 231 4.74 -33.27 -27.57
N ILE D 232 4.19 -33.91 -28.61
CA ILE D 232 2.78 -34.24 -28.66
C ILE D 232 2.58 -35.71 -29.04
N ASP D 233 2.11 -36.50 -28.07
CA ASP D 233 1.85 -37.93 -28.27
C ASP D 233 3.11 -38.68 -28.71
N GLU D 234 4.15 -38.61 -27.89
CA GLU D 234 5.44 -39.25 -28.16
C GLU D 234 6.00 -38.87 -29.54
N GLU D 235 5.75 -37.64 -29.96
CA GLU D 235 6.24 -37.16 -31.25
C GLU D 235 6.92 -35.80 -31.08
N GLU D 236 8.17 -35.71 -31.50
CA GLU D 236 8.92 -34.46 -31.40
C GLU D 236 8.50 -33.48 -32.50
N TYR D 237 8.18 -32.26 -32.09
CA TYR D 237 7.83 -31.20 -33.03
C TYR D 237 8.66 -29.95 -32.78
N TYR D 238 8.79 -29.11 -33.78
CA TYR D 238 9.55 -27.87 -33.66
C TYR D 238 8.62 -26.66 -33.72
N TRP D 239 8.77 -25.77 -32.73
CA TRP D 239 7.94 -24.58 -32.63
C TRP D 239 8.77 -23.33 -32.90
N PRO D 240 8.76 -22.84 -34.15
CA PRO D 240 9.57 -21.69 -34.56
C PRO D 240 8.93 -20.34 -34.25
N VAL D 241 8.34 -20.21 -33.05
CA VAL D 241 7.74 -18.95 -32.65
C VAL D 241 8.80 -18.01 -32.09
N GLN D 242 8.66 -16.72 -32.38
CA GLN D 242 9.54 -15.72 -31.79
C GLN D 242 8.87 -15.14 -30.56
N ILE D 243 9.02 -15.83 -29.44
CA ILE D 243 8.30 -15.51 -28.20
C ILE D 243 8.73 -14.17 -27.60
N ASP D 244 9.82 -13.60 -28.11
CA ASP D 244 10.37 -12.36 -27.57
C ASP D 244 9.87 -11.13 -28.31
N HIS D 245 9.01 -11.34 -29.30
CA HIS D 245 8.50 -10.24 -30.13
C HIS D 245 7.48 -9.41 -29.37
N PRO D 246 7.75 -8.10 -29.21
CA PRO D 246 6.85 -7.18 -28.51
C PRO D 246 5.51 -6.97 -29.22
N ASP D 247 5.42 -7.36 -30.48
CA ASP D 247 4.18 -7.22 -31.24
C ASP D 247 3.25 -8.41 -31.02
N GLY D 248 3.64 -9.31 -30.12
CA GLY D 248 2.82 -10.47 -29.80
C GLY D 248 2.82 -11.51 -30.90
N ILE D 249 2.01 -12.55 -30.72
CA ILE D 249 1.94 -13.64 -31.71
C ILE D 249 1.02 -13.28 -32.87
N PHE D 250 0.30 -12.17 -32.74
CA PHE D 250 -0.59 -11.71 -33.79
C PHE D 250 0.07 -10.58 -34.60
N GLN D 251 1.27 -10.20 -34.19
CA GLN D 251 2.04 -9.15 -34.85
C GLN D 251 1.25 -7.84 -34.96
N VAL D 252 0.80 -7.33 -33.83
CA VAL D 252 0.06 -6.08 -33.79
C VAL D 252 0.98 -4.90 -33.51
N GLU D 253 1.16 -4.05 -34.50
CA GLU D 253 2.01 -2.87 -34.36
C GLU D 253 1.41 -1.90 -33.35
N SER D 254 2.27 -1.11 -32.71
CA SER D 254 1.84 -0.20 -31.66
C SER D 254 0.91 0.91 -32.16
N GLY D 255 1.09 1.31 -33.41
CA GLY D 255 0.26 2.33 -34.02
C GLY D 255 -1.19 1.86 -34.12
N ASN D 256 -1.37 0.67 -34.69
CA ASN D 256 -2.68 0.05 -34.78
C ASN D 256 -3.31 -0.11 -33.39
N PHE D 257 -2.49 -0.56 -32.44
CA PHE D 257 -2.93 -0.76 -31.06
C PHE D 257 -3.48 0.52 -30.47
N ASN D 258 -2.72 1.61 -30.57
CA ASN D 258 -3.15 2.90 -30.03
C ASN D 258 -4.37 3.46 -30.76
N GLN D 259 -4.44 3.19 -32.07
CA GLN D 259 -5.56 3.67 -32.87
C GLN D 259 -6.86 3.00 -32.45
N ILE D 260 -6.85 1.68 -32.34
CA ILE D 260 -8.04 0.95 -31.90
C ILE D 260 -8.28 1.14 -30.41
N LYS D 261 -7.25 1.60 -29.72
CA LYS D 261 -7.35 1.98 -28.31
C LYS D 261 -8.18 3.25 -28.20
N ALA D 262 -7.96 4.17 -29.13
CA ALA D 262 -8.71 5.42 -29.17
C ALA D 262 -10.11 5.20 -29.74
N TYR D 263 -10.25 4.21 -30.61
CA TYR D 263 -11.54 3.91 -31.22
C TYR D 263 -12.53 3.35 -30.20
N TYR D 264 -12.05 2.50 -29.31
CA TYR D 264 -12.90 1.86 -28.32
C TYR D 264 -12.55 2.27 -26.90
N PRO D 265 -13.20 3.33 -26.39
CA PRO D 265 -12.98 3.76 -25.01
C PRO D 265 -13.65 2.82 -24.01
N ASP D 266 -14.69 2.13 -24.45
CA ASP D 266 -15.45 1.23 -23.58
C ASP D 266 -14.69 -0.06 -23.29
N ILE D 267 -13.72 -0.38 -24.14
CA ILE D 267 -13.00 -1.65 -24.01
C ILE D 267 -11.60 -1.45 -23.42
N PHE D 268 -10.90 -0.42 -23.88
CA PHE D 268 -9.53 -0.19 -23.43
C PHE D 268 -9.41 0.98 -22.47
N PRO D 269 -8.93 0.72 -21.25
CA PRO D 269 -8.64 1.78 -20.27
C PRO D 269 -7.45 2.62 -20.71
N ASP D 270 -7.28 3.80 -20.10
CA ASP D 270 -6.26 4.74 -20.52
C ASP D 270 -4.83 4.28 -20.23
N THR D 271 -4.68 3.44 -19.21
CA THR D 271 -3.36 3.01 -18.78
C THR D 271 -2.83 1.83 -19.60
N ALA D 272 -3.58 1.44 -20.62
CA ALA D 272 -3.20 0.30 -21.45
C ALA D 272 -1.89 0.54 -22.20
N ASP D 273 -1.06 -0.50 -22.27
CA ASP D 273 0.22 -0.42 -22.95
C ASP D 273 0.35 -1.52 -23.99
N HIS D 274 0.99 -1.20 -25.11
CA HIS D 274 1.14 -2.15 -26.22
C HIS D 274 1.88 -3.41 -25.82
N ASP D 275 3.09 -3.25 -25.30
CA ASP D 275 3.95 -4.37 -24.92
C ASP D 275 3.34 -5.21 -23.81
N ASP D 276 2.64 -4.55 -22.90
CA ASP D 276 2.02 -5.24 -21.76
C ASP D 276 0.88 -6.16 -22.20
N TYR D 277 0.10 -5.69 -23.17
CA TYR D 277 -1.07 -6.43 -23.63
C TYR D 277 -0.73 -7.46 -24.70
N MET D 278 0.28 -7.19 -25.51
CA MET D 278 0.58 -8.04 -26.65
C MET D 278 1.74 -9.01 -26.43
N LYS D 279 2.87 -8.49 -25.98
CA LYS D 279 4.07 -9.32 -25.83
C LYS D 279 3.90 -10.40 -24.76
N VAL D 280 3.93 -11.65 -25.20
CA VAL D 280 3.84 -12.78 -24.29
C VAL D 280 5.21 -13.30 -23.92
N SER D 281 5.24 -14.32 -23.07
CA SER D 281 6.49 -14.98 -22.69
C SER D 281 6.30 -16.48 -22.68
N LEU D 282 7.37 -17.22 -22.41
CA LEU D 282 7.30 -18.68 -22.33
C LEU D 282 6.46 -19.11 -21.14
N ASP D 283 6.45 -18.27 -20.10
CA ASP D 283 5.61 -18.51 -18.93
C ASP D 283 4.14 -18.27 -19.26
N PRO D 284 3.30 -19.31 -19.10
CA PRO D 284 1.86 -19.21 -19.40
C PRO D 284 1.11 -18.27 -18.46
N ASN D 285 1.74 -17.90 -17.34
CA ASN D 285 1.12 -17.01 -16.36
C ASN D 285 1.07 -15.55 -16.81
N ASP D 286 1.73 -15.25 -17.92
CA ASP D 286 1.74 -13.89 -18.46
C ASP D 286 0.33 -13.47 -18.86
N THR D 287 -0.07 -12.27 -18.43
CA THR D 287 -1.41 -11.75 -18.68
C THR D 287 -1.69 -11.64 -20.17
N ALA D 288 -0.66 -11.30 -20.94
CA ALA D 288 -0.78 -11.08 -22.38
C ALA D 288 -1.42 -12.26 -23.08
N TRP D 289 -1.10 -13.47 -22.64
CA TRP D 289 -1.64 -14.70 -23.23
C TRP D 289 -3.17 -14.71 -23.29
N ILE D 290 -3.81 -13.95 -22.42
CA ILE D 290 -5.25 -13.84 -22.42
C ILE D 290 -5.70 -12.60 -23.20
N THR D 291 -4.92 -11.52 -23.08
CA THR D 291 -5.30 -10.24 -23.69
C THR D 291 -4.98 -10.20 -25.17
N SER D 292 -3.97 -10.95 -25.59
CA SER D 292 -3.51 -10.94 -26.98
C SER D 292 -4.57 -11.34 -28.02
N PRO D 293 -5.29 -12.47 -27.79
CA PRO D 293 -6.27 -12.81 -28.82
C PRO D 293 -7.41 -11.79 -28.95
N ILE D 294 -8.08 -11.49 -27.85
CA ILE D 294 -9.21 -10.57 -27.82
C ILE D 294 -8.91 -9.28 -28.57
N VAL D 295 -7.84 -8.61 -28.15
CA VAL D 295 -7.39 -7.38 -28.80
C VAL D 295 -7.35 -7.55 -30.32
N ALA D 296 -6.66 -8.61 -30.77
CA ALA D 296 -6.56 -8.89 -32.20
C ALA D 296 -7.95 -8.94 -32.81
N ALA D 297 -8.82 -9.75 -32.20
CA ALA D 297 -10.20 -9.87 -32.66
C ALA D 297 -10.82 -8.49 -32.76
N VAL D 298 -10.68 -7.69 -31.70
CA VAL D 298 -11.21 -6.35 -31.68
C VAL D 298 -10.78 -5.59 -32.92
N SER D 299 -9.46 -5.62 -33.18
CA SER D 299 -8.90 -4.96 -34.35
C SER D 299 -9.64 -5.44 -35.59
N LEU D 300 -9.70 -6.75 -35.77
CA LEU D 300 -10.41 -7.34 -36.90
C LEU D 300 -11.83 -6.80 -36.94
N THR D 301 -12.51 -6.90 -35.80
CA THR D 301 -13.89 -6.45 -35.69
C THR D 301 -14.00 -5.01 -36.14
N MET D 302 -13.05 -4.19 -35.69
CA MET D 302 -13.03 -2.77 -36.03
C MET D 302 -13.15 -2.59 -37.53
N GLU D 303 -12.31 -3.30 -38.27
CA GLU D 303 -12.31 -3.22 -39.73
C GLU D 303 -13.72 -3.43 -40.26
N ARG D 304 -14.33 -4.53 -39.81
CA ARG D 304 -15.68 -4.86 -40.24
C ARG D 304 -16.62 -3.70 -39.91
N GLU D 305 -16.55 -3.23 -38.66
CA GLU D 305 -17.36 -2.10 -38.22
C GLU D 305 -17.21 -0.95 -39.20
N LEU D 306 -15.96 -0.67 -39.56
CA LEU D 306 -15.65 0.44 -40.44
C LEU D 306 -16.44 0.32 -41.74
N LEU D 307 -16.40 -0.88 -42.33
CA LEU D 307 -17.12 -1.10 -43.58
C LEU D 307 -18.61 -0.86 -43.39
N TYR D 308 -19.13 -1.34 -42.26
CA TYR D 308 -20.55 -1.18 -41.97
C TYR D 308 -20.92 0.30 -41.85
N ALA D 309 -19.94 1.13 -41.52
CA ALA D 309 -20.19 2.56 -41.38
C ALA D 309 -20.13 3.25 -42.74
N ALA D 310 -19.39 2.66 -43.66
CA ALA D 310 -19.13 3.32 -44.95
C ALA D 310 -20.08 2.85 -46.04
N VAL D 311 -20.53 1.61 -45.94
CA VAL D 311 -21.35 1.02 -46.99
C VAL D 311 -22.77 0.76 -46.52
N GLY D 312 -22.92 0.50 -45.22
CA GLY D 312 -24.23 0.27 -44.64
C GLY D 312 -24.89 -1.00 -45.14
N ASP D 313 -26.20 -0.91 -45.40
CA ASP D 313 -27.00 -2.05 -45.83
C ASP D 313 -26.37 -2.81 -46.99
N LYS D 314 -25.80 -2.06 -47.92
CA LYS D 314 -25.16 -2.61 -49.12
C LYS D 314 -24.16 -3.71 -48.77
N TYR D 315 -23.44 -3.52 -47.66
CA TYR D 315 -22.53 -4.54 -47.14
C TYR D 315 -23.24 -5.89 -47.08
N ASN D 316 -24.32 -5.94 -46.30
CA ASN D 316 -25.11 -7.16 -46.18
C ASN D 316 -25.58 -7.66 -47.53
N GLU D 317 -25.94 -6.72 -48.42
CA GLU D 317 -26.40 -7.08 -49.76
C GLU D 317 -25.30 -7.86 -50.47
N PHE D 318 -24.08 -7.37 -50.37
CA PHE D 318 -22.93 -8.04 -50.97
C PHE D 318 -22.84 -9.48 -50.47
N LEU D 319 -23.13 -9.68 -49.19
CA LEU D 319 -23.02 -10.99 -48.57
C LEU D 319 -23.93 -12.01 -49.23
N ARG D 320 -25.02 -11.55 -49.83
CA ARG D 320 -25.96 -12.47 -50.47
C ARG D 320 -25.78 -12.49 -51.98
N LEU D 321 -24.89 -11.64 -52.49
CA LEU D 321 -24.68 -11.55 -53.92
C LEU D 321 -23.28 -12.03 -54.33
N ALA D 322 -22.39 -12.14 -53.36
CA ALA D 322 -21.03 -12.59 -53.62
C ALA D 322 -21.02 -14.10 -53.90
N LYS D 323 -20.40 -14.48 -55.01
CA LYS D 323 -20.30 -15.88 -55.38
C LYS D 323 -19.29 -16.60 -54.50
N ASP D 324 -18.22 -15.90 -54.13
CA ASP D 324 -17.20 -16.45 -53.26
C ASP D 324 -17.72 -16.56 -51.83
N PRO D 325 -17.79 -17.79 -51.29
CA PRO D 325 -18.30 -18.03 -49.94
C PRO D 325 -17.32 -17.65 -48.83
N TRP D 326 -16.14 -17.16 -49.21
CA TRP D 326 -15.13 -16.78 -48.24
C TRP D 326 -14.74 -15.32 -48.37
N ALA D 327 -15.50 -14.56 -49.15
CA ALA D 327 -15.18 -13.18 -49.50
C ALA D 327 -14.88 -12.29 -48.29
N GLU D 328 -15.76 -12.35 -47.29
CA GLU D 328 -15.62 -11.50 -46.11
C GLU D 328 -14.32 -11.79 -45.37
N THR D 329 -14.01 -13.07 -45.24
CA THR D 329 -12.78 -13.50 -44.58
C THR D 329 -11.55 -12.97 -45.32
N GLU D 330 -11.62 -13.04 -46.65
CA GLU D 330 -10.55 -12.53 -47.51
C GLU D 330 -10.33 -11.04 -47.30
N ILE D 331 -11.41 -10.27 -47.41
CA ILE D 331 -11.35 -8.82 -47.24
C ILE D 331 -10.81 -8.42 -45.86
N ILE D 332 -11.34 -9.06 -44.82
CA ILE D 332 -10.92 -8.74 -43.45
C ILE D 332 -9.46 -9.08 -43.20
N ASP D 333 -9.04 -10.28 -43.60
CA ASP D 333 -7.66 -10.70 -43.41
C ASP D 333 -6.69 -9.81 -44.18
N PHE D 334 -6.99 -9.60 -45.46
CA PHE D 334 -6.20 -8.73 -46.32
C PHE D 334 -6.07 -7.34 -45.73
N GLY D 335 -7.18 -6.84 -45.18
CA GLY D 335 -7.19 -5.54 -44.53
C GLY D 335 -6.39 -5.54 -43.25
N TYR D 336 -6.26 -6.70 -42.61
CA TYR D 336 -5.49 -6.80 -41.37
C TYR D 336 -4.00 -6.81 -41.66
N ASN D 337 -3.61 -7.49 -42.74
CA ASN D 337 -2.22 -7.53 -43.14
C ASN D 337 -1.74 -6.20 -43.71
N ARG D 338 -2.50 -5.67 -44.66
CA ARG D 338 -2.08 -4.49 -45.42
C ARG D 338 -2.52 -3.18 -44.76
N GLY D 339 -3.80 -3.12 -44.37
CA GLY D 339 -4.38 -1.92 -43.80
C GLY D 339 -5.75 -1.67 -44.40
N VAL D 340 -6.55 -0.87 -43.71
CA VAL D 340 -7.89 -0.55 -44.18
C VAL D 340 -7.82 0.29 -45.47
N GLY D 341 -6.69 0.95 -45.66
CA GLY D 341 -6.46 1.74 -46.86
C GLY D 341 -6.41 0.87 -48.09
N ALA D 342 -5.96 -0.37 -47.92
CA ALA D 342 -5.92 -1.32 -49.02
C ALA D 342 -7.33 -1.69 -49.46
N ILE D 343 -8.19 -1.92 -48.48
CA ILE D 343 -9.59 -2.21 -48.76
C ILE D 343 -10.26 -1.02 -49.43
N GLU D 344 -9.98 0.18 -48.91
CA GLU D 344 -10.52 1.41 -49.49
C GLU D 344 -10.03 1.59 -50.92
N ALA D 345 -8.82 1.11 -51.20
CA ALA D 345 -8.23 1.23 -52.52
C ALA D 345 -8.83 0.23 -53.50
N LEU D 346 -9.18 -0.96 -52.99
CA LEU D 346 -9.79 -1.98 -53.83
C LEU D 346 -11.12 -1.52 -54.40
N LYS D 347 -11.85 -0.74 -53.59
CA LYS D 347 -13.16 -0.21 -53.99
C LYS D 347 -14.09 -1.30 -54.52
N ILE D 348 -14.42 -2.25 -53.66
CA ILE D 348 -15.33 -3.33 -54.01
C ILE D 348 -16.77 -2.82 -54.04
N PHE D 349 -17.14 -2.03 -53.03
CA PHE D 349 -18.50 -1.56 -52.90
C PHE D 349 -18.74 -0.25 -53.66
N SER D 350 -17.76 0.14 -54.48
CA SER D 350 -17.85 1.40 -55.20
C SER D 350 -17.75 1.21 -56.71
N ASP D 351 -16.56 1.42 -57.25
CA ASP D 351 -16.34 1.43 -58.69
C ASP D 351 -16.26 0.02 -59.29
N ASN D 352 -15.84 -0.95 -58.48
CA ASN D 352 -15.69 -2.32 -58.97
C ASN D 352 -16.58 -3.31 -58.23
N TRP D 353 -17.90 -3.12 -58.35
CA TRP D 353 -18.87 -3.98 -57.71
C TRP D 353 -19.12 -5.25 -58.52
N GLU D 354 -19.32 -5.06 -59.82
CA GLU D 354 -19.66 -6.16 -60.72
C GLU D 354 -18.61 -7.27 -60.75
N LYS D 355 -17.36 -6.91 -61.02
CA LYS D 355 -16.29 -7.89 -61.06
C LYS D 355 -16.16 -8.60 -59.72
N ALA D 356 -16.41 -7.88 -58.65
CA ALA D 356 -16.31 -8.43 -57.29
C ALA D 356 -17.37 -9.50 -57.04
N ILE D 357 -18.61 -9.19 -57.37
CA ILE D 357 -19.71 -10.13 -57.11
C ILE D 357 -19.80 -11.24 -58.16
N ASN D 358 -19.12 -11.06 -59.29
CA ASN D 358 -19.15 -12.06 -60.36
C ASN D 358 -17.99 -13.05 -60.28
N ALA D 359 -16.89 -12.63 -59.68
CA ALA D 359 -15.72 -13.49 -59.55
C ALA D 359 -15.96 -14.59 -58.53
N GLU D 360 -15.75 -15.84 -58.94
CA GLU D 360 -15.95 -16.99 -58.06
C GLU D 360 -14.86 -17.05 -56.99
N VAL D 361 -13.64 -16.68 -57.37
CA VAL D 361 -12.55 -16.60 -56.41
C VAL D 361 -12.10 -15.14 -56.29
N LEU D 362 -12.50 -14.49 -55.20
CA LEU D 362 -12.29 -13.06 -55.02
C LEU D 362 -10.81 -12.69 -54.92
N TRP D 363 -10.05 -13.44 -54.13
CA TRP D 363 -8.68 -13.06 -53.84
C TRP D 363 -7.72 -13.34 -55.00
N LYS D 364 -8.16 -14.16 -55.94
CA LYS D 364 -7.34 -14.46 -57.12
C LYS D 364 -7.56 -13.44 -58.23
N GLU D 365 -8.81 -13.00 -58.36
CA GLU D 365 -9.17 -12.05 -59.42
C GLU D 365 -8.73 -10.63 -59.10
N PHE D 366 -8.48 -10.35 -57.82
CA PHE D 366 -8.08 -9.01 -57.40
C PHE D 366 -6.59 -8.94 -57.08
N ASN D 367 -5.89 -10.05 -57.29
CA ASN D 367 -4.44 -10.13 -57.09
C ASN D 367 -4.03 -9.71 -55.67
N MET D 368 -4.92 -9.91 -54.71
CA MET D 368 -4.62 -9.59 -53.32
C MET D 368 -3.93 -10.75 -52.63
N GLU D 369 -2.66 -10.96 -53.01
CA GLU D 369 -1.88 -12.09 -52.50
C GLU D 369 -1.42 -11.85 -51.07
N GLY D 370 -1.28 -10.59 -50.70
CA GLY D 370 -0.77 -10.23 -49.39
C GLY D 370 0.73 -10.35 -49.32
N PHE D 371 1.25 -10.65 -48.13
CA PHE D 371 2.68 -10.82 -47.96
C PHE D 371 3.05 -12.30 -47.86
N GLY D 372 3.58 -12.84 -48.96
CA GLY D 372 3.95 -14.24 -49.03
C GLY D 372 2.76 -15.17 -48.99
N GLY D 373 1.72 -14.82 -49.71
CA GLY D 373 0.49 -15.60 -49.73
C GLY D 373 -0.17 -15.67 -48.36
N HIS D 374 -0.54 -14.51 -47.84
CA HIS D 374 -1.12 -14.42 -46.51
C HIS D 374 -2.57 -14.88 -46.50
N VAL D 375 -3.39 -14.21 -47.30
CA VAL D 375 -4.81 -14.48 -47.39
C VAL D 375 -5.13 -15.96 -47.70
N PRO D 376 -4.57 -16.53 -48.78
CA PRO D 376 -4.95 -17.92 -49.07
C PRO D 376 -4.50 -18.89 -47.98
N THR D 377 -3.37 -18.62 -47.35
CA THR D 377 -2.87 -19.44 -46.26
C THR D 377 -3.84 -19.41 -45.09
N VAL D 378 -4.22 -18.22 -44.66
CA VAL D 378 -5.14 -18.07 -43.54
C VAL D 378 -6.50 -18.74 -43.83
N ILE D 379 -7.03 -18.49 -45.02
CA ILE D 379 -8.29 -19.12 -45.43
C ILE D 379 -8.20 -20.64 -45.38
N ASN D 380 -7.17 -21.18 -46.02
CA ASN D 380 -6.97 -22.62 -46.07
C ASN D 380 -6.85 -23.26 -44.70
N ILE D 381 -6.04 -22.65 -43.83
CA ILE D 381 -5.87 -23.21 -42.48
C ILE D 381 -7.18 -23.13 -41.70
N THR D 382 -7.91 -22.03 -41.87
CA THR D 382 -9.21 -21.88 -41.22
C THR D 382 -10.18 -23.00 -41.65
N ALA D 383 -10.28 -23.19 -42.97
CA ALA D 383 -11.17 -24.21 -43.52
C ALA D 383 -10.77 -25.62 -43.08
N THR D 384 -9.46 -25.87 -43.04
CA THR D 384 -8.93 -27.17 -42.63
C THR D 384 -9.26 -27.45 -41.17
N MET D 385 -9.06 -26.44 -40.32
CA MET D 385 -9.39 -26.57 -38.90
C MET D 385 -10.91 -26.73 -38.72
N ASP D 386 -11.67 -26.18 -39.66
CA ASP D 386 -13.12 -26.30 -39.64
C ASP D 386 -13.59 -27.70 -40.02
N MET D 387 -12.89 -28.32 -40.96
CA MET D 387 -13.26 -29.64 -41.44
C MET D 387 -12.85 -30.76 -40.49
N GLU D 388 -11.97 -30.44 -39.54
CA GLU D 388 -11.44 -31.44 -38.63
C GLU D 388 -12.49 -32.01 -37.68
N THR D 389 -12.70 -33.32 -37.78
CA THR D 389 -13.66 -34.01 -36.92
C THR D 389 -12.96 -35.06 -36.08
N GLU D 390 -11.75 -35.44 -36.50
CA GLU D 390 -10.98 -36.48 -35.83
C GLU D 390 -10.54 -36.07 -34.43
N ARG D 391 -9.90 -34.91 -34.32
CA ARG D 391 -9.30 -34.47 -33.06
C ARG D 391 -9.64 -33.02 -32.73
N ILE D 392 -10.31 -32.82 -31.61
CA ILE D 392 -10.67 -31.48 -31.15
C ILE D 392 -9.95 -31.14 -29.85
N TYR D 393 -9.50 -29.90 -29.71
CA TYR D 393 -8.78 -29.47 -28.52
C TYR D 393 -9.69 -29.41 -27.30
N ASP D 394 -9.16 -29.89 -26.16
CA ASP D 394 -9.88 -29.84 -24.90
C ASP D 394 -8.89 -29.61 -23.76
N ALA D 395 -9.38 -29.07 -22.66
CA ALA D 395 -8.52 -28.77 -21.51
C ALA D 395 -9.28 -28.84 -20.19
N ASN D 396 -8.55 -28.99 -19.11
CA ASN D 396 -9.13 -29.11 -17.79
C ASN D 396 -8.90 -27.83 -17.00
N LEU D 397 -9.93 -27.34 -16.32
CA LEU D 397 -9.84 -26.06 -15.64
C LEU D 397 -10.18 -26.16 -14.15
N THR D 398 -9.23 -25.75 -13.30
CA THR D 398 -9.49 -25.64 -11.88
C THR D 398 -10.16 -24.31 -11.60
N TRP D 399 -10.65 -24.12 -10.38
CA TRP D 399 -11.32 -22.88 -10.02
C TRP D 399 -10.36 -21.69 -10.00
N ASP D 400 -9.14 -21.93 -9.51
CA ASP D 400 -8.13 -20.89 -9.43
C ASP D 400 -7.77 -20.35 -10.82
N ASP D 401 -7.89 -21.21 -11.83
CA ASP D 401 -7.65 -20.79 -13.22
C ASP D 401 -8.73 -19.82 -13.68
N ILE D 402 -9.99 -20.13 -13.34
CA ILE D 402 -11.11 -19.27 -13.67
C ILE D 402 -11.00 -17.92 -12.96
N GLU D 403 -10.71 -17.98 -11.66
CA GLU D 403 -10.48 -16.79 -10.85
C GLU D 403 -9.39 -15.92 -11.45
N TYR D 404 -8.27 -16.55 -11.81
CA TYR D 404 -7.16 -15.88 -12.47
C TYR D 404 -7.62 -15.18 -13.74
N PHE D 405 -8.35 -15.92 -14.58
CA PHE D 405 -8.86 -15.41 -15.84
C PHE D 405 -9.71 -14.14 -15.66
N PHE D 406 -10.75 -14.24 -14.84
CA PHE D 406 -11.65 -13.11 -14.64
C PHE D 406 -10.97 -11.93 -13.95
N THR D 407 -10.02 -12.22 -13.07
CA THR D 407 -9.25 -11.15 -12.44
C THR D 407 -8.43 -10.40 -13.48
N VAL D 408 -7.81 -11.15 -14.39
CA VAL D 408 -7.07 -10.58 -15.50
C VAL D 408 -7.98 -9.71 -16.37
N VAL D 409 -9.16 -10.23 -16.68
CA VAL D 409 -10.14 -9.50 -17.49
C VAL D 409 -10.51 -8.17 -16.82
N ARG D 410 -10.78 -8.22 -15.52
CA ARG D 410 -11.12 -7.02 -14.77
C ARG D 410 -9.97 -6.01 -14.77
N GLN D 411 -8.75 -6.53 -14.64
CA GLN D 411 -7.57 -5.68 -14.54
C GLN D 411 -7.18 -5.00 -15.84
N LYS D 412 -7.30 -5.71 -16.96
CA LYS D 412 -6.79 -5.23 -18.23
C LYS D 412 -7.83 -4.55 -19.12
N PHE D 413 -9.10 -4.92 -18.96
CA PHE D 413 -10.14 -4.37 -19.82
C PHE D 413 -11.12 -3.47 -19.07
N PHE D 414 -12.12 -2.99 -19.81
CA PHE D 414 -13.20 -2.15 -19.29
C PHE D 414 -12.71 -0.84 -18.67
N ARG D 415 -13.65 -0.10 -18.08
CA ARG D 415 -13.37 1.24 -17.58
C ARG D 415 -14.12 1.48 -16.28
N PRO D 416 -13.50 2.21 -15.37
CA PRO D 416 -14.17 2.39 -14.08
C PRO D 416 -15.49 3.00 -14.41
N GLY D 417 -16.52 2.36 -13.91
CA GLY D 417 -17.90 2.81 -14.03
C GLY D 417 -18.75 1.86 -14.85
N ALA D 418 -18.10 1.03 -15.64
CA ALA D 418 -18.80 0.06 -16.48
C ALA D 418 -19.45 -1.02 -15.63
N ILE D 419 -18.68 -1.58 -14.71
CA ILE D 419 -19.18 -2.57 -13.77
C ILE D 419 -18.67 -2.26 -12.36
N SER D 420 -19.59 -1.89 -11.46
CA SER D 420 -19.21 -1.58 -10.08
C SER D 420 -18.82 -2.85 -9.34
N ASP D 421 -18.32 -2.67 -8.11
CA ASP D 421 -17.78 -3.79 -7.34
C ASP D 421 -18.84 -4.82 -6.96
N GLU D 422 -20.03 -4.35 -6.58
CA GLU D 422 -21.08 -5.23 -6.06
C GLU D 422 -21.45 -6.33 -7.03
N GLU D 423 -22.04 -5.96 -8.16
CA GLU D 423 -22.57 -6.95 -9.10
C GLU D 423 -21.46 -7.73 -9.79
N TRP D 424 -20.23 -7.26 -9.68
CA TRP D 424 -19.09 -8.03 -10.17
C TRP D 424 -18.78 -9.15 -9.19
N ASN D 425 -18.76 -8.82 -7.90
CA ASN D 425 -18.60 -9.83 -6.87
C ASN D 425 -19.72 -10.86 -6.94
N ALA D 426 -20.96 -10.37 -7.08
CA ALA D 426 -22.13 -11.23 -7.23
C ALA D 426 -22.02 -12.10 -8.49
N MET D 427 -21.48 -11.50 -9.55
CA MET D 427 -21.25 -12.22 -10.80
C MET D 427 -20.30 -13.39 -10.56
N MET D 428 -19.20 -13.12 -9.85
CA MET D 428 -18.23 -14.15 -9.53
C MET D 428 -18.82 -15.23 -8.63
N ARG D 429 -19.79 -14.85 -7.81
CA ARG D 429 -20.49 -15.83 -6.99
C ARG D 429 -21.37 -16.74 -7.86
N ASP D 430 -22.03 -16.14 -8.86
CA ASP D 430 -22.84 -16.93 -9.79
C ASP D 430 -21.98 -17.85 -10.64
N VAL D 431 -20.78 -17.39 -11.00
CA VAL D 431 -19.83 -18.19 -11.75
C VAL D 431 -19.30 -19.32 -10.88
N LYS D 432 -19.13 -19.04 -9.59
CA LYS D 432 -18.77 -20.06 -8.61
C LYS D 432 -19.82 -21.16 -8.60
N ARG D 433 -21.09 -20.74 -8.47
CA ARG D 433 -22.21 -21.67 -8.51
C ARG D 433 -22.20 -22.52 -9.78
N ALA D 434 -22.09 -21.87 -10.93
CA ALA D 434 -22.07 -22.58 -12.22
C ALA D 434 -20.95 -23.61 -12.26
N TYR D 435 -19.74 -23.17 -11.91
CA TYR D 435 -18.57 -24.03 -11.86
C TYR D 435 -18.83 -25.27 -11.04
N ASP D 436 -19.18 -25.09 -9.77
CA ASP D 436 -19.42 -26.23 -8.88
C ASP D 436 -20.58 -27.11 -9.35
N LEU D 437 -21.54 -26.50 -10.04
CA LEU D 437 -22.70 -27.24 -10.53
C LEU D 437 -22.34 -28.20 -11.66
N LEU D 438 -21.70 -27.71 -12.70
CA LEU D 438 -21.38 -28.58 -13.83
C LEU D 438 -19.98 -29.18 -13.74
N SER D 439 -19.40 -29.15 -12.53
CA SER D 439 -18.15 -29.86 -12.27
C SER D 439 -18.47 -31.22 -11.66
N GLN D 440 -19.71 -31.38 -11.20
CA GLN D 440 -20.16 -32.63 -10.60
C GLN D 440 -20.21 -33.75 -11.63
N HIS D 441 -20.20 -33.38 -12.91
CA HIS D 441 -20.21 -34.35 -13.99
C HIS D 441 -18.82 -34.95 -14.20
N TRP D 442 -17.79 -34.19 -13.83
CA TRP D 442 -16.41 -34.63 -14.06
C TRP D 442 -15.73 -35.08 -12.77
N GLY D 443 -16.42 -34.91 -11.65
CA GLY D 443 -15.88 -35.33 -10.36
C GLY D 443 -15.53 -34.17 -9.45
N GLY D 444 -15.93 -32.96 -9.86
CA GLY D 444 -15.72 -31.79 -9.04
C GLY D 444 -14.27 -31.34 -8.94
N ASP D 445 -13.39 -31.96 -9.72
CA ASP D 445 -11.98 -31.63 -9.70
C ASP D 445 -11.60 -30.71 -10.85
N HIS D 446 -12.43 -30.68 -11.89
CA HIS D 446 -12.19 -29.84 -13.06
C HIS D 446 -13.44 -29.70 -13.92
N ILE D 447 -13.41 -28.71 -14.81
CA ILE D 447 -14.47 -28.56 -15.81
C ILE D 447 -13.87 -28.62 -17.21
N SER D 448 -14.62 -29.18 -18.15
CA SER D 448 -14.16 -29.29 -19.53
C SER D 448 -14.23 -27.95 -20.24
N TYR D 449 -13.11 -27.52 -20.80
CA TYR D 449 -13.06 -26.27 -21.57
C TYR D 449 -14.07 -26.32 -22.71
N ARG D 450 -13.89 -27.29 -23.61
CA ARG D 450 -14.71 -27.43 -24.81
C ARG D 450 -16.21 -27.46 -24.52
N TYR D 451 -16.61 -28.26 -23.55
CA TYR D 451 -18.02 -28.47 -23.27
C TYR D 451 -18.66 -27.39 -22.40
N ASP D 452 -17.89 -26.88 -21.43
CA ASP D 452 -18.48 -26.03 -20.39
C ASP D 452 -18.16 -24.55 -20.47
N PHE D 453 -17.02 -24.19 -21.06
CA PHE D 453 -16.55 -22.80 -20.93
C PHE D 453 -17.46 -21.78 -21.60
N LEU D 454 -18.20 -22.19 -22.63
CA LEU D 454 -19.17 -21.29 -23.25
C LEU D 454 -20.29 -21.00 -22.26
N THR D 455 -20.71 -22.04 -21.54
CA THR D 455 -21.74 -21.89 -20.51
C THR D 455 -21.26 -20.96 -19.41
N ILE D 456 -20.03 -21.20 -18.93
CA ILE D 456 -19.42 -20.34 -17.91
C ILE D 456 -19.40 -18.89 -18.36
N LEU D 457 -18.93 -18.68 -19.59
CA LEU D 457 -18.84 -17.35 -20.18
C LEU D 457 -20.19 -16.67 -20.24
N ARG D 458 -21.23 -17.40 -20.65
CA ARG D 458 -22.56 -16.83 -20.76
C ARG D 458 -23.14 -16.47 -19.40
N VAL D 459 -22.92 -17.35 -18.42
CA VAL D 459 -23.31 -17.07 -17.04
C VAL D 459 -22.66 -15.78 -16.56
N ALA D 460 -21.38 -15.62 -16.91
CA ALA D 460 -20.65 -14.40 -16.54
C ALA D 460 -21.17 -13.19 -17.31
N MET D 461 -21.70 -13.42 -18.51
CA MET D 461 -22.14 -12.33 -19.38
C MET D 461 -23.60 -11.97 -19.15
N LYS D 462 -24.26 -12.69 -18.25
CA LYS D 462 -25.62 -12.33 -17.85
C LYS D 462 -25.64 -11.02 -17.06
N HIS D 463 -24.47 -10.58 -16.60
CA HIS D 463 -24.37 -9.37 -15.81
C HIS D 463 -23.63 -8.25 -16.55
N TRP D 464 -22.95 -8.61 -17.64
CA TRP D 464 -22.22 -7.63 -18.44
C TRP D 464 -23.14 -6.57 -19.03
N PRO D 465 -22.67 -5.31 -19.06
CA PRO D 465 -23.44 -4.19 -19.60
C PRO D 465 -23.88 -4.44 -21.04
N GLU D 466 -25.19 -4.37 -21.29
CA GLU D 466 -25.73 -4.61 -22.62
C GLU D 466 -26.12 -3.28 -23.27
N PRO D 467 -25.90 -3.15 -24.59
CA PRO D 467 -25.39 -4.14 -25.54
C PRO D 467 -23.93 -4.54 -25.29
N HIS D 468 -23.65 -5.83 -25.45
CA HIS D 468 -22.34 -6.39 -25.11
C HIS D 468 -21.22 -5.81 -25.97
N ILE D 469 -21.53 -5.51 -27.23
CA ILE D 469 -20.54 -4.93 -28.14
C ILE D 469 -20.79 -3.44 -28.33
N PRO D 470 -19.93 -2.60 -27.73
CA PRO D 470 -20.07 -1.15 -27.77
C PRO D 470 -19.75 -0.56 -29.15
N ARG D 471 -20.27 0.63 -29.42
CA ARG D 471 -19.99 1.30 -30.69
C ARG D 471 -18.64 1.99 -30.65
N PRO D 472 -17.81 1.74 -31.68
CA PRO D 472 -16.55 2.46 -31.85
C PRO D 472 -16.80 3.95 -32.06
N THR D 473 -16.29 4.78 -31.16
CA THR D 473 -16.53 6.22 -31.24
C THR D 473 -15.27 7.02 -30.97
N GLY D 474 -15.42 8.33 -30.82
CA GLY D 474 -14.29 9.20 -30.55
C GLY D 474 -13.96 10.10 -31.71
N ASP D 475 -12.93 10.94 -31.53
CA ASP D 475 -12.52 11.89 -32.55
C ASP D 475 -11.99 11.19 -33.79
N ASP D 476 -10.91 10.43 -33.61
CA ASP D 476 -10.27 9.72 -34.73
C ASP D 476 -11.26 8.90 -35.53
N TRP D 477 -12.14 8.19 -34.84
CA TRP D 477 -13.09 7.30 -35.47
C TRP D 477 -14.02 8.02 -36.45
N TYR D 478 -14.60 9.12 -36.02
CA TYR D 478 -15.56 9.87 -36.83
C TYR D 478 -15.00 10.16 -38.22
N TYR D 479 -13.80 10.72 -38.26
CA TYR D 479 -13.27 11.27 -39.50
C TYR D 479 -12.43 10.28 -40.27
N HIS D 480 -12.02 9.20 -39.61
CA HIS D 480 -11.38 8.11 -40.34
C HIS D 480 -12.45 7.23 -40.98
N ALA D 481 -13.65 7.24 -40.42
CA ALA D 481 -14.74 6.43 -40.93
C ALA D 481 -15.56 7.17 -41.97
N ARG D 482 -15.70 8.47 -41.80
CA ARG D 482 -16.48 9.27 -42.72
C ARG D 482 -15.72 9.51 -44.03
N ASN D 483 -14.40 9.63 -43.93
CA ASN D 483 -13.56 9.82 -45.09
C ASN D 483 -13.42 8.53 -45.90
N TYR D 484 -13.88 7.43 -45.31
CA TYR D 484 -13.73 6.12 -45.91
C TYR D 484 -14.68 5.91 -47.10
N ASN D 485 -14.09 5.84 -48.29
CA ASN D 485 -14.87 5.57 -49.51
C ASN D 485 -14.38 4.32 -50.22
N PRO D 486 -14.84 3.14 -49.77
CA PRO D 486 -14.44 1.86 -50.35
C PRO D 486 -15.16 1.55 -51.66
CO CO E . -19.86 -2.53 43.75
CO CO F . 6.80 -14.35 36.82
CO CO G . 16.48 11.83 45.66
CO CO H . -37.88 8.72 21.18
S SO4 I . 2.43 10.32 22.46
O1 SO4 I . 1.52 9.18 22.42
O2 SO4 I . 2.36 11.04 21.19
O3 SO4 I . 2.02 11.23 23.53
O4 SO4 I . 3.80 9.88 22.68
S SO4 J . -10.21 -3.83 13.59
O1 SO4 J . -9.10 -4.00 12.67
O2 SO4 J . -11.47 -4.18 12.92
O3 SO4 J . -10.02 -4.69 14.75
O4 SO4 J . -10.27 -2.43 14.03
CO CO K . 11.39 -4.37 33.24
CO CO L . 17.22 28.47 -34.10
CO CO M . -6.79 10.99 -37.72
CO CO N . -22.23 33.82 -28.35
CO CO O . 34.04 26.60 -8.09
S SO4 P . -5.73 21.07 -10.82
O1 SO4 P . -4.94 20.17 -11.65
O2 SO4 P . -7.09 20.57 -10.71
O3 SO4 P . -5.75 22.41 -11.42
O4 SO4 P . -5.13 21.15 -9.48
S SO4 Q . 9.50 7.45 -11.65
O1 SO4 Q . 10.71 6.66 -11.82
O2 SO4 Q . 8.34 6.66 -12.04
O3 SO4 Q . 9.37 7.86 -10.24
O4 SO4 Q . 9.57 8.65 -12.48
CO CO R . 29.38 -16.09 12.40
CO CO S . 17.92 -27.98 48.26
S SO4 T . 1.79 -30.62 25.54
O1 SO4 T . 2.28 -31.89 26.08
O2 SO4 T . 0.81 -30.88 24.49
O3 SO4 T . 1.18 -29.83 26.60
O4 SO4 T . 2.92 -29.87 24.98
S SO4 U . -1.64 -18.49 9.25
O1 SO4 U . -0.83 -19.68 9.49
O2 SO4 U . -1.79 -18.29 7.81
O3 SO4 U . -2.96 -18.68 9.86
O4 SO4 U . -0.99 -17.33 9.85
CO CO V . -26.92 -10.81 -22.60
CO CO W . -12.55 15.00 -29.04
CO CO X . -15.71 5.93 -56.31
S SO4 Y . 1.58 -7.22 -39.97
O1 SO4 Y . 2.60 -8.18 -39.53
O2 SO4 Y . 0.47 -7.94 -40.60
O3 SO4 Y . 1.08 -6.48 -38.82
O4 SO4 Y . 2.16 -6.30 -40.94
S SO4 Z . 4.88 -8.41 -19.74
O1 SO4 Z . 5.06 -9.20 -18.53
O2 SO4 Z . 4.54 -9.29 -20.86
O3 SO4 Z . 6.12 -7.69 -20.04
O4 SO4 Z . 3.81 -7.45 -19.54
#